data_3H5R
#
_entry.id   3H5R
#
_cell.length_a   55.934
_cell.length_b   137.972
_cell.length_c   80.134
_cell.angle_alpha   90.00
_cell.angle_beta   92.10
_cell.angle_gamma   90.00
#
_symmetry.space_group_name_H-M   'P 1 21 1'
#
loop_
_entity.id
_entity.type
_entity.pdbx_description
1 polymer 'MccB protein'
2 polymer 'Microcin C7 analog'
3 non-polymer 'ZINC ION'
4 non-polymer 'SULFATE ION'
5 water water
#
loop_
_entity_poly.entity_id
_entity_poly.type
_entity_poly.pdbx_seq_one_letter_code
_entity_poly.pdbx_strand_id
1 'polypeptide(L)'
;GSHMDYILGRYVKIARYGSGGLVGGGGKEQYVENLVLWENIIKTAYCFITPSSYTAALETANIPEKDFSNCFRFLKENFF
IIPGEYNNSTENNRYSRNFLHYQSYGANPVLVQDKLKNAKVVILGCGGIGNHVSVILATSGIGEIILIDNDQIENTNLTR
QVLFSEDDVGKNKTEVIKRELLKRNSEISVSEIALNINDYTDLHKVPEADIWVVSADHPFNLINWVNKYCVRANQPYINA
GYVNDIAVFGPLYVPGKTGCYECQKVVADLYGSEKENIDHKIKLINSRFKPATFAPVNNVAAALCAADVIKFIGKYSEPL
SLNKRIGIWSDEIKIHSQNMGRSPVCSVCGNRM
;
A,B,C,D
2 'polypeptide(L)' MRTGNA(SNN) E,F,G,H
#
loop_
_chem_comp.id
_chem_comp.type
_chem_comp.name
_chem_comp.formula
SO4 non-polymer 'SULFATE ION' 'O4 S -2'
ZN non-polymer 'ZINC ION' 'Zn 2'
#
# COMPACT_ATOMS: atom_id res chain seq x y z
N MET A 4 -28.16 -42.16 10.30
CA MET A 4 -29.26 -41.18 10.02
C MET A 4 -29.01 -39.95 10.87
N ASP A 5 -27.73 -39.60 10.98
CA ASP A 5 -27.28 -38.47 11.75
C ASP A 5 -27.55 -37.12 11.08
N TYR A 6 -27.92 -36.15 11.92
CA TYR A 6 -28.06 -34.77 11.55
C TYR A 6 -27.10 -33.97 12.41
N ILE A 7 -26.65 -32.86 11.84
CA ILE A 7 -25.76 -31.94 12.51
C ILE A 7 -26.23 -30.51 12.29
N LEU A 8 -26.09 -29.69 13.33
CA LEU A 8 -26.28 -28.27 13.21
C LEU A 8 -25.24 -27.63 12.28
N GLY A 9 -25.69 -26.89 11.26
CA GLY A 9 -24.74 -26.16 10.42
C GLY A 9 -23.97 -25.10 11.19
N ARG A 10 -22.66 -24.98 10.94
CA ARG A 10 -21.86 -23.92 11.54
C ARG A 10 -22.38 -22.51 11.23
N TYR A 11 -23.07 -22.33 10.10
CA TYR A 11 -23.60 -21.02 9.67
C TYR A 11 -24.88 -20.58 10.40
N VAL A 12 -25.32 -21.31 11.42
CA VAL A 12 -26.50 -20.87 12.12
C VAL A 12 -26.22 -20.06 13.37
N LYS A 13 -26.77 -18.88 13.41
CA LYS A 13 -26.69 -18.02 14.59
C LYS A 13 -28.10 -17.77 15.10
N ILE A 14 -28.20 -17.54 16.40
CA ILE A 14 -29.48 -17.25 17.01
C ILE A 14 -29.32 -15.98 17.83
N ALA A 15 -30.38 -15.20 17.92
CA ALA A 15 -30.27 -13.96 18.66
C ALA A 15 -31.54 -13.72 19.44
N ARG A 16 -31.35 -13.39 20.72
CA ARG A 16 -32.36 -12.74 21.53
C ARG A 16 -32.65 -11.44 20.76
N TYR A 17 -33.91 -11.26 20.37
CA TYR A 17 -34.37 -10.08 19.63
C TYR A 17 -35.88 -9.93 19.78
N GLY A 18 -36.35 -8.72 20.05
CA GLY A 18 -37.77 -8.43 20.21
C GLY A 18 -38.38 -9.19 21.38
N SER A 19 -39.56 -9.77 21.14
CA SER A 19 -40.26 -10.55 22.15
C SER A 19 -39.71 -11.96 22.27
N GLY A 20 -39.08 -12.44 21.19
CA GLY A 20 -38.59 -13.80 21.14
C GLY A 20 -37.16 -13.81 20.65
N GLY A 21 -36.98 -14.17 19.39
CA GLY A 21 -35.68 -14.09 18.79
C GLY A 21 -35.54 -14.60 17.37
N LEU A 22 -34.33 -14.50 16.87
CA LEU A 22 -34.03 -14.86 15.48
C LEU A 22 -33.30 -16.18 15.43
N VAL A 23 -33.55 -16.93 14.37
CA VAL A 23 -32.84 -18.17 14.12
C VAL A 23 -32.32 -18.09 12.70
N GLY A 24 -31.00 -18.26 12.55
CA GLY A 24 -30.38 -18.24 11.25
C GLY A 24 -29.84 -16.87 10.86
N GLY A 25 -28.96 -16.84 9.86
CA GLY A 25 -28.41 -15.57 9.40
C GLY A 25 -28.47 -15.59 7.89
N GLY A 26 -28.83 -14.46 7.31
CA GLY A 26 -28.92 -14.36 5.87
C GLY A 26 -30.36 -14.40 5.38
N GLY A 27 -30.53 -14.88 4.16
CA GLY A 27 -31.85 -14.95 3.52
C GLY A 27 -32.80 -15.82 4.35
N LYS A 28 -32.26 -16.87 5.01
CA LYS A 28 -33.12 -17.82 5.75
C LYS A 28 -33.46 -17.38 7.17
N GLU A 29 -32.95 -16.24 7.62
CA GLU A 29 -33.20 -15.77 9.01
C GLU A 29 -34.69 -15.82 9.28
N GLN A 30 -35.11 -16.48 10.36
CA GLN A 30 -36.55 -16.47 10.71
C GLN A 30 -36.71 -15.81 12.08
N TYR A 31 -37.68 -14.90 12.19
CA TYR A 31 -38.03 -14.32 13.48
C TYR A 31 -39.15 -15.13 14.09
N VAL A 32 -38.90 -15.67 15.27
CA VAL A 32 -39.96 -16.38 15.98
C VAL A 32 -40.39 -15.50 17.15
N GLU A 33 -41.63 -15.05 17.07
CA GLU A 33 -42.21 -14.09 18.01
C GLU A 33 -42.40 -14.64 19.41
N ASN A 34 -42.59 -15.95 19.50
CA ASN A 34 -42.91 -16.60 20.77
C ASN A 34 -41.67 -17.08 21.49
N LEU A 35 -41.37 -16.50 22.65
CA LEU A 35 -40.14 -16.78 23.39
C LEU A 35 -40.00 -18.23 23.83
N VAL A 36 -41.10 -18.86 24.19
CA VAL A 36 -41.13 -20.28 24.55
C VAL A 36 -40.76 -21.18 23.36
N LEU A 37 -41.34 -20.91 22.19
CA LEU A 37 -41.06 -21.74 21.01
C LEU A 37 -39.60 -21.57 20.57
N TRP A 38 -39.11 -20.34 20.70
CA TRP A 38 -37.76 -19.99 20.29
C TRP A 38 -36.73 -20.61 21.25
N GLU A 39 -37.05 -20.59 22.53
CA GLU A 39 -36.23 -21.28 23.50
C GLU A 39 -36.18 -22.77 23.17
N ASN A 40 -37.32 -23.36 22.84
CA ASN A 40 -37.37 -24.74 22.39
C ASN A 40 -36.56 -25.05 21.12
N ILE A 41 -36.49 -24.10 20.20
CA ILE A 41 -35.68 -24.28 19.00
C ILE A 41 -34.21 -24.27 19.36
N ILE A 42 -33.86 -23.47 20.37
CA ILE A 42 -32.49 -23.41 20.86
C ILE A 42 -32.15 -24.74 21.54
N LYS A 43 -32.94 -25.13 22.55
CA LYS A 43 -32.74 -26.43 23.19
C LYS A 43 -32.64 -27.56 22.15
N THR A 44 -33.46 -27.52 21.10
CA THR A 44 -33.39 -28.56 20.03
C THR A 44 -32.13 -28.53 19.16
N ALA A 45 -31.80 -27.36 18.59
CA ALA A 45 -30.56 -27.13 17.81
C ALA A 45 -29.31 -27.57 18.59
N TYR A 46 -29.27 -27.25 19.88
CA TYR A 46 -28.17 -27.62 20.74
C TYR A 46 -27.94 -29.14 20.75
N CYS A 47 -29.02 -29.91 20.64
CA CYS A 47 -28.91 -31.38 20.69
C CYS A 47 -28.24 -31.97 19.43
N PHE A 48 -28.10 -31.15 18.39
CA PHE A 48 -27.49 -31.56 17.13
C PHE A 48 -26.13 -30.94 16.83
N ILE A 49 -25.54 -30.27 17.82
CA ILE A 49 -24.20 -29.74 17.67
C ILE A 49 -23.30 -30.88 17.25
N THR A 50 -23.46 -32.05 17.86
CA THR A 50 -22.71 -33.23 17.44
C THR A 50 -23.60 -34.04 16.51
N PRO A 51 -22.99 -34.76 15.56
CA PRO A 51 -23.78 -35.55 14.63
C PRO A 51 -24.62 -36.61 15.35
N SER A 52 -25.94 -36.52 15.21
CA SER A 52 -26.88 -37.30 16.03
C SER A 52 -28.15 -37.61 15.27
N SER A 53 -28.67 -38.84 15.41
CA SER A 53 -29.98 -39.17 14.88
C SER A 53 -31.08 -38.39 15.60
N TYR A 54 -32.27 -38.36 15.02
CA TYR A 54 -33.40 -37.73 15.67
C TYR A 54 -33.56 -38.31 17.08
N THR A 55 -33.56 -39.64 17.20
CA THR A 55 -33.87 -40.25 18.49
C THR A 55 -32.76 -40.07 19.54
N ALA A 56 -31.50 -40.21 19.13
CA ALA A 56 -30.36 -39.92 20.01
C ALA A 56 -30.35 -38.47 20.52
N ALA A 57 -30.65 -37.53 19.63
CA ALA A 57 -30.73 -36.14 20.02
C ALA A 57 -31.91 -35.98 20.97
N LEU A 58 -33.05 -36.56 20.62
CA LEU A 58 -34.24 -36.46 21.44
C LEU A 58 -33.94 -36.93 22.86
N GLU A 59 -33.06 -37.94 22.98
CA GLU A 59 -32.73 -38.58 24.25
C GLU A 59 -32.00 -37.64 25.20
N THR A 60 -31.39 -36.61 24.63
CA THR A 60 -30.69 -35.60 25.41
C THR A 60 -31.51 -34.33 25.59
N ALA A 61 -32.68 -34.28 24.96
CA ALA A 61 -33.54 -33.09 25.06
C ALA A 61 -34.30 -33.16 26.37
N ASN A 62 -34.55 -32.00 26.98
CA ASN A 62 -35.32 -31.96 28.22
C ASN A 62 -36.70 -31.34 27.96
N ILE A 63 -37.20 -31.50 26.74
CA ILE A 63 -38.49 -30.93 26.35
C ILE A 63 -39.41 -32.04 25.83
N PRO A 64 -40.74 -31.83 25.91
CA PRO A 64 -41.62 -32.92 25.47
C PRO A 64 -41.39 -33.22 23.99
N GLU A 65 -41.73 -34.43 23.54
CA GLU A 65 -41.42 -34.88 22.18
C GLU A 65 -42.14 -34.12 21.06
N LYS A 66 -43.38 -33.71 21.30
CA LYS A 66 -44.13 -32.94 20.32
C LYS A 66 -43.42 -31.61 19.99
N ASP A 67 -42.91 -30.93 21.00
CA ASP A 67 -42.16 -29.69 20.79
C ASP A 67 -40.80 -29.92 20.12
N PHE A 68 -40.06 -30.93 20.59
CA PHE A 68 -38.79 -31.34 19.98
C PHE A 68 -38.96 -31.58 18.48
N SER A 69 -39.96 -32.40 18.17
CA SER A 69 -40.35 -32.79 16.84
C SER A 69 -40.71 -31.59 15.93
N ASN A 70 -41.46 -30.62 16.44
CA ASN A 70 -41.76 -29.41 15.66
C ASN A 70 -40.51 -28.55 15.45
N CYS A 71 -39.65 -28.48 16.46
CA CYS A 71 -38.42 -27.69 16.32
C CYS A 71 -37.46 -28.37 15.40
N PHE A 72 -37.44 -29.71 15.43
CA PHE A 72 -36.58 -30.47 14.53
C PHE A 72 -37.00 -30.22 13.08
N ARG A 73 -38.30 -30.30 12.83
CA ARG A 73 -38.80 -30.10 11.47
C ARG A 73 -38.49 -28.70 10.96
N PHE A 74 -38.65 -27.70 11.82
CA PHE A 74 -38.25 -26.33 11.53
C PHE A 74 -36.78 -26.19 11.11
N LEU A 75 -35.86 -26.80 11.89
CA LEU A 75 -34.41 -26.77 11.62
C LEU A 75 -34.05 -27.47 10.31
N LYS A 76 -34.74 -28.59 10.07
CA LYS A 76 -34.47 -29.41 8.91
C LYS A 76 -34.93 -28.68 7.63
N GLU A 77 -36.10 -28.07 7.69
CA GLU A 77 -36.64 -27.55 6.42
C GLU A 77 -35.85 -26.34 5.93
N ASN A 78 -35.32 -25.57 6.90
CA ASN A 78 -34.48 -24.44 6.63
C ASN A 78 -33.00 -24.73 6.42
N PHE A 79 -32.65 -26.03 6.42
CA PHE A 79 -31.27 -26.50 6.34
C PHE A 79 -30.35 -25.93 7.44
N PHE A 80 -30.92 -25.69 8.62
CA PHE A 80 -30.14 -25.24 9.79
C PHE A 80 -29.49 -26.46 10.44
N ILE A 81 -30.16 -27.60 10.29
CA ILE A 81 -29.55 -28.93 10.50
C ILE A 81 -29.58 -29.67 9.20
N ILE A 82 -28.49 -30.39 8.95
CA ILE A 82 -28.26 -31.05 7.69
C ILE A 82 -27.79 -32.48 7.98
N PRO A 83 -27.85 -33.38 6.98
CA PRO A 83 -27.30 -34.73 7.07
C PRO A 83 -25.87 -34.68 7.51
N GLY A 84 -25.51 -35.55 8.45
CA GLY A 84 -24.15 -35.57 8.99
C GLY A 84 -23.10 -35.80 7.90
N GLU A 85 -23.42 -36.62 6.90
CA GLU A 85 -22.47 -36.88 5.82
C GLU A 85 -22.15 -35.65 4.94
N TYR A 86 -23.05 -34.65 4.93
CA TYR A 86 -22.84 -33.42 4.15
C TYR A 86 -21.71 -32.59 4.75
N ASN A 87 -21.22 -33.04 5.89
CA ASN A 87 -20.14 -32.36 6.58
C ASN A 87 -18.83 -33.12 6.50
N ASN A 88 -18.80 -34.18 5.67
CA ASN A 88 -17.63 -35.04 5.43
C ASN A 88 -16.64 -34.47 4.43
N SER A 89 -16.27 -33.22 4.62
CA SER A 89 -15.15 -32.63 3.88
C SER A 89 -13.88 -32.74 4.75
N THR A 90 -12.82 -32.05 4.31
CA THR A 90 -11.72 -31.66 5.19
C THR A 90 -11.82 -30.15 5.34
N GLU A 91 -11.63 -29.68 6.58
CA GLU A 91 -11.51 -28.24 6.83
C GLU A 91 -10.36 -27.62 5.98
N ASN A 92 -9.48 -28.50 5.47
CA ASN A 92 -8.32 -28.09 4.68
C ASN A 92 -8.54 -28.24 3.15
N ASN A 93 -9.73 -28.66 2.74
CA ASN A 93 -10.03 -28.69 1.31
C ASN A 93 -10.01 -27.26 0.79
N ARG A 94 -9.40 -27.05 -0.38
CA ARG A 94 -9.28 -25.68 -0.92
C ARG A 94 -10.60 -24.97 -1.12
N TYR A 95 -11.68 -25.75 -1.31
CA TYR A 95 -12.98 -25.20 -1.63
C TYR A 95 -13.91 -25.16 -0.43
N SER A 96 -13.40 -25.54 0.75
CA SER A 96 -14.23 -25.73 1.96
C SER A 96 -14.98 -24.49 2.43
N ARG A 97 -14.42 -23.30 2.18
CA ARG A 97 -15.14 -22.12 2.61
C ARG A 97 -16.53 -22.21 2.00
N ASN A 98 -16.59 -22.34 0.65
CA ASN A 98 -17.87 -22.43 -0.12
C ASN A 98 -18.86 -23.47 0.33
N PHE A 99 -18.36 -24.46 1.07
CA PHE A 99 -19.12 -25.63 1.41
C PHE A 99 -20.25 -25.29 2.37
N LEU A 100 -20.01 -24.41 3.34
CA LEU A 100 -21.11 -23.97 4.23
C LEU A 100 -22.14 -23.25 3.39
N HIS A 101 -21.70 -22.48 2.39
CA HIS A 101 -22.64 -21.87 1.45
C HIS A 101 -23.57 -22.95 0.85
N TYR A 102 -23.01 -23.98 0.19
CA TYR A 102 -23.81 -25.13 -0.33
C TYR A 102 -24.66 -25.79 0.74
N GLN A 103 -24.07 -26.08 1.90
CA GLN A 103 -24.90 -26.72 2.95
C GLN A 103 -26.14 -25.92 3.29
N SER A 104 -26.02 -24.60 3.34
CA SER A 104 -27.13 -23.73 3.77
C SER A 104 -28.29 -23.70 2.80
N TYR A 105 -28.02 -24.17 1.57
CA TYR A 105 -29.04 -24.37 0.56
C TYR A 105 -29.52 -25.81 0.50
N GLY A 106 -29.12 -26.65 1.44
CA GLY A 106 -29.64 -28.02 1.47
C GLY A 106 -28.97 -28.93 0.47
N ALA A 107 -27.79 -28.55 -0.01
CA ALA A 107 -27.06 -29.35 -0.98
C ALA A 107 -25.90 -30.05 -0.29
N ASN A 108 -25.49 -31.18 -0.87
CA ASN A 108 -24.27 -31.86 -0.46
C ASN A 108 -23.07 -31.19 -1.14
N PRO A 109 -22.16 -30.57 -0.35
CA PRO A 109 -21.09 -29.81 -0.96
C PRO A 109 -20.26 -30.66 -1.92
N VAL A 110 -19.92 -31.88 -1.53
CA VAL A 110 -19.17 -32.80 -2.39
C VAL A 110 -19.79 -32.92 -3.79
N LEU A 111 -21.11 -33.02 -3.84
CA LEU A 111 -21.81 -33.14 -5.13
C LEU A 111 -21.85 -31.86 -5.96
N VAL A 112 -22.03 -30.72 -5.28
CA VAL A 112 -21.97 -29.44 -6.00
C VAL A 112 -20.59 -29.29 -6.59
N GLN A 113 -19.57 -29.60 -5.79
CA GLN A 113 -18.20 -29.46 -6.18
C GLN A 113 -17.86 -30.38 -7.34
N ASP A 114 -18.43 -31.56 -7.38
CA ASP A 114 -18.22 -32.47 -8.53
C ASP A 114 -18.81 -31.94 -9.85
N LYS A 115 -20.03 -31.42 -9.81
CA LYS A 115 -20.63 -30.66 -10.94
C LYS A 115 -19.75 -29.52 -11.48
N LEU A 116 -19.21 -28.68 -10.60
CA LEU A 116 -18.26 -27.63 -11.01
C LEU A 116 -17.02 -28.20 -11.70
N LYS A 117 -16.42 -29.25 -11.11
CA LYS A 117 -15.14 -29.78 -11.61
C LYS A 117 -15.31 -30.36 -13.02
N ASN A 118 -16.54 -30.77 -13.35
CA ASN A 118 -16.85 -31.39 -14.63
C ASN A 118 -17.40 -30.41 -15.65
N ALA A 119 -17.48 -29.13 -15.28
CA ALA A 119 -18.10 -28.14 -16.13
C ALA A 119 -17.09 -27.42 -17.01
N LYS A 120 -17.60 -26.86 -18.10
CA LYS A 120 -16.82 -26.09 -19.04
C LYS A 120 -17.49 -24.73 -19.28
N VAL A 121 -16.75 -23.65 -19.07
CA VAL A 121 -17.32 -22.30 -19.20
C VAL A 121 -16.51 -21.48 -20.19
N VAL A 122 -17.21 -20.91 -21.15
CA VAL A 122 -16.59 -20.03 -22.14
C VAL A 122 -16.79 -18.64 -21.59
N ILE A 123 -15.67 -17.92 -21.48
CA ILE A 123 -15.66 -16.49 -21.12
C ILE A 123 -15.46 -15.68 -22.42
N LEU A 124 -16.54 -15.10 -22.95
CA LEU A 124 -16.50 -14.36 -24.22
C LEU A 124 -16.41 -12.87 -23.95
N GLY A 125 -15.20 -12.35 -24.01
CA GLY A 125 -14.89 -11.00 -23.52
C GLY A 125 -14.03 -11.14 -22.29
N CYS A 126 -12.83 -10.58 -22.35
CA CYS A 126 -11.87 -10.71 -21.26
C CYS A 126 -11.51 -9.34 -20.64
N GLY A 127 -12.41 -8.38 -20.77
CA GLY A 127 -12.27 -7.10 -20.07
C GLY A 127 -12.57 -7.19 -18.59
N GLY A 128 -13.15 -6.12 -18.06
CA GLY A 128 -13.47 -6.00 -16.64
C GLY A 128 -14.32 -7.10 -16.08
N ILE A 129 -15.40 -7.41 -16.78
CA ILE A 129 -16.33 -8.41 -16.31
C ILE A 129 -15.72 -9.83 -16.41
N GLY A 130 -15.17 -10.17 -17.58
CA GLY A 130 -14.44 -11.40 -17.77
C GLY A 130 -13.34 -11.68 -16.77
N ASN A 131 -12.51 -10.67 -16.45
CA ASN A 131 -11.49 -10.75 -15.40
C ASN A 131 -12.09 -11.27 -14.08
N HIS A 132 -13.13 -10.55 -13.62
CA HIS A 132 -13.79 -10.87 -12.33
C HIS A 132 -14.58 -12.13 -12.33
N VAL A 133 -15.37 -12.37 -13.38
CA VAL A 133 -16.10 -13.65 -13.47
C VAL A 133 -15.16 -14.85 -13.51
N SER A 134 -14.17 -14.79 -14.41
CA SER A 134 -13.25 -15.90 -14.55
C SER A 134 -12.43 -16.23 -13.27
N VAL A 135 -12.04 -15.25 -12.43
CA VAL A 135 -11.33 -15.64 -11.21
C VAL A 135 -12.24 -16.27 -10.17
N ILE A 136 -13.42 -15.72 -10.01
CA ILE A 136 -14.40 -16.36 -9.15
C ILE A 136 -14.60 -17.79 -9.60
N LEU A 137 -14.89 -17.98 -10.89
CA LEU A 137 -15.16 -19.30 -11.41
C LEU A 137 -13.95 -20.21 -11.20
N ALA A 138 -12.77 -19.73 -11.56
CA ALA A 138 -11.52 -20.48 -11.35
C ALA A 138 -11.31 -20.87 -9.90
N THR A 139 -11.42 -19.93 -8.98
CA THR A 139 -11.20 -20.22 -7.54
C THR A 139 -12.33 -21.03 -6.84
N SER A 140 -13.53 -21.05 -7.43
CA SER A 140 -14.59 -21.97 -6.99
C SER A 140 -14.48 -23.41 -7.55
N GLY A 141 -13.59 -23.63 -8.51
CA GLY A 141 -13.42 -24.97 -9.05
C GLY A 141 -14.10 -25.36 -10.33
N ILE A 142 -14.54 -24.42 -11.18
CA ILE A 142 -14.99 -24.80 -12.54
C ILE A 142 -13.81 -25.40 -13.28
N GLY A 143 -14.02 -26.61 -13.82
CA GLY A 143 -12.93 -27.46 -14.29
C GLY A 143 -12.23 -26.93 -15.53
N GLU A 144 -13.00 -26.32 -16.42
CA GLU A 144 -12.41 -25.79 -17.63
C GLU A 144 -12.96 -24.43 -18.01
N ILE A 145 -12.03 -23.53 -18.25
CA ILE A 145 -12.33 -22.17 -18.61
C ILE A 145 -11.67 -21.85 -19.94
N ILE A 146 -12.47 -21.46 -20.92
CA ILE A 146 -12.00 -21.10 -22.26
C ILE A 146 -12.14 -19.56 -22.41
N LEU A 147 -11.02 -18.89 -22.62
CA LEU A 147 -11.01 -17.43 -22.63
C LEU A 147 -10.99 -16.93 -24.05
N ILE A 148 -11.94 -16.07 -24.41
CA ILE A 148 -12.01 -15.62 -25.80
C ILE A 148 -11.98 -14.10 -25.94
N ASP A 149 -10.87 -13.61 -26.51
CA ASP A 149 -10.59 -12.19 -26.67
C ASP A 149 -9.35 -12.02 -27.58
N ASN A 150 -9.37 -10.97 -28.41
CA ASN A 150 -8.23 -10.65 -29.26
C ASN A 150 -7.55 -9.34 -28.87
N ASP A 151 -8.07 -8.69 -27.83
CA ASP A 151 -7.53 -7.40 -27.42
C ASP A 151 -6.21 -7.51 -26.62
N GLN A 152 -5.43 -6.42 -26.64
CA GLN A 152 -4.23 -6.30 -25.80
C GLN A 152 -4.44 -5.34 -24.61
N ILE A 153 -3.64 -5.54 -23.55
CA ILE A 153 -3.76 -4.74 -22.32
C ILE A 153 -3.19 -3.34 -22.52
N GLU A 154 -4.00 -2.32 -22.25
CA GLU A 154 -3.58 -0.92 -22.19
C GLU A 154 -3.45 -0.43 -20.73
N ASN A 155 -3.09 0.84 -20.50
CA ASN A 155 -2.95 1.37 -19.12
C ASN A 155 -4.28 1.71 -18.41
N THR A 156 -5.26 2.15 -19.18
CA THR A 156 -6.61 2.49 -18.70
C THR A 156 -7.45 1.29 -18.26
N ASN A 157 -6.96 0.09 -18.55
CA ASN A 157 -7.66 -1.14 -18.16
C ASN A 157 -7.61 -1.37 -16.66
N LEU A 158 -6.59 -0.80 -16.02
CA LEU A 158 -6.18 -1.21 -14.70
C LEU A 158 -7.16 -0.84 -13.59
N THR A 159 -8.15 -0.01 -13.88
CA THR A 159 -9.10 0.33 -12.83
C THR A 159 -10.02 -0.84 -12.46
N ARG A 160 -10.44 -1.64 -13.45
CA ARG A 160 -11.39 -2.74 -13.24
C ARG A 160 -10.77 -4.13 -13.44
N GLN A 161 -9.75 -4.18 -14.30
CA GLN A 161 -9.20 -5.46 -14.80
C GLN A 161 -8.15 -5.99 -13.79
N VAL A 162 -8.72 -6.53 -12.71
CA VAL A 162 -8.07 -6.98 -11.48
C VAL A 162 -6.90 -7.96 -11.62
N LEU A 163 -6.89 -8.76 -12.68
CA LEU A 163 -5.83 -9.74 -12.88
C LEU A 163 -4.61 -9.18 -13.55
N PHE A 164 -4.71 -7.92 -14.00
CA PHE A 164 -3.64 -7.23 -14.75
C PHE A 164 -2.83 -6.26 -13.91
N SER A 165 -1.54 -6.15 -14.23
CA SER A 165 -0.60 -5.21 -13.63
C SER A 165 0.01 -4.32 -14.69
N GLU A 166 0.66 -3.25 -14.23
CA GLU A 166 1.38 -2.33 -15.09
C GLU A 166 2.32 -3.08 -16.05
N ASP A 167 3.03 -4.07 -15.52
CA ASP A 167 3.92 -4.91 -16.35
C ASP A 167 3.27 -5.67 -17.51
N ASP A 168 1.94 -5.79 -17.48
CA ASP A 168 1.25 -6.63 -18.43
C ASP A 168 0.78 -5.83 -19.64
N VAL A 169 1.08 -4.53 -19.63
CA VAL A 169 0.62 -3.66 -20.70
C VAL A 169 1.31 -4.09 -21.99
N GLY A 170 0.54 -4.17 -23.08
CA GLY A 170 1.08 -4.60 -24.36
C GLY A 170 0.78 -6.06 -24.66
N LYS A 171 0.57 -6.85 -23.62
CA LYS A 171 0.26 -8.28 -23.76
C LYS A 171 -1.23 -8.53 -24.08
N ASN A 172 -1.52 -9.74 -24.54
CA ASN A 172 -2.87 -10.15 -24.83
C ASN A 172 -3.59 -10.40 -23.52
N LYS A 173 -4.87 -10.01 -23.45
CA LYS A 173 -5.68 -10.21 -22.24
C LYS A 173 -5.84 -11.70 -21.93
N THR A 174 -6.02 -12.53 -22.96
CA THR A 174 -6.23 -13.97 -22.73
C THR A 174 -4.99 -14.64 -22.12
N GLU A 175 -3.80 -14.34 -22.64
CA GLU A 175 -2.55 -14.90 -22.07
C GLU A 175 -2.36 -14.54 -20.59
N VAL A 176 -2.47 -13.25 -20.25
CA VAL A 176 -2.36 -12.80 -18.87
C VAL A 176 -3.46 -13.40 -17.94
N ILE A 177 -4.72 -13.32 -18.35
CA ILE A 177 -5.76 -13.96 -17.53
C ILE A 177 -5.38 -15.43 -17.26
N LYS A 178 -5.01 -16.17 -18.31
CA LYS A 178 -4.65 -17.57 -18.15
C LYS A 178 -3.53 -17.76 -17.12
N ARG A 179 -2.43 -17.00 -17.27
CA ARG A 179 -1.31 -17.02 -16.31
C ARG A 179 -1.80 -16.77 -14.87
N GLU A 180 -2.69 -15.79 -14.70
CA GLU A 180 -3.23 -15.43 -13.36
C GLU A 180 -4.23 -16.41 -12.75
N LEU A 181 -5.07 -17.02 -13.58
CA LEU A 181 -5.99 -18.03 -13.08
C LEU A 181 -5.25 -19.28 -12.63
N LEU A 182 -4.27 -19.71 -13.40
CA LEU A 182 -3.56 -20.93 -13.04
C LEU A 182 -2.63 -20.72 -11.83
N LYS A 183 -2.18 -19.49 -11.60
CA LYS A 183 -1.44 -19.13 -10.37
C LYS A 183 -2.32 -19.27 -9.14
N ARG A 184 -3.60 -18.98 -9.29
CA ARG A 184 -4.57 -19.07 -8.18
C ARG A 184 -5.19 -20.44 -7.99
N ASN A 185 -5.35 -21.17 -9.11
CA ASN A 185 -5.87 -22.52 -9.07
C ASN A 185 -5.31 -23.39 -10.19
N SER A 186 -4.21 -24.08 -9.88
CA SER A 186 -3.45 -24.91 -10.80
C SER A 186 -4.09 -26.29 -10.99
N GLU A 187 -5.22 -26.52 -10.34
CA GLU A 187 -5.91 -27.78 -10.43
C GLU A 187 -6.90 -27.79 -11.59
N ILE A 188 -7.18 -26.63 -12.16
CA ILE A 188 -8.11 -26.50 -13.28
C ILE A 188 -7.40 -26.33 -14.64
N SER A 189 -8.22 -26.32 -15.68
CA SER A 189 -7.76 -26.25 -17.05
C SER A 189 -8.26 -24.95 -17.68
N VAL A 190 -7.35 -24.24 -18.35
CA VAL A 190 -7.62 -22.95 -18.93
C VAL A 190 -7.07 -22.90 -20.36
N SER A 191 -7.94 -22.57 -21.31
CA SER A 191 -7.55 -22.46 -22.70
C SER A 191 -7.96 -21.11 -23.23
N GLU A 192 -7.35 -20.71 -24.33
CA GLU A 192 -7.61 -19.40 -24.89
C GLU A 192 -7.68 -19.42 -26.41
N ILE A 193 -8.68 -18.70 -26.91
CA ILE A 193 -8.90 -18.52 -28.33
C ILE A 193 -8.77 -17.03 -28.67
N ALA A 194 -7.86 -16.73 -29.60
CA ALA A 194 -7.57 -15.37 -30.06
C ALA A 194 -8.58 -14.87 -31.07
N LEU A 195 -9.72 -14.38 -30.58
CA LEU A 195 -10.82 -14.00 -31.43
C LEU A 195 -11.61 -12.79 -30.89
N ASN A 196 -11.97 -11.88 -31.77
CA ASN A 196 -13.06 -10.92 -31.50
C ASN A 196 -14.22 -11.21 -32.47
N ILE A 197 -15.44 -11.27 -31.94
CA ILE A 197 -16.63 -11.48 -32.80
C ILE A 197 -16.84 -10.25 -33.70
N ASN A 198 -16.27 -10.33 -34.89
CA ASN A 198 -16.36 -9.23 -35.84
C ASN A 198 -17.68 -9.32 -36.64
N ASP A 199 -17.96 -10.50 -37.22
CA ASP A 199 -19.24 -10.80 -37.88
C ASP A 199 -20.05 -11.79 -37.02
N TYR A 200 -21.29 -12.05 -37.42
CA TYR A 200 -22.12 -13.07 -36.77
C TYR A 200 -21.50 -14.46 -36.97
N THR A 201 -21.01 -14.68 -38.20
CA THR A 201 -20.40 -15.95 -38.61
C THR A 201 -19.26 -16.41 -37.70
N ASP A 202 -18.51 -15.44 -37.16
CA ASP A 202 -17.42 -15.69 -36.22
C ASP A 202 -17.85 -16.55 -35.02
N LEU A 203 -19.13 -16.47 -34.63
CA LEU A 203 -19.62 -17.17 -33.43
C LEU A 203 -19.49 -18.69 -33.53
N HIS A 204 -19.46 -19.21 -34.76
CA HIS A 204 -19.26 -20.65 -35.01
C HIS A 204 -17.88 -21.12 -34.53
N LYS A 205 -16.94 -20.19 -34.39
CA LYS A 205 -15.61 -20.52 -33.87
C LYS A 205 -15.58 -20.67 -32.35
N VAL A 206 -16.68 -20.34 -31.68
CA VAL A 206 -16.73 -20.44 -30.22
C VAL A 206 -17.25 -21.82 -29.83
N PRO A 207 -16.50 -22.54 -28.96
CA PRO A 207 -16.84 -23.89 -28.56
C PRO A 207 -18.15 -23.99 -27.79
N GLU A 208 -18.76 -25.17 -27.90
CA GLU A 208 -19.85 -25.66 -27.07
C GLU A 208 -19.34 -25.71 -25.61
N ALA A 209 -20.19 -25.34 -24.65
CA ALA A 209 -19.86 -25.45 -23.23
C ALA A 209 -21.12 -25.48 -22.38
N ASP A 210 -20.96 -25.79 -21.09
CA ASP A 210 -22.06 -25.68 -20.12
C ASP A 210 -22.74 -24.32 -20.20
N ILE A 211 -21.93 -23.27 -20.34
CA ILE A 211 -22.46 -21.92 -20.42
C ILE A 211 -21.44 -20.93 -21.03
N TRP A 212 -21.95 -19.98 -21.81
CA TRP A 212 -21.14 -18.87 -22.26
C TRP A 212 -21.38 -17.68 -21.34
N VAL A 213 -20.31 -17.09 -20.85
CA VAL A 213 -20.38 -15.81 -20.11
C VAL A 213 -20.10 -14.70 -21.13
N VAL A 214 -21.10 -13.88 -21.42
CA VAL A 214 -20.99 -12.95 -22.52
C VAL A 214 -20.89 -11.52 -22.02
N SER A 215 -19.71 -10.95 -22.16
CA SER A 215 -19.47 -9.55 -21.82
C SER A 215 -18.51 -8.82 -22.77
N ALA A 216 -18.32 -9.28 -24.00
CA ALA A 216 -17.33 -8.63 -24.88
C ALA A 216 -17.75 -7.20 -25.28
N ASP A 217 -16.77 -6.37 -25.66
CA ASP A 217 -16.96 -4.92 -25.76
C ASP A 217 -17.53 -4.37 -27.08
N HIS A 218 -17.35 -5.12 -28.17
CA HIS A 218 -17.74 -4.65 -29.49
C HIS A 218 -18.16 -5.87 -30.33
N PRO A 219 -19.12 -5.68 -31.28
CA PRO A 219 -19.91 -4.48 -31.64
C PRO A 219 -21.05 -4.13 -30.66
N PHE A 220 -21.89 -3.17 -31.08
CA PHE A 220 -23.08 -2.73 -30.32
C PHE A 220 -24.11 -3.84 -30.16
N ASN A 221 -24.25 -4.65 -31.21
CA ASN A 221 -25.29 -5.67 -31.28
C ASN A 221 -24.74 -7.07 -31.02
N LEU A 222 -23.67 -7.14 -30.25
CA LEU A 222 -23.06 -8.43 -29.99
C LEU A 222 -24.04 -9.41 -29.32
N ILE A 223 -24.85 -8.91 -28.39
CA ILE A 223 -25.87 -9.78 -27.74
C ILE A 223 -26.92 -10.29 -28.68
N ASN A 224 -27.28 -9.49 -29.68
CA ASN A 224 -28.30 -9.92 -30.62
C ASN A 224 -27.79 -11.08 -31.43
N TRP A 225 -26.53 -10.97 -31.82
CA TRP A 225 -25.81 -12.04 -32.47
C TRP A 225 -25.73 -13.26 -31.61
N VAL A 226 -25.14 -13.12 -30.42
CA VAL A 226 -24.96 -14.23 -29.49
C VAL A 226 -26.29 -14.93 -29.15
N ASN A 227 -27.31 -14.13 -28.90
CA ASN A 227 -28.64 -14.65 -28.64
C ASN A 227 -29.11 -15.53 -29.80
N LYS A 228 -29.16 -14.97 -31.02
CA LYS A 228 -29.59 -15.70 -32.22
C LYS A 228 -28.81 -16.98 -32.37
N TYR A 229 -27.48 -16.87 -32.32
CA TYR A 229 -26.62 -18.04 -32.43
C TYR A 229 -26.95 -19.09 -31.37
N CYS A 230 -26.99 -18.67 -30.11
CA CYS A 230 -27.17 -19.61 -29.01
C CYS A 230 -28.53 -20.28 -29.02
N VAL A 231 -29.55 -19.57 -29.48
CA VAL A 231 -30.89 -20.15 -29.66
C VAL A 231 -30.80 -21.27 -30.71
N ARG A 232 -30.21 -20.96 -31.87
CA ARG A 232 -30.03 -21.98 -32.92
C ARG A 232 -29.14 -23.16 -32.49
N ALA A 233 -28.15 -22.89 -31.64
CA ALA A 233 -27.14 -23.89 -31.28
C ALA A 233 -27.47 -24.60 -29.99
N ASN A 234 -28.60 -24.23 -29.37
CA ASN A 234 -29.01 -24.72 -28.05
C ASN A 234 -27.91 -24.54 -27.01
N GLN A 235 -27.36 -23.32 -26.96
CA GLN A 235 -26.25 -23.02 -26.10
C GLN A 235 -26.71 -22.09 -24.97
N PRO A 236 -26.60 -22.53 -23.71
CA PRO A 236 -26.89 -21.59 -22.62
C PRO A 236 -25.86 -20.45 -22.54
N TYR A 237 -26.33 -19.25 -22.18
CA TYR A 237 -25.44 -18.11 -22.02
C TYR A 237 -25.99 -17.20 -20.93
N ILE A 238 -25.08 -16.46 -20.32
CA ILE A 238 -25.43 -15.34 -19.47
C ILE A 238 -24.75 -14.04 -19.96
N ASN A 239 -25.54 -12.98 -20.06
CA ASN A 239 -25.03 -11.65 -20.37
C ASN A 239 -24.76 -10.94 -19.05
N ALA A 240 -23.66 -10.19 -18.95
CA ALA A 240 -23.36 -9.30 -17.82
C ALA A 240 -22.66 -8.03 -18.30
N GLY A 241 -22.94 -6.92 -17.65
CA GLY A 241 -22.43 -5.66 -18.17
C GLY A 241 -22.79 -4.50 -17.28
N TYR A 242 -22.84 -3.29 -17.86
CA TYR A 242 -23.24 -2.12 -17.12
C TYR A 242 -23.78 -1.12 -18.15
N VAL A 243 -24.64 -0.22 -17.69
CA VAL A 243 -25.03 0.96 -18.46
C VAL A 243 -24.62 2.09 -17.58
N ASN A 244 -23.40 2.58 -17.79
CA ASN A 244 -22.80 3.59 -16.92
C ASN A 244 -22.87 3.14 -15.45
N ASP A 245 -23.55 3.87 -14.60
CA ASP A 245 -23.57 3.57 -13.16
C ASP A 245 -24.48 2.42 -12.72
N ILE A 246 -25.18 1.78 -13.66
CA ILE A 246 -26.04 0.64 -13.30
C ILE A 246 -25.38 -0.65 -13.71
N ALA A 247 -25.23 -1.58 -12.75
CA ALA A 247 -24.67 -2.92 -12.98
C ALA A 247 -25.78 -3.83 -13.48
N VAL A 248 -25.50 -4.56 -14.56
CA VAL A 248 -26.54 -5.36 -15.19
C VAL A 248 -26.08 -6.82 -15.34
N PHE A 249 -26.93 -7.75 -14.97
CA PHE A 249 -26.66 -9.15 -15.30
C PHE A 249 -27.94 -9.85 -15.69
N GLY A 250 -27.82 -10.89 -16.52
CA GLY A 250 -28.99 -11.47 -17.11
C GLY A 250 -29.28 -10.95 -18.51
N PRO A 251 -30.13 -11.69 -19.27
CA PRO A 251 -30.75 -12.94 -18.84
C PRO A 251 -29.75 -14.09 -18.83
N LEU A 252 -30.03 -15.14 -18.08
CA LEU A 252 -29.38 -16.42 -18.30
C LEU A 252 -30.33 -17.17 -19.20
N TYR A 253 -29.90 -17.40 -20.44
CA TYR A 253 -30.71 -18.07 -21.43
C TYR A 253 -30.51 -19.57 -21.31
N VAL A 254 -31.61 -20.30 -21.09
CA VAL A 254 -31.57 -21.77 -21.12
C VAL A 254 -32.52 -22.27 -22.21
N PRO A 255 -31.96 -22.96 -23.22
CA PRO A 255 -32.73 -23.50 -24.35
C PRO A 255 -33.97 -24.26 -23.93
N GLY A 256 -35.13 -23.83 -24.45
CA GLY A 256 -36.41 -24.49 -24.21
C GLY A 256 -37.07 -24.17 -22.88
N LYS A 257 -36.31 -23.51 -22.00
CA LYS A 257 -36.70 -23.32 -20.62
C LYS A 257 -36.97 -21.86 -20.25
N THR A 258 -36.26 -20.94 -20.87
CA THR A 258 -36.35 -19.52 -20.53
C THR A 258 -36.65 -18.76 -21.80
N GLY A 259 -36.99 -17.48 -21.66
CA GLY A 259 -36.98 -16.57 -22.79
C GLY A 259 -35.57 -16.24 -23.28
N CYS A 260 -35.50 -15.68 -24.48
CA CYS A 260 -34.24 -15.23 -25.05
C CYS A 260 -34.24 -13.71 -24.97
N TYR A 261 -33.09 -13.15 -25.27
CA TYR A 261 -32.90 -11.71 -25.31
C TYR A 261 -33.95 -10.95 -26.15
N GLU A 262 -34.35 -11.51 -27.28
CA GLU A 262 -35.20 -10.78 -28.21
C GLU A 262 -36.70 -10.98 -27.91
N CYS A 263 -37.00 -11.72 -26.83
CA CYS A 263 -38.37 -12.16 -26.52
C CYS A 263 -39.36 -11.05 -26.17
N GLN A 264 -38.96 -10.14 -25.28
CA GLN A 264 -39.80 -9.01 -24.87
C GLN A 264 -39.37 -7.67 -25.51
N LYS A 265 -38.63 -7.73 -26.62
CA LYS A 265 -38.36 -6.56 -27.44
C LYS A 265 -39.67 -5.98 -27.98
N VAL A 266 -39.97 -4.74 -27.56
CA VAL A 266 -41.26 -4.10 -27.87
C VAL A 266 -41.28 -3.45 -29.27
N LYS A 275 -36.92 10.43 -39.40
CA LYS A 275 -36.26 11.55 -40.11
C LYS A 275 -34.79 11.21 -40.46
N GLU A 276 -34.42 11.46 -41.71
CA GLU A 276 -33.07 11.15 -42.20
C GLU A 276 -31.98 11.89 -41.44
N ASN A 277 -32.20 13.20 -41.24
CA ASN A 277 -31.25 14.07 -40.56
C ASN A 277 -31.14 13.76 -39.06
N ILE A 278 -32.29 13.72 -38.36
CA ILE A 278 -32.30 13.35 -36.94
C ILE A 278 -31.60 12.02 -36.75
N ASP A 279 -31.85 11.08 -37.65
CA ASP A 279 -31.25 9.76 -37.54
C ASP A 279 -29.73 9.75 -37.69
N HIS A 280 -29.23 10.66 -38.52
CA HIS A 280 -27.80 10.88 -38.67
C HIS A 280 -27.19 11.37 -37.36
N LYS A 281 -27.89 12.29 -36.69
CA LYS A 281 -27.41 12.90 -35.44
C LYS A 281 -27.36 11.89 -34.31
N ILE A 282 -28.40 11.06 -34.20
CA ILE A 282 -28.47 9.96 -33.24
C ILE A 282 -27.27 9.04 -33.44
N LYS A 283 -27.04 8.67 -34.70
CA LYS A 283 -26.02 7.73 -35.07
C LYS A 283 -24.61 8.24 -34.76
N LEU A 284 -24.36 9.52 -35.02
CA LEU A 284 -23.10 10.15 -34.60
C LEU A 284 -22.99 10.22 -33.07
N ILE A 285 -24.07 10.59 -32.40
CA ILE A 285 -24.00 10.72 -30.93
C ILE A 285 -23.68 9.37 -30.38
N ASN A 286 -24.34 8.35 -30.90
CA ASN A 286 -24.14 7.01 -30.38
C ASN A 286 -22.80 6.37 -30.73
N SER A 287 -22.22 6.74 -31.86
CA SER A 287 -20.88 6.26 -32.24
C SER A 287 -19.76 6.78 -31.32
N ARG A 288 -19.98 7.92 -30.69
CA ARG A 288 -19.02 8.51 -29.78
C ARG A 288 -19.15 7.90 -28.40
N PHE A 289 -20.15 7.08 -28.17
CA PHE A 289 -20.44 6.59 -26.84
C PHE A 289 -19.29 5.77 -26.23
N LYS A 290 -18.97 6.10 -24.98
CA LYS A 290 -18.02 5.36 -24.18
C LYS A 290 -18.62 5.30 -22.79
N PRO A 291 -18.70 4.10 -22.19
CA PRO A 291 -19.37 4.00 -20.91
C PRO A 291 -18.55 4.66 -19.80
N ALA A 292 -19.23 5.25 -18.82
CA ALA A 292 -18.59 5.77 -17.64
C ALA A 292 -18.31 4.58 -16.67
N THR A 293 -17.24 3.84 -16.99
CA THR A 293 -16.82 2.65 -16.24
C THR A 293 -16.35 3.05 -14.83
N PHE A 294 -16.46 2.12 -13.90
CA PHE A 294 -16.27 2.39 -12.49
C PHE A 294 -16.18 0.99 -11.93
N ALA A 295 -15.04 0.64 -11.35
CA ALA A 295 -14.83 -0.74 -10.84
C ALA A 295 -15.97 -1.27 -9.94
N PRO A 296 -16.46 -0.47 -8.96
CA PRO A 296 -17.56 -1.01 -8.13
C PRO A 296 -18.78 -1.56 -8.91
N VAL A 297 -19.15 -0.88 -9.99
CA VAL A 297 -20.28 -1.28 -10.82
C VAL A 297 -19.94 -2.53 -11.62
N ASN A 298 -18.77 -2.53 -12.27
CA ASN A 298 -18.24 -3.68 -12.96
C ASN A 298 -18.28 -4.92 -12.02
N ASN A 299 -17.85 -4.72 -10.79
CA ASN A 299 -17.58 -5.81 -9.87
C ASN A 299 -18.86 -6.40 -9.38
N VAL A 300 -19.83 -5.54 -9.12
CA VAL A 300 -21.17 -5.98 -8.78
C VAL A 300 -21.76 -6.85 -9.89
N ALA A 301 -21.76 -6.35 -11.14
CA ALA A 301 -22.31 -7.14 -12.26
C ALA A 301 -21.61 -8.51 -12.43
N ALA A 302 -20.29 -8.50 -12.37
CA ALA A 302 -19.50 -9.70 -12.50
C ALA A 302 -19.77 -10.69 -11.37
N ALA A 303 -19.84 -10.19 -10.13
CA ALA A 303 -20.07 -11.09 -8.96
C ALA A 303 -21.39 -11.81 -9.08
N LEU A 304 -22.46 -11.08 -9.33
CA LEU A 304 -23.78 -11.69 -9.45
C LEU A 304 -23.95 -12.57 -10.68
N CYS A 305 -23.16 -12.28 -11.73
CA CYS A 305 -23.10 -13.11 -12.94
C CYS A 305 -22.46 -14.45 -12.57
N ALA A 306 -21.32 -14.38 -11.87
CA ALA A 306 -20.60 -15.58 -11.45
C ALA A 306 -21.47 -16.46 -10.50
N ALA A 307 -22.20 -15.79 -9.62
CA ALA A 307 -23.11 -16.45 -8.71
C ALA A 307 -24.14 -17.26 -9.50
N ASP A 308 -24.72 -16.66 -10.53
CA ASP A 308 -25.65 -17.37 -11.38
C ASP A 308 -25.03 -18.52 -12.16
N VAL A 309 -23.83 -18.32 -12.69
CA VAL A 309 -23.10 -19.40 -13.33
C VAL A 309 -22.86 -20.58 -12.33
N ILE A 310 -22.42 -20.27 -11.10
CA ILE A 310 -22.14 -21.34 -10.10
C ILE A 310 -23.41 -22.09 -9.71
N LYS A 311 -24.52 -21.38 -9.58
CA LYS A 311 -25.78 -22.02 -9.20
C LYS A 311 -26.33 -22.78 -10.38
N PHE A 312 -26.10 -22.27 -11.59
CA PHE A 312 -26.63 -22.89 -12.79
C PHE A 312 -25.95 -24.24 -13.01
N ILE A 313 -24.66 -24.33 -12.72
CA ILE A 313 -23.97 -25.57 -12.95
C ILE A 313 -24.03 -26.44 -11.68
N GLY A 314 -23.88 -25.79 -10.52
CA GLY A 314 -23.87 -26.54 -9.27
C GLY A 314 -25.25 -27.07 -8.91
N LYS A 315 -26.29 -26.39 -9.40
CA LYS A 315 -27.70 -26.84 -9.32
C LYS A 315 -28.36 -26.85 -7.93
N TYR A 316 -27.91 -26.00 -7.03
CA TYR A 316 -28.40 -26.08 -5.65
C TYR A 316 -29.34 -24.94 -5.28
N SER A 317 -29.47 -23.98 -6.18
CA SER A 317 -30.33 -22.82 -5.96
C SER A 317 -30.58 -22.33 -7.38
N GLU A 318 -31.71 -21.65 -7.56
CA GLU A 318 -32.11 -21.14 -8.85
C GLU A 318 -31.33 -19.86 -9.15
N PRO A 319 -30.69 -19.79 -10.34
CA PRO A 319 -30.06 -18.53 -10.78
C PRO A 319 -31.06 -17.38 -10.73
N LEU A 320 -30.64 -16.19 -10.28
CA LEU A 320 -31.53 -15.02 -10.25
C LEU A 320 -32.05 -14.54 -11.60
N SER A 321 -31.18 -14.56 -12.61
CA SER A 321 -31.44 -13.97 -13.93
C SER A 321 -32.17 -14.88 -14.98
N LEU A 322 -32.66 -16.02 -14.54
CA LEU A 322 -33.54 -16.83 -15.38
C LEU A 322 -34.71 -15.92 -15.73
N ASN A 323 -34.93 -15.68 -17.04
CA ASN A 323 -36.09 -14.91 -17.56
C ASN A 323 -36.10 -13.43 -17.15
N LYS A 324 -34.93 -12.90 -16.76
CA LYS A 324 -34.79 -11.54 -16.24
C LYS A 324 -33.45 -10.93 -16.59
N ARG A 325 -33.50 -9.66 -16.95
CA ARG A 325 -32.34 -8.83 -16.98
C ARG A 325 -32.39 -7.96 -15.71
N ILE A 326 -31.36 -8.03 -14.88
CA ILE A 326 -31.38 -7.37 -13.54
C ILE A 326 -30.41 -6.19 -13.46
N GLY A 327 -30.94 -5.05 -12.99
CA GLY A 327 -30.17 -3.86 -12.81
C GLY A 327 -30.01 -3.51 -11.34
N ILE A 328 -28.77 -3.21 -10.95
CA ILE A 328 -28.49 -2.66 -9.60
C ILE A 328 -27.85 -1.32 -9.73
N TRP A 329 -28.48 -0.31 -9.14
CA TRP A 329 -28.02 1.06 -9.22
C TRP A 329 -26.90 1.26 -8.24
N SER A 330 -26.05 2.23 -8.56
CA SER A 330 -24.91 2.57 -7.68
C SER A 330 -25.04 3.94 -7.05
N ASP A 331 -25.94 4.77 -7.54
CA ASP A 331 -26.11 6.08 -6.94
C ASP A 331 -27.44 6.25 -6.19
N GLU A 332 -28.15 5.15 -6.07
CA GLU A 332 -29.30 5.09 -5.17
C GLU A 332 -29.48 3.63 -4.84
N ILE A 333 -30.27 3.36 -3.84
CA ILE A 333 -30.51 2.01 -3.39
C ILE A 333 -31.69 1.48 -4.18
N LYS A 334 -31.39 0.69 -5.19
CA LYS A 334 -32.36 0.33 -6.20
C LYS A 334 -31.83 -0.89 -6.97
N ILE A 335 -32.62 -1.96 -6.99
CA ILE A 335 -32.48 -3.11 -7.87
C ILE A 335 -33.82 -3.13 -8.65
N HIS A 336 -33.75 -3.47 -9.94
CA HIS A 336 -34.96 -3.66 -10.77
C HIS A 336 -34.67 -4.78 -11.78
N SER A 337 -35.68 -5.59 -12.08
CA SER A 337 -35.57 -6.60 -13.12
C SER A 337 -36.48 -6.31 -14.31
N GLN A 338 -35.97 -6.66 -15.49
CA GLN A 338 -36.69 -6.54 -16.73
C GLN A 338 -37.18 -7.93 -17.07
N ASN A 339 -38.49 -8.07 -17.30
CA ASN A 339 -39.06 -9.33 -17.75
C ASN A 339 -38.52 -9.72 -19.12
N MET A 340 -37.97 -10.91 -19.17
CA MET A 340 -37.43 -11.42 -20.41
C MET A 340 -37.87 -12.86 -20.55
N GLY A 341 -39.11 -13.12 -20.16
CA GLY A 341 -39.66 -14.46 -20.23
C GLY A 341 -40.05 -14.81 -21.66
N ARG A 342 -40.39 -16.08 -21.89
CA ARG A 342 -40.61 -16.59 -23.24
C ARG A 342 -41.85 -16.00 -23.88
N SER A 343 -41.69 -15.46 -25.07
CA SER A 343 -42.82 -15.12 -25.93
C SER A 343 -42.90 -16.13 -27.07
N PRO A 344 -44.06 -16.78 -27.20
CA PRO A 344 -44.29 -17.81 -28.20
C PRO A 344 -44.30 -17.17 -29.58
N VAL A 345 -44.55 -15.86 -29.58
CA VAL A 345 -44.56 -15.03 -30.77
C VAL A 345 -43.15 -14.54 -31.14
N CYS A 346 -42.16 -14.76 -30.28
CA CYS A 346 -40.80 -14.26 -30.56
C CYS A 346 -40.30 -14.63 -31.93
N SER A 347 -39.60 -13.67 -32.52
CA SER A 347 -39.01 -13.76 -33.84
C SER A 347 -37.85 -14.75 -33.88
N VAL A 348 -37.16 -14.87 -32.75
CA VAL A 348 -35.91 -15.60 -32.67
C VAL A 348 -36.13 -17.04 -32.19
N CYS A 349 -36.73 -17.21 -31.00
CA CYS A 349 -36.92 -18.55 -30.47
C CYS A 349 -38.35 -19.10 -30.59
N GLY A 350 -39.24 -18.35 -31.23
CA GLY A 350 -40.67 -18.67 -31.22
C GLY A 350 -41.07 -19.62 -32.33
N ASN A 351 -42.39 -19.86 -32.44
CA ASN A 351 -43.01 -20.69 -33.50
C ASN A 351 -42.05 -21.49 -34.38
N MET B 4 -16.53 30.27 -22.44
CA MET B 4 -16.83 29.00 -21.73
C MET B 4 -17.34 28.00 -22.76
N ASP B 5 -16.52 26.97 -23.03
CA ASP B 5 -16.92 25.87 -23.90
C ASP B 5 -17.75 24.88 -23.09
N TYR B 6 -18.71 24.23 -23.74
CA TYR B 6 -19.40 23.08 -23.18
C TYR B 6 -19.23 21.93 -24.15
N ILE B 7 -19.28 20.71 -23.63
CA ILE B 7 -19.07 19.54 -24.45
C ILE B 7 -20.05 18.43 -24.05
N LEU B 8 -20.45 17.62 -25.03
CA LEU B 8 -21.27 16.48 -24.73
C LEU B 8 -20.41 15.38 -24.12
N GLY B 9 -20.83 14.87 -22.96
CA GLY B 9 -20.08 13.78 -22.33
C GLY B 9 -20.24 12.55 -23.19
N ARG B 10 -19.21 11.71 -23.19
CA ARG B 10 -19.15 10.53 -24.04
C ARG B 10 -20.04 9.41 -23.52
N TYR B 11 -20.43 9.51 -22.25
CA TYR B 11 -21.30 8.52 -21.65
C TYR B 11 -22.76 8.80 -21.97
N VAL B 12 -23.03 9.79 -22.81
CA VAL B 12 -24.41 9.95 -23.26
C VAL B 12 -24.74 9.06 -24.44
N LYS B 13 -25.97 8.53 -24.39
CA LYS B 13 -26.52 7.47 -25.21
C LYS B 13 -27.90 8.00 -25.54
N ILE B 14 -28.39 7.71 -26.74
CA ILE B 14 -29.73 8.12 -27.15
C ILE B 14 -30.37 6.97 -27.90
N ALA B 15 -31.68 6.77 -27.72
CA ALA B 15 -32.41 5.72 -28.45
C ALA B 15 -33.88 6.06 -28.60
N ARG B 16 -34.40 5.75 -29.77
CA ARG B 16 -35.82 5.84 -30.08
C ARG B 16 -36.57 4.86 -29.18
N TYR B 17 -37.65 5.32 -28.55
CA TYR B 17 -38.39 4.52 -27.58
C TYR B 17 -39.78 5.07 -27.32
N GLY B 18 -40.78 4.20 -27.37
CA GLY B 18 -42.15 4.58 -27.09
C GLY B 18 -42.61 5.73 -27.96
N SER B 19 -43.13 6.76 -27.32
CA SER B 19 -43.63 7.97 -28.01
C SER B 19 -42.51 8.90 -28.45
N GLY B 20 -41.33 8.76 -27.84
CA GLY B 20 -40.22 9.66 -28.09
C GLY B 20 -38.91 8.91 -28.04
N GLY B 21 -38.25 9.02 -26.90
CA GLY B 21 -36.98 8.32 -26.76
C GLY B 21 -36.27 8.53 -25.45
N LEU B 22 -35.18 7.78 -25.32
CA LEU B 22 -34.35 7.79 -24.15
C LEU B 22 -33.20 8.72 -24.42
N VAL B 23 -32.86 9.52 -23.43
CA VAL B 23 -31.63 10.31 -23.41
C VAL B 23 -30.91 9.86 -22.18
N GLY B 24 -29.68 9.40 -22.36
CA GLY B 24 -28.80 9.10 -21.23
C GLY B 24 -28.71 7.61 -20.99
N GLY B 25 -27.75 7.22 -20.17
CA GLY B 25 -27.60 5.83 -19.84
C GLY B 25 -27.36 5.77 -18.37
N GLY B 26 -28.00 4.82 -17.70
CA GLY B 26 -27.74 4.58 -16.27
C GLY B 26 -28.82 5.24 -15.47
N GLY B 27 -28.47 5.63 -14.25
CA GLY B 27 -29.46 6.23 -13.37
C GLY B 27 -30.02 7.55 -13.87
N LYS B 28 -29.36 8.21 -14.82
CA LYS B 28 -29.79 9.52 -15.31
C LYS B 28 -30.60 9.36 -16.58
N GLU B 29 -30.75 8.12 -17.04
CA GLU B 29 -31.52 7.84 -18.25
C GLU B 29 -32.89 8.43 -18.09
N GLN B 30 -33.37 9.11 -19.12
CA GLN B 30 -34.68 9.75 -19.06
C GLN B 30 -35.54 9.46 -20.27
N TYR B 31 -36.77 9.09 -20.00
CA TYR B 31 -37.73 8.86 -21.05
C TYR B 31 -38.45 10.17 -21.40
N VAL B 32 -38.11 10.71 -22.56
CA VAL B 32 -38.80 11.87 -23.11
C VAL B 32 -39.96 11.40 -23.99
N GLU B 33 -41.16 11.52 -23.43
CA GLU B 33 -42.41 11.13 -24.09
C GLU B 33 -42.74 11.97 -25.30
N ASN B 34 -42.43 13.26 -25.26
CA ASN B 34 -42.76 14.13 -26.40
C ASN B 34 -41.68 14.03 -27.49
N LEU B 35 -42.03 13.47 -28.65
CA LEU B 35 -41.08 13.23 -29.75
C LEU B 35 -40.43 14.50 -30.27
N VAL B 36 -41.23 15.57 -30.40
CA VAL B 36 -40.71 16.89 -30.78
C VAL B 36 -39.62 17.36 -29.81
N LEU B 37 -39.88 17.25 -28.50
CA LEU B 37 -38.91 17.64 -27.50
C LEU B 37 -37.69 16.74 -27.54
N TRP B 38 -37.91 15.45 -27.74
CA TRP B 38 -36.80 14.51 -27.82
C TRP B 38 -35.86 14.85 -28.99
N GLU B 39 -36.44 15.09 -30.16
CA GLU B 39 -35.66 15.52 -31.34
C GLU B 39 -34.92 16.85 -31.08
N ASN B 40 -35.58 17.83 -30.46
CA ASN B 40 -34.93 19.08 -30.07
C ASN B 40 -33.75 18.89 -29.10
N ILE B 41 -33.89 17.91 -28.20
CA ILE B 41 -32.79 17.58 -27.31
C ILE B 41 -31.60 17.05 -28.12
N ILE B 42 -31.85 16.18 -29.09
CA ILE B 42 -30.74 15.63 -29.89
C ILE B 42 -30.10 16.64 -30.84
N LYS B 43 -30.92 17.44 -31.50
CA LYS B 43 -30.39 18.52 -32.33
C LYS B 43 -29.52 19.45 -31.48
N THR B 44 -29.86 19.62 -30.19
CA THR B 44 -29.09 20.51 -29.31
C THR B 44 -27.80 19.83 -28.86
N ALA B 45 -27.91 18.56 -28.50
CA ALA B 45 -26.76 17.79 -28.06
C ALA B 45 -25.68 17.75 -29.15
N TYR B 46 -26.12 17.73 -30.39
CA TYR B 46 -25.28 17.60 -31.59
C TYR B 46 -24.31 18.77 -31.78
N CYS B 47 -24.70 19.93 -31.26
CA CYS B 47 -23.89 21.14 -31.37
C CYS B 47 -22.71 21.12 -30.38
N PHE B 48 -22.64 20.09 -29.55
CA PHE B 48 -21.65 20.03 -28.47
C PHE B 48 -20.81 18.78 -28.49
N ILE B 49 -20.90 18.03 -29.60
CA ILE B 49 -20.11 16.82 -29.77
C ILE B 49 -18.62 17.23 -29.78
N THR B 50 -18.33 18.32 -30.46
CA THR B 50 -17.07 18.97 -30.27
C THR B 50 -17.44 20.22 -29.46
N PRO B 51 -16.53 20.63 -28.56
CA PRO B 51 -16.84 21.67 -27.56
C PRO B 51 -17.27 22.96 -28.19
N SER B 52 -18.32 23.57 -27.65
CA SER B 52 -18.85 24.80 -28.22
C SER B 52 -19.35 25.70 -27.11
N SER B 53 -19.28 27.02 -27.31
CA SER B 53 -19.95 27.94 -26.40
C SER B 53 -21.46 27.90 -26.71
N TYR B 54 -22.26 28.33 -25.74
CA TYR B 54 -23.70 28.35 -25.87
C TYR B 54 -24.13 29.12 -27.14
N THR B 55 -23.74 30.38 -27.18
CA THR B 55 -24.10 31.31 -28.28
C THR B 55 -23.79 30.75 -29.68
N ALA B 56 -22.60 30.18 -29.81
CA ALA B 56 -22.14 29.57 -31.07
C ALA B 56 -22.97 28.33 -31.49
N ALA B 57 -23.28 27.47 -30.53
CA ALA B 57 -24.14 26.30 -30.80
C ALA B 57 -25.56 26.71 -31.19
N LEU B 58 -26.02 27.83 -30.62
CA LEU B 58 -27.35 28.39 -30.89
C LEU B 58 -27.48 28.75 -32.36
N GLU B 59 -26.47 29.43 -32.88
CA GLU B 59 -26.39 29.77 -34.31
C GLU B 59 -26.27 28.53 -35.21
N THR B 60 -25.57 27.51 -34.71
CA THR B 60 -25.39 26.23 -35.41
C THR B 60 -26.67 25.40 -35.45
N ALA B 61 -27.46 25.46 -34.37
CA ALA B 61 -28.70 24.68 -34.30
C ALA B 61 -29.87 25.35 -35.06
N ASN B 62 -30.62 24.52 -35.77
CA ASN B 62 -31.83 24.99 -36.44
C ASN B 62 -33.03 24.68 -35.56
N ILE B 63 -33.09 25.37 -34.41
CA ILE B 63 -34.23 25.37 -33.50
C ILE B 63 -34.28 26.74 -32.78
N PRO B 64 -35.52 27.19 -32.44
CA PRO B 64 -35.75 28.48 -31.77
C PRO B 64 -34.94 28.69 -30.49
N GLU B 65 -34.64 29.95 -30.20
CA GLU B 65 -33.91 30.32 -29.00
C GLU B 65 -34.60 29.76 -27.77
N LYS B 66 -35.93 29.74 -27.78
CA LYS B 66 -36.72 29.26 -26.63
C LYS B 66 -36.47 27.78 -26.34
N ASP B 67 -36.61 26.93 -27.36
CA ASP B 67 -36.36 25.49 -27.24
C ASP B 67 -34.92 25.16 -26.92
N PHE B 68 -33.99 25.85 -27.59
CA PHE B 68 -32.56 25.66 -27.40
C PHE B 68 -32.11 25.93 -25.98
N SER B 69 -32.62 27.00 -25.39
CA SER B 69 -32.33 27.32 -24.00
C SER B 69 -32.80 26.18 -23.09
N ASN B 70 -34.01 25.71 -23.35
CA ASN B 70 -34.64 24.66 -22.58
C ASN B 70 -33.91 23.35 -22.69
N CYS B 71 -33.58 22.95 -23.92
CA CYS B 71 -32.88 21.70 -24.16
C CYS B 71 -31.48 21.78 -23.61
N PHE B 72 -30.86 22.95 -23.73
CA PHE B 72 -29.57 23.21 -23.14
C PHE B 72 -29.59 22.95 -21.64
N ARG B 73 -30.51 23.59 -20.92
CA ARG B 73 -30.60 23.44 -19.47
C ARG B 73 -30.88 22.00 -19.11
N PHE B 74 -31.70 21.31 -19.91
CA PHE B 74 -31.94 19.90 -19.71
C PHE B 74 -30.64 19.10 -19.76
N LEU B 75 -29.82 19.40 -20.75
CA LEU B 75 -28.56 18.68 -20.93
C LEU B 75 -27.57 19.06 -19.81
N LYS B 76 -27.44 20.35 -19.53
CA LYS B 76 -26.53 20.83 -18.48
C LYS B 76 -26.89 20.30 -17.07
N GLU B 77 -28.17 20.36 -16.70
CA GLU B 77 -28.61 19.96 -15.36
C GLU B 77 -28.50 18.48 -15.13
N ASN B 78 -28.48 17.70 -16.20
CA ASN B 78 -28.28 16.27 -16.12
C ASN B 78 -26.83 15.85 -16.31
N PHE B 79 -25.95 16.84 -16.46
CA PHE B 79 -24.52 16.63 -16.69
C PHE B 79 -24.24 15.82 -17.99
N PHE B 80 -25.21 15.82 -18.91
CA PHE B 80 -25.05 15.28 -20.26
C PHE B 80 -24.12 16.19 -21.08
N ILE B 81 -24.25 17.51 -20.91
CA ILE B 81 -23.16 18.42 -21.32
C ILE B 81 -22.45 19.02 -20.13
N ILE B 82 -21.13 19.14 -20.24
CA ILE B 82 -20.28 19.59 -19.15
C ILE B 82 -19.34 20.71 -19.63
N PRO B 83 -18.83 21.54 -18.71
CA PRO B 83 -17.82 22.52 -19.09
C PRO B 83 -16.66 21.87 -19.84
N GLY B 84 -16.27 22.46 -20.96
CA GLY B 84 -15.19 21.94 -21.80
C GLY B 84 -13.90 21.65 -21.05
N GLU B 85 -13.62 22.44 -20.01
CA GLU B 85 -12.42 22.25 -19.17
C GLU B 85 -12.39 20.90 -18.44
N TYR B 86 -13.57 20.35 -18.16
CA TYR B 86 -13.69 19.06 -17.47
C TYR B 86 -13.26 17.88 -18.36
N ASN B 87 -12.94 18.16 -19.63
CA ASN B 87 -12.67 17.13 -20.64
C ASN B 87 -11.18 16.71 -20.84
N ASN B 88 -10.23 17.49 -20.35
CA ASN B 88 -8.82 17.02 -20.19
C ASN B 88 -8.59 15.56 -20.61
N ASN B 93 -4.68 8.51 -20.34
CA ASN B 93 -4.47 8.69 -18.90
C ASN B 93 -5.06 7.54 -18.11
N ARG B 94 -4.23 6.96 -17.24
CA ARG B 94 -4.58 5.92 -16.26
C ARG B 94 -6.02 5.95 -15.73
N TYR B 95 -6.47 7.11 -15.25
CA TYR B 95 -7.77 7.26 -14.60
C TYR B 95 -8.90 7.71 -15.55
N SER B 96 -8.70 7.53 -16.86
CA SER B 96 -9.65 7.97 -17.91
C SER B 96 -11.13 7.57 -17.78
N ARG B 97 -11.41 6.33 -17.38
CA ARG B 97 -12.80 5.82 -17.32
C ARG B 97 -13.51 6.20 -16.02
N ASN B 98 -12.67 6.37 -14.99
CA ASN B 98 -13.10 6.98 -13.77
C ASN B 98 -13.47 8.42 -14.12
N PHE B 99 -12.75 8.99 -15.09
CA PHE B 99 -12.97 10.41 -15.39
C PHE B 99 -14.37 10.61 -15.96
N LEU B 100 -14.85 9.66 -16.77
CA LEU B 100 -16.17 9.77 -17.33
C LEU B 100 -17.23 9.61 -16.22
N HIS B 101 -16.95 8.70 -15.28
CA HIS B 101 -17.79 8.50 -14.13
C HIS B 101 -17.98 9.82 -13.34
N TYR B 102 -16.91 10.49 -12.94
CA TYR B 102 -17.02 11.76 -12.20
C TYR B 102 -17.75 12.83 -13.02
N GLN B 103 -17.41 12.93 -14.31
CA GLN B 103 -18.04 13.95 -15.20
C GLN B 103 -19.57 13.80 -15.19
N SER B 104 -20.02 12.56 -15.19
CA SER B 104 -21.43 12.20 -15.29
C SER B 104 -22.21 12.60 -14.05
N TYR B 105 -21.48 12.92 -12.98
CA TYR B 105 -22.06 13.40 -11.73
C TYR B 105 -21.87 14.89 -11.61
N GLY B 106 -21.39 15.52 -12.68
CA GLY B 106 -21.23 16.97 -12.72
C GLY B 106 -19.99 17.45 -12.02
N ALA B 107 -19.04 16.55 -11.78
CA ALA B 107 -17.79 16.93 -11.15
C ALA B 107 -16.69 17.20 -12.19
N ASN B 108 -15.69 17.95 -11.74
CA ASN B 108 -14.46 18.13 -12.46
C ASN B 108 -13.55 17.00 -12.03
N PRO B 109 -13.26 16.06 -12.97
CA PRO B 109 -12.54 14.80 -12.69
C PRO B 109 -11.16 15.00 -12.04
N VAL B 110 -10.41 15.96 -12.57
CA VAL B 110 -9.11 16.31 -12.05
C VAL B 110 -9.18 16.77 -10.60
N LEU B 111 -10.25 17.47 -10.20
CA LEU B 111 -10.39 17.89 -8.81
C LEU B 111 -10.75 16.72 -7.89
N VAL B 112 -11.62 15.84 -8.37
CA VAL B 112 -11.89 14.60 -7.64
C VAL B 112 -10.59 13.82 -7.49
N GLN B 113 -9.89 13.60 -8.59
CA GLN B 113 -8.65 12.81 -8.60
C GLN B 113 -7.60 13.38 -7.65
N ASP B 114 -7.53 14.71 -7.55
CA ASP B 114 -6.64 15.32 -6.59
C ASP B 114 -7.02 15.01 -5.11
N LYS B 115 -8.31 14.98 -4.79
CA LYS B 115 -8.79 14.62 -3.44
C LYS B 115 -8.46 13.15 -3.05
N LEU B 116 -8.58 12.25 -4.01
CA LEU B 116 -8.19 10.86 -3.85
C LEU B 116 -6.68 10.71 -3.65
N LYS B 117 -5.92 11.33 -4.54
CA LYS B 117 -4.47 11.37 -4.43
C LYS B 117 -4.06 11.85 -3.02
N ASN B 118 -4.78 12.81 -2.46
CA ASN B 118 -4.39 13.38 -1.18
C ASN B 118 -4.98 12.68 0.05
N ALA B 119 -5.59 11.50 -0.13
CA ALA B 119 -6.27 10.84 0.97
C ALA B 119 -5.50 9.63 1.55
N LYS B 120 -5.72 9.33 2.83
CA LYS B 120 -5.22 8.09 3.45
C LYS B 120 -6.41 7.25 3.91
N VAL B 121 -6.37 5.95 3.59
CA VAL B 121 -7.45 5.02 3.97
C VAL B 121 -6.83 3.88 4.75
N VAL B 122 -7.43 3.58 5.89
CA VAL B 122 -7.03 2.41 6.66
C VAL B 122 -7.90 1.26 6.20
N ILE B 123 -7.24 0.16 5.87
CA ILE B 123 -7.91 -1.12 5.59
C ILE B 123 -7.70 -2.02 6.80
N LEU B 124 -8.70 -2.04 7.68
CA LEU B 124 -8.64 -2.76 8.94
C LEU B 124 -9.21 -4.17 8.72
N GLY B 125 -8.36 -5.09 8.29
CA GLY B 125 -8.82 -6.44 7.95
C GLY B 125 -8.49 -6.68 6.49
N CYS B 126 -7.65 -7.68 6.24
CA CYS B 126 -7.09 -7.93 4.92
C CYS B 126 -7.50 -9.27 4.32
N GLY B 127 -8.71 -9.73 4.69
CA GLY B 127 -9.33 -10.89 4.09
C GLY B 127 -10.11 -10.53 2.83
N GLY B 128 -11.24 -11.21 2.62
CA GLY B 128 -12.01 -11.11 1.36
C GLY B 128 -12.31 -9.66 1.02
N ILE B 129 -12.85 -8.94 1.99
CA ILE B 129 -13.34 -7.57 1.76
C ILE B 129 -12.17 -6.61 1.57
N GLY B 130 -11.17 -6.68 2.45
CA GLY B 130 -9.99 -5.87 2.37
C GLY B 130 -9.27 -6.03 1.05
N ASN B 131 -9.10 -7.27 0.61
CA ASN B 131 -8.53 -7.55 -0.71
C ASN B 131 -9.21 -6.75 -1.79
N HIS B 132 -10.53 -6.92 -1.89
CA HIS B 132 -11.30 -6.30 -2.94
C HIS B 132 -11.41 -4.79 -2.80
N VAL B 133 -11.59 -4.30 -1.58
CA VAL B 133 -11.63 -2.87 -1.36
C VAL B 133 -10.30 -2.22 -1.68
N SER B 134 -9.21 -2.73 -1.12
CA SER B 134 -7.92 -2.11 -1.36
C SER B 134 -7.49 -2.06 -2.81
N VAL B 135 -7.80 -3.09 -3.60
CA VAL B 135 -7.44 -3.01 -5.01
C VAL B 135 -8.22 -1.91 -5.81
N ILE B 136 -9.53 -1.77 -5.55
CA ILE B 136 -10.32 -0.70 -6.12
C ILE B 136 -9.76 0.69 -5.75
N LEU B 137 -9.54 0.92 -4.44
CA LEU B 137 -8.98 2.15 -3.96
C LEU B 137 -7.62 2.46 -4.60
N ALA B 138 -6.74 1.47 -4.70
CA ALA B 138 -5.38 1.68 -5.23
C ALA B 138 -5.41 2.04 -6.72
N THR B 139 -6.23 1.33 -7.49
CA THR B 139 -6.24 1.57 -8.92
C THR B 139 -7.06 2.81 -9.26
N SER B 140 -7.87 3.27 -8.30
CA SER B 140 -8.60 4.52 -8.46
C SER B 140 -7.73 5.72 -8.07
N GLY B 141 -6.56 5.45 -7.52
CA GLY B 141 -5.59 6.52 -7.17
C GLY B 141 -5.74 7.09 -5.76
N ILE B 142 -6.36 6.35 -4.83
CA ILE B 142 -6.27 6.76 -3.40
C ILE B 142 -4.79 6.81 -3.01
N GLY B 143 -4.31 7.96 -2.51
CA GLY B 143 -2.87 8.22 -2.37
C GLY B 143 -2.04 7.37 -1.40
N GLU B 144 -2.65 7.00 -0.28
CA GLU B 144 -1.95 6.27 0.77
C GLU B 144 -2.92 5.24 1.30
N ILE B 145 -2.47 4.00 1.37
CA ILE B 145 -3.34 2.93 1.90
C ILE B 145 -2.62 2.20 3.01
N ILE B 146 -3.27 2.12 4.17
CA ILE B 146 -2.66 1.44 5.31
C ILE B 146 -3.33 0.09 5.57
N LEU B 147 -2.56 -0.98 5.35
CA LEU B 147 -3.04 -2.35 5.47
C LEU B 147 -2.81 -2.92 6.86
N ILE B 148 -3.90 -3.31 7.52
CA ILE B 148 -3.80 -3.80 8.89
C ILE B 148 -4.32 -5.24 9.06
N ASP B 149 -3.41 -6.16 9.39
CA ASP B 149 -3.73 -7.59 9.53
C ASP B 149 -2.45 -8.28 10.03
N ASN B 150 -2.65 -9.30 10.84
CA ASN B 150 -1.55 -10.10 11.31
C ASN B 150 -1.63 -11.55 10.84
N ASP B 151 -2.49 -11.78 9.86
CA ASP B 151 -2.73 -13.12 9.39
C ASP B 151 -1.85 -13.55 8.23
N GLN B 152 -1.65 -14.86 8.16
CA GLN B 152 -0.96 -15.50 7.05
C GLN B 152 -1.99 -16.01 6.06
N ILE B 153 -1.59 -16.09 4.80
CA ILE B 153 -2.45 -16.56 3.73
C ILE B 153 -2.57 -18.08 3.84
N GLU B 154 -3.80 -18.59 3.73
CA GLU B 154 -4.03 -20.06 3.59
C GLU B 154 -4.64 -20.41 2.22
N ASN B 155 -4.45 -21.66 1.79
CA ASN B 155 -4.97 -22.18 0.51
C ASN B 155 -6.49 -22.01 0.41
N THR B 156 -7.11 -21.93 1.57
CA THR B 156 -8.54 -21.72 1.70
C THR B 156 -8.99 -20.28 1.42
N ASN B 157 -8.05 -19.34 1.46
CA ASN B 157 -8.36 -17.93 1.24
C ASN B 157 -8.70 -17.67 -0.21
N LEU B 158 -8.29 -18.57 -1.10
CA LEU B 158 -8.09 -18.17 -2.49
C LEU B 158 -9.41 -17.97 -3.19
N THR B 159 -10.45 -18.59 -2.65
CA THR B 159 -11.81 -18.49 -3.16
C THR B 159 -12.36 -17.06 -3.35
N ARG B 160 -11.86 -16.11 -2.56
CA ARG B 160 -12.39 -14.72 -2.53
C ARG B 160 -11.32 -13.65 -2.30
N GLN B 161 -10.14 -14.08 -1.82
CA GLN B 161 -9.04 -13.12 -1.58
C GLN B 161 -8.22 -13.06 -2.86
N VAL B 162 -8.76 -12.25 -3.77
CA VAL B 162 -8.39 -12.19 -5.18
C VAL B 162 -6.92 -11.80 -5.46
N LEU B 163 -6.25 -11.12 -4.54
CA LEU B 163 -4.90 -10.68 -4.79
C LEU B 163 -3.90 -11.81 -4.54
N PHE B 164 -4.36 -12.85 -3.84
CA PHE B 164 -3.54 -14.00 -3.40
C PHE B 164 -3.50 -15.14 -4.39
N SER B 165 -2.35 -15.80 -4.40
CA SER B 165 -2.06 -16.87 -5.30
C SER B 165 -1.60 -18.12 -4.52
N GLU B 166 -1.62 -19.29 -5.15
CA GLU B 166 -1.11 -20.50 -4.48
C GLU B 166 0.34 -20.31 -3.99
N ASP B 167 1.12 -19.53 -4.74
CA ASP B 167 2.54 -19.26 -4.40
C ASP B 167 2.74 -18.39 -3.15
N ASP B 168 1.68 -17.70 -2.77
CA ASP B 168 1.65 -16.79 -1.62
C ASP B 168 1.21 -17.48 -0.34
N VAL B 169 0.78 -18.73 -0.43
CA VAL B 169 0.29 -19.44 0.74
C VAL B 169 1.43 -19.51 1.75
N GLY B 170 1.20 -18.98 2.96
CA GLY B 170 2.20 -18.99 4.01
C GLY B 170 2.79 -17.63 4.35
N LYS B 171 2.73 -16.70 3.39
CA LYS B 171 3.24 -15.33 3.57
C LYS B 171 2.21 -14.49 4.31
N ASN B 172 2.60 -13.31 4.79
CA ASN B 172 1.69 -12.38 5.46
C ASN B 172 0.82 -11.68 4.43
N LYS B 173 -0.47 -11.56 4.75
CA LYS B 173 -1.45 -10.94 3.88
C LYS B 173 -1.05 -9.50 3.54
N THR B 174 -0.71 -8.71 4.57
CA THR B 174 -0.30 -7.31 4.31
C THR B 174 0.84 -7.21 3.30
N GLU B 175 1.83 -8.09 3.42
CA GLU B 175 3.03 -8.03 2.58
C GLU B 175 2.70 -8.30 1.11
N VAL B 176 1.86 -9.31 0.92
CA VAL B 176 1.46 -9.72 -0.40
C VAL B 176 0.46 -8.73 -1.05
N ILE B 177 -0.48 -8.21 -0.25
CA ILE B 177 -1.35 -7.16 -0.75
C ILE B 177 -0.53 -5.98 -1.24
N LYS B 178 0.43 -5.54 -0.42
CA LYS B 178 1.27 -4.41 -0.75
C LYS B 178 1.96 -4.64 -2.09
N ARG B 179 2.63 -5.77 -2.23
CA ARG B 179 3.27 -6.12 -3.51
C ARG B 179 2.30 -6.02 -4.69
N GLU B 180 1.10 -6.56 -4.52
CA GLU B 180 0.13 -6.65 -5.61
C GLU B 180 -0.57 -5.33 -5.91
N LEU B 181 -0.82 -4.53 -4.88
CA LEU B 181 -1.31 -3.17 -5.08
C LEU B 181 -0.24 -2.35 -5.85
N LEU B 182 1.00 -2.44 -5.39
CA LEU B 182 2.08 -1.71 -6.06
C LEU B 182 2.34 -2.19 -7.49
N LYS B 183 2.11 -3.47 -7.80
CA LYS B 183 2.23 -3.95 -9.20
C LYS B 183 1.23 -3.25 -10.10
N ARG B 184 0.13 -2.81 -9.49
CA ARG B 184 -1.03 -2.35 -10.22
C ARG B 184 -1.08 -0.84 -10.29
N ASN B 185 -0.56 -0.18 -9.25
CA ASN B 185 -0.38 1.28 -9.29
C ASN B 185 0.87 1.66 -8.53
N SER B 186 1.94 1.92 -9.27
CA SER B 186 3.20 2.20 -8.63
C SER B 186 3.24 3.64 -8.12
N GLU B 187 2.20 4.41 -8.42
CA GLU B 187 2.18 5.83 -8.06
C GLU B 187 1.80 6.08 -6.60
N ILE B 188 1.25 5.10 -5.93
CA ILE B 188 0.68 5.30 -4.58
C ILE B 188 1.66 4.88 -3.48
N SER B 189 1.29 5.13 -2.23
CA SER B 189 2.06 4.58 -1.13
C SER B 189 1.24 3.61 -0.32
N VAL B 190 1.86 2.49 0.02
CA VAL B 190 1.19 1.50 0.83
C VAL B 190 2.00 1.23 2.10
N SER B 191 1.29 1.14 3.22
CA SER B 191 1.82 0.84 4.55
C SER B 191 1.24 -0.43 5.10
N GLU B 192 2.00 -1.09 5.97
CA GLU B 192 1.50 -2.29 6.64
C GLU B 192 1.68 -2.17 8.13
N ILE B 193 0.67 -2.65 8.86
CA ILE B 193 0.74 -2.80 10.29
C ILE B 193 0.40 -4.26 10.62
N ALA B 194 1.33 -4.95 11.26
CA ALA B 194 1.17 -6.36 11.60
C ALA B 194 0.38 -6.47 12.89
N LEU B 195 -0.94 -6.41 12.77
CA LEU B 195 -1.81 -6.28 13.93
C LEU B 195 -3.19 -6.85 13.62
N ASN B 196 -3.68 -7.70 14.53
CA ASN B 196 -5.10 -8.08 14.61
C ASN B 196 -5.68 -7.40 15.86
N ILE B 197 -6.95 -7.00 15.80
CA ILE B 197 -7.60 -6.41 16.97
C ILE B 197 -8.16 -7.54 17.78
N ASN B 198 -7.47 -7.90 18.86
CA ASN B 198 -7.96 -8.90 19.79
C ASN B 198 -8.45 -8.28 21.10
N ASP B 199 -8.17 -6.98 21.29
CA ASP B 199 -8.69 -6.21 22.43
C ASP B 199 -9.00 -4.78 21.95
N TYR B 200 -9.96 -4.12 22.59
CA TYR B 200 -10.30 -2.74 22.26
C TYR B 200 -9.04 -1.86 22.21
N THR B 201 -8.17 -2.05 23.19
CA THR B 201 -6.93 -1.30 23.37
C THR B 201 -6.02 -1.31 22.12
N ASP B 202 -6.16 -2.36 21.31
CA ASP B 202 -5.35 -2.49 20.09
C ASP B 202 -5.72 -1.47 19.02
N LEU B 203 -6.89 -0.85 19.15
CA LEU B 203 -7.35 0.14 18.17
C LEU B 203 -6.53 1.44 18.20
N HIS B 204 -5.82 1.67 19.30
CA HIS B 204 -4.96 2.83 19.42
C HIS B 204 -3.71 2.71 18.49
N LYS B 205 -3.40 1.51 18.03
CA LYS B 205 -2.26 1.28 17.15
C LYS B 205 -2.64 1.61 15.72
N VAL B 206 -3.94 1.80 15.50
CA VAL B 206 -4.44 2.08 14.15
C VAL B 206 -4.41 3.63 13.95
N PRO B 207 -3.70 4.10 12.92
CA PRO B 207 -3.54 5.53 12.74
C PRO B 207 -4.79 6.21 12.22
N GLU B 208 -4.89 7.50 12.53
CA GLU B 208 -5.82 8.48 11.95
C GLU B 208 -5.80 8.36 10.41
N ALA B 209 -6.99 8.40 9.79
CA ALA B 209 -7.10 8.45 8.33
C ALA B 209 -8.35 9.25 7.92
N ASP B 210 -8.48 9.49 6.62
CA ASP B 210 -9.72 10.06 6.08
C ASP B 210 -10.92 9.17 6.45
N ILE B 211 -10.74 7.85 6.35
CA ILE B 211 -11.77 6.87 6.64
C ILE B 211 -11.12 5.53 6.96
N TRP B 212 -11.71 4.76 7.87
CA TRP B 212 -11.30 3.38 8.10
C TRP B 212 -12.29 2.48 7.44
N VAL B 213 -11.82 1.47 6.69
CA VAL B 213 -12.69 0.47 6.09
C VAL B 213 -12.58 -0.74 7.02
N VAL B 214 -13.69 -1.07 7.69
CA VAL B 214 -13.65 -2.07 8.73
C VAL B 214 -14.33 -3.34 8.25
N SER B 215 -13.58 -4.43 8.27
CA SER B 215 -14.17 -5.69 7.86
C SER B 215 -13.42 -6.91 8.38
N ALA B 216 -13.33 -7.11 9.70
CA ALA B 216 -12.77 -8.41 10.15
C ALA B 216 -13.83 -9.30 10.80
N ASP B 217 -13.87 -10.59 10.42
CA ASP B 217 -14.89 -11.55 10.89
C ASP B 217 -14.92 -11.66 12.40
N HIS B 218 -13.73 -11.68 13.00
CA HIS B 218 -13.57 -11.84 14.44
C HIS B 218 -12.71 -10.69 15.02
N PRO B 219 -12.85 -10.38 16.32
CA PRO B 219 -13.83 -10.89 17.29
C PRO B 219 -15.25 -10.50 16.89
N PHE B 220 -16.22 -11.30 17.31
CA PHE B 220 -17.62 -11.06 16.93
C PHE B 220 -18.04 -9.58 17.16
N ASN B 221 -17.48 -8.93 18.17
CA ASN B 221 -17.87 -7.57 18.52
C ASN B 221 -16.82 -6.51 18.10
N LEU B 222 -16.10 -6.80 17.02
CA LEU B 222 -15.04 -5.90 16.58
C LEU B 222 -15.63 -4.57 16.18
N ILE B 223 -16.75 -4.61 15.45
CA ILE B 223 -17.40 -3.41 14.99
C ILE B 223 -17.93 -2.54 16.14
N ASN B 224 -18.33 -3.16 17.26
CA ASN B 224 -18.75 -2.41 18.45
C ASN B 224 -17.55 -1.65 19.06
N TRP B 225 -16.37 -2.30 19.13
CA TRP B 225 -15.14 -1.65 19.60
C TRP B 225 -14.69 -0.53 18.66
N VAL B 226 -14.76 -0.80 17.36
CA VAL B 226 -14.38 0.17 16.35
C VAL B 226 -15.30 1.39 16.40
N ASN B 227 -16.60 1.12 16.53
CA ASN B 227 -17.57 2.16 16.58
C ASN B 227 -17.26 3.09 17.71
N LYS B 228 -17.09 2.51 18.89
CA LYS B 228 -16.81 3.25 20.11
C LYS B 228 -15.49 4.00 20.02
N TYR B 229 -14.46 3.35 19.49
CA TYR B 229 -13.16 4.04 19.36
C TYR B 229 -13.28 5.25 18.41
N CYS B 230 -14.04 5.08 17.35
CA CYS B 230 -14.09 6.05 16.26
C CYS B 230 -14.93 7.27 16.60
N VAL B 231 -15.99 7.05 17.38
CA VAL B 231 -16.80 8.15 17.90
C VAL B 231 -15.94 9.03 18.81
N ARG B 232 -15.19 8.40 19.73
CA ARG B 232 -14.32 9.15 20.64
C ARG B 232 -13.14 9.82 19.90
N ALA B 233 -12.66 9.18 18.84
CA ALA B 233 -11.52 9.72 18.11
C ALA B 233 -11.97 10.67 16.97
N ASN B 234 -13.28 10.77 16.73
CA ASN B 234 -13.87 11.53 15.60
C ASN B 234 -13.35 11.01 14.26
N GLN B 235 -13.36 9.67 14.13
CA GLN B 235 -12.73 8.98 13.00
C GLN B 235 -13.85 8.41 12.11
N PRO B 236 -14.00 8.95 10.87
CA PRO B 236 -14.92 8.29 9.95
C PRO B 236 -14.51 6.83 9.69
N TYR B 237 -15.50 5.96 9.51
CA TYR B 237 -15.26 4.56 9.21
C TYR B 237 -16.46 4.06 8.43
N ILE B 238 -16.24 2.99 7.65
CA ILE B 238 -17.35 2.31 7.02
C ILE B 238 -17.20 0.80 7.28
N ASN B 239 -18.31 0.15 7.58
CA ASN B 239 -18.36 -1.31 7.78
C ASN B 239 -18.86 -2.03 6.54
N ALA B 240 -18.31 -3.20 6.26
CA ALA B 240 -18.78 -4.02 5.15
C ALA B 240 -18.49 -5.45 5.53
N GLY B 241 -19.28 -6.36 4.96
CA GLY B 241 -19.16 -7.80 5.26
C GLY B 241 -20.41 -8.46 4.74
N TYR B 242 -20.89 -9.47 5.44
CA TYR B 242 -21.99 -10.26 4.95
C TYR B 242 -22.57 -10.98 6.13
N VAL B 243 -23.84 -11.36 5.98
CA VAL B 243 -24.50 -12.22 6.92
C VAL B 243 -24.93 -13.39 6.04
N ASN B 244 -24.10 -14.43 6.08
CA ASN B 244 -24.18 -15.55 5.17
C ASN B 244 -24.35 -15.03 3.73
N ASP B 245 -25.46 -15.36 3.07
CA ASP B 245 -25.70 -15.00 1.66
C ASP B 245 -26.13 -13.55 1.43
N ILE B 246 -26.18 -12.74 2.48
CA ILE B 246 -26.57 -11.32 2.27
C ILE B 246 -25.35 -10.46 2.37
N ALA B 247 -24.99 -9.78 1.28
CA ALA B 247 -23.99 -8.70 1.26
C ALA B 247 -24.38 -7.49 2.09
N VAL B 248 -23.46 -7.01 2.91
CA VAL B 248 -23.78 -5.87 3.80
C VAL B 248 -22.74 -4.78 3.70
N PHE B 249 -23.18 -3.55 3.52
CA PHE B 249 -22.26 -2.44 3.72
C PHE B 249 -22.96 -1.28 4.40
N GLY B 250 -22.19 -0.41 5.03
CA GLY B 250 -22.79 0.57 5.87
C GLY B 250 -22.83 0.09 7.33
N PRO B 251 -22.96 1.02 8.29
CA PRO B 251 -23.07 2.47 8.06
C PRO B 251 -21.73 3.09 7.68
N LEU B 252 -21.79 4.29 7.12
CA LEU B 252 -20.64 5.08 6.89
C LEU B 252 -20.85 6.07 8.01
N TYR B 253 -19.98 5.99 9.00
CA TYR B 253 -20.09 6.86 10.17
C TYR B 253 -19.31 8.12 9.89
N VAL B 254 -19.98 9.25 10.08
CA VAL B 254 -19.35 10.58 9.91
C VAL B 254 -19.63 11.43 11.15
N PRO B 255 -18.58 11.72 11.93
CA PRO B 255 -18.63 12.45 13.20
C PRO B 255 -19.46 13.71 13.06
N GLY B 256 -20.40 13.91 13.99
CA GLY B 256 -21.29 15.07 13.99
C GLY B 256 -22.36 15.06 12.93
N LYS B 257 -22.30 14.13 11.99
CA LYS B 257 -23.20 14.14 10.84
C LYS B 257 -24.19 12.98 10.75
N THR B 258 -23.73 11.76 11.04
CA THR B 258 -24.59 10.58 10.99
C THR B 258 -24.85 10.02 12.39
N GLY B 259 -25.76 9.05 12.49
CA GLY B 259 -25.87 8.22 13.68
C GLY B 259 -24.69 7.24 13.67
N CYS B 260 -24.47 6.58 14.81
CA CYS B 260 -23.40 5.60 14.92
C CYS B 260 -24.01 4.17 14.83
N TYR B 261 -23.16 3.15 14.87
CA TYR B 261 -23.59 1.75 14.75
C TYR B 261 -24.57 1.36 15.86
N GLU B 262 -24.56 2.10 16.96
CA GLU B 262 -25.36 1.77 18.15
C GLU B 262 -26.61 2.63 18.28
N CYS B 263 -26.81 3.57 17.36
CA CYS B 263 -27.89 4.54 17.52
C CYS B 263 -29.29 3.97 17.48
N GLN B 264 -29.60 3.26 16.39
CA GLN B 264 -30.96 2.74 16.20
C GLN B 264 -31.18 1.38 16.85
N LYS B 265 -30.09 0.77 17.32
CA LYS B 265 -30.19 -0.38 18.19
C LYS B 265 -28.88 -0.65 18.92
N LYS B 275 -32.73 -15.91 32.04
CA LYS B 275 -32.82 -17.36 31.99
C LYS B 275 -31.41 -17.97 31.93
N GLU B 276 -31.14 -18.91 32.82
CA GLU B 276 -29.78 -19.43 33.04
C GLU B 276 -29.29 -20.39 31.94
N ASN B 277 -29.99 -21.52 31.81
CA ASN B 277 -29.60 -22.62 30.93
C ASN B 277 -29.58 -22.26 29.44
N ILE B 278 -30.50 -21.39 29.04
CA ILE B 278 -30.63 -21.00 27.64
C ILE B 278 -29.47 -20.12 27.17
N ASP B 279 -29.25 -19.00 27.87
CA ASP B 279 -28.12 -18.13 27.59
C ASP B 279 -26.82 -18.92 27.45
N HIS B 280 -26.68 -19.97 28.25
CA HIS B 280 -25.56 -20.89 28.10
C HIS B 280 -25.57 -21.57 26.71
N LYS B 281 -26.68 -22.21 26.36
CA LYS B 281 -26.87 -22.89 25.07
C LYS B 281 -26.72 -21.96 23.88
N ILE B 282 -27.32 -20.78 23.97
CA ILE B 282 -27.21 -19.73 22.96
C ILE B 282 -25.74 -19.38 22.72
N LYS B 283 -24.97 -19.35 23.81
CA LYS B 283 -23.58 -18.90 23.78
C LYS B 283 -22.70 -19.94 23.15
N LEU B 284 -22.94 -21.20 23.51
CA LEU B 284 -22.23 -22.31 22.88
C LEU B 284 -22.45 -22.37 21.36
N ILE B 285 -23.70 -22.33 20.90
CA ILE B 285 -24.05 -22.41 19.47
C ILE B 285 -23.39 -21.30 18.69
N ASN B 286 -23.57 -20.07 19.17
CA ASN B 286 -23.09 -18.86 18.54
C ASN B 286 -21.56 -18.79 18.47
N SER B 287 -20.90 -19.43 19.42
CA SER B 287 -19.44 -19.48 19.45
C SER B 287 -18.84 -20.47 18.44
N ARG B 288 -19.66 -21.39 17.93
CA ARG B 288 -19.24 -22.30 16.86
C ARG B 288 -19.47 -21.68 15.48
N PHE B 289 -19.96 -20.46 15.45
CA PHE B 289 -20.42 -19.87 14.23
C PHE B 289 -19.31 -19.65 13.20
N LYS B 290 -19.54 -20.12 11.98
CA LYS B 290 -18.72 -19.78 10.83
C LYS B 290 -19.61 -19.30 9.69
N PRO B 291 -19.24 -18.19 9.07
CA PRO B 291 -20.13 -17.68 8.04
C PRO B 291 -20.10 -18.53 6.76
N ALA B 292 -21.24 -18.59 6.09
CA ALA B 292 -21.29 -19.32 4.85
C ALA B 292 -20.76 -18.40 3.75
N THR B 293 -19.44 -18.17 3.74
CA THR B 293 -18.75 -17.28 2.74
C THR B 293 -19.01 -17.75 1.28
N PHE B 294 -19.13 -16.80 0.36
CA PHE B 294 -19.34 -17.08 -1.04
C PHE B 294 -18.79 -15.84 -1.78
N ALA B 295 -17.81 -16.01 -2.68
CA ALA B 295 -17.11 -14.85 -3.25
C ALA B 295 -18.05 -13.79 -3.85
N PRO B 296 -19.07 -14.24 -4.62
CA PRO B 296 -19.99 -13.23 -5.14
C PRO B 296 -20.54 -12.27 -4.08
N VAL B 297 -20.94 -12.80 -2.93
CA VAL B 297 -21.50 -11.98 -1.84
C VAL B 297 -20.43 -11.06 -1.27
N ASN B 298 -19.28 -11.64 -0.98
CA ASN B 298 -18.10 -10.85 -0.57
C ASN B 298 -17.82 -9.71 -1.57
N ASN B 299 -17.74 -10.03 -2.84
CA ASN B 299 -17.32 -9.03 -3.84
C ASN B 299 -18.33 -7.91 -3.96
N VAL B 300 -19.60 -8.23 -3.77
CA VAL B 300 -20.67 -7.19 -3.82
C VAL B 300 -20.55 -6.19 -2.66
N ALA B 301 -20.45 -6.71 -1.44
CA ALA B 301 -20.22 -5.88 -0.25
C ALA B 301 -19.01 -4.96 -0.42
N ALA B 302 -17.90 -5.55 -0.85
CA ALA B 302 -16.65 -4.85 -1.03
C ALA B 302 -16.74 -3.76 -2.12
N ALA B 303 -17.39 -4.08 -3.23
CA ALA B 303 -17.49 -3.12 -4.33
C ALA B 303 -18.28 -1.90 -3.93
N LEU B 304 -19.37 -2.12 -3.22
CA LEU B 304 -20.24 -0.99 -2.85
C LEU B 304 -19.73 -0.24 -1.65
N CYS B 305 -19.01 -0.95 -0.77
CA CYS B 305 -18.15 -0.27 0.21
C CYS B 305 -17.12 0.66 -0.45
N ALA B 306 -16.35 0.16 -1.42
CA ALA B 306 -15.33 0.96 -2.09
C ALA B 306 -15.98 2.14 -2.84
N ALA B 307 -17.17 1.95 -3.40
CA ALA B 307 -17.84 3.06 -4.08
C ALA B 307 -18.16 4.18 -3.04
N ASP B 308 -18.58 3.79 -1.85
CA ASP B 308 -18.91 4.80 -0.86
C ASP B 308 -17.69 5.58 -0.34
N VAL B 309 -16.55 4.87 -0.21
CA VAL B 309 -15.28 5.47 0.15
C VAL B 309 -14.85 6.50 -0.91
N ILE B 310 -14.83 6.11 -2.19
CA ILE B 310 -14.47 7.01 -3.28
C ILE B 310 -15.39 8.22 -3.30
N LYS B 311 -16.70 7.99 -3.11
CA LYS B 311 -17.63 9.13 -3.04
C LYS B 311 -17.43 10.00 -1.80
N PHE B 312 -17.21 9.35 -0.67
CA PHE B 312 -16.94 10.05 0.57
C PHE B 312 -15.72 10.94 0.41
N ILE B 313 -14.62 10.44 -0.16
CA ILE B 313 -13.41 11.26 -0.26
C ILE B 313 -13.53 12.24 -1.44
N GLY B 314 -14.06 11.78 -2.57
CA GLY B 314 -14.10 12.56 -3.82
C GLY B 314 -15.17 13.63 -3.81
N LYS B 315 -16.16 13.46 -2.92
CA LYS B 315 -17.17 14.48 -2.66
C LYS B 315 -17.94 14.87 -3.91
N TYR B 316 -18.18 13.92 -4.82
CA TYR B 316 -18.91 14.24 -6.06
C TYR B 316 -20.35 13.70 -6.07
N SER B 317 -20.65 12.85 -5.09
CA SER B 317 -21.94 12.21 -4.98
C SER B 317 -22.10 11.77 -3.53
N GLU B 318 -23.34 11.70 -3.05
CA GLU B 318 -23.62 11.22 -1.69
C GLU B 318 -23.35 9.73 -1.54
N PRO B 319 -22.50 9.33 -0.58
CA PRO B 319 -22.39 7.88 -0.33
C PRO B 319 -23.77 7.27 0.02
N LEU B 320 -24.05 6.08 -0.46
CA LEU B 320 -25.29 5.40 -0.20
C LEU B 320 -25.51 5.07 1.26
N SER B 321 -24.46 4.72 1.99
CA SER B 321 -24.62 4.15 3.33
C SER B 321 -24.51 5.19 4.44
N LEU B 322 -24.56 6.47 4.08
CA LEU B 322 -24.74 7.51 5.10
C LEU B 322 -26.00 7.23 5.89
N ASN B 323 -25.86 6.97 7.21
CA ASN B 323 -27.04 6.69 8.07
C ASN B 323 -27.78 5.39 7.77
N LYS B 324 -27.11 4.45 7.08
CA LYS B 324 -27.78 3.27 6.57
C LYS B 324 -26.90 2.06 6.58
N ARG B 325 -27.48 0.96 7.01
CA ARG B 325 -26.87 -0.35 6.82
C ARG B 325 -27.64 -1.02 5.70
N ILE B 326 -26.95 -1.36 4.63
CA ILE B 326 -27.62 -1.87 3.44
C ILE B 326 -27.31 -3.37 3.17
N GLY B 327 -28.36 -4.15 2.93
CA GLY B 327 -28.21 -5.56 2.58
C GLY B 327 -28.63 -5.78 1.14
N ILE B 328 -27.78 -6.47 0.39
CA ILE B 328 -28.19 -6.98 -0.94
C ILE B 328 -28.31 -8.53 -0.90
N TRP B 329 -29.47 -9.08 -1.20
CA TRP B 329 -29.68 -10.52 -1.15
C TRP B 329 -29.02 -11.18 -2.35
N SER B 330 -28.69 -12.44 -2.20
CA SER B 330 -28.08 -13.15 -3.31
C SER B 330 -28.98 -14.26 -3.74
N ASP B 331 -29.92 -14.65 -2.90
CA ASP B 331 -30.85 -15.70 -3.35
C ASP B 331 -32.25 -15.16 -3.72
N GLU B 332 -32.39 -13.84 -3.67
CA GLU B 332 -33.63 -13.19 -4.03
C GLU B 332 -33.16 -11.95 -4.71
N ILE B 333 -34.02 -11.34 -5.50
CA ILE B 333 -33.80 -10.02 -6.06
C ILE B 333 -34.28 -9.00 -5.05
N LYS B 334 -33.35 -8.44 -4.26
CA LYS B 334 -33.72 -7.70 -3.06
C LYS B 334 -32.56 -6.89 -2.47
N ILE B 335 -32.84 -5.60 -2.25
CA ILE B 335 -31.92 -4.75 -1.49
C ILE B 335 -32.79 -4.18 -0.38
N HIS B 336 -32.27 -4.13 0.83
CA HIS B 336 -33.02 -3.57 1.93
C HIS B 336 -32.09 -2.76 2.79
N SER B 337 -32.64 -1.66 3.27
CA SER B 337 -31.87 -0.65 3.95
C SER B 337 -32.35 -0.58 5.41
N GLN B 338 -31.43 -0.58 6.37
CA GLN B 338 -31.82 -0.28 7.77
C GLN B 338 -31.33 1.08 8.20
N ASN B 339 -32.24 1.87 8.76
CA ASN B 339 -31.99 3.26 9.15
C ASN B 339 -31.09 3.29 10.41
N MET B 340 -29.99 4.03 10.32
CA MET B 340 -29.04 4.18 11.43
C MET B 340 -28.87 5.66 11.72
N GLY B 341 -29.96 6.42 11.71
CA GLY B 341 -29.90 7.88 12.00
C GLY B 341 -29.54 8.15 13.45
N ARG B 342 -29.11 9.37 13.77
CA ARG B 342 -28.69 9.75 15.14
C ARG B 342 -29.80 9.53 16.13
N SER B 343 -29.44 9.09 17.32
CA SER B 343 -30.39 8.92 18.40
C SER B 343 -29.89 9.77 19.60
N PRO B 344 -30.72 10.71 20.09
CA PRO B 344 -30.36 11.42 21.35
C PRO B 344 -29.99 10.50 22.52
N VAL B 345 -30.55 9.31 22.56
CA VAL B 345 -30.43 8.39 23.70
C VAL B 345 -29.32 7.32 23.53
N CYS B 346 -28.60 7.38 22.40
CA CYS B 346 -27.54 6.40 22.10
C CYS B 346 -26.51 6.22 23.21
N SER B 347 -26.22 4.96 23.53
CA SER B 347 -25.33 4.60 24.64
C SER B 347 -23.86 4.97 24.42
N VAL B 348 -23.48 5.09 23.14
CA VAL B 348 -22.14 5.50 22.71
C VAL B 348 -22.04 7.03 22.40
N CYS B 349 -22.89 7.55 21.53
CA CYS B 349 -22.89 8.99 21.20
C CYS B 349 -24.10 9.76 21.74
N GLY B 350 -24.34 10.96 21.24
CA GLY B 350 -25.49 11.77 21.72
C GLY B 350 -25.65 12.01 23.22
N MET C 4 8.11 41.29 -11.59
CA MET C 4 8.73 40.14 -10.85
C MET C 4 9.18 39.02 -11.80
N ASP C 5 10.49 38.81 -11.83
CA ASP C 5 11.11 37.73 -12.60
C ASP C 5 10.82 36.34 -12.02
N TYR C 6 10.84 35.34 -12.90
CA TYR C 6 10.92 33.94 -12.52
C TYR C 6 12.16 33.30 -13.17
N ILE C 7 12.60 32.16 -12.65
CA ILE C 7 13.81 31.51 -13.16
C ILE C 7 13.66 30.00 -13.04
N LEU C 8 14.16 29.28 -14.03
CA LEU C 8 14.14 27.83 -14.03
C LEU C 8 15.16 27.30 -13.00
N GLY C 9 14.70 26.45 -12.09
CA GLY C 9 15.59 25.82 -11.12
C GLY C 9 16.62 24.93 -11.78
N ARG C 10 17.85 24.98 -11.28
CA ARG C 10 18.93 24.18 -11.85
C ARG C 10 18.78 22.68 -11.54
N TYR C 11 17.94 22.35 -10.56
CA TYR C 11 17.67 20.97 -10.22
C TYR C 11 16.60 20.32 -11.16
N VAL C 12 16.14 21.01 -12.19
CA VAL C 12 15.20 20.35 -13.10
C VAL C 12 15.90 19.73 -14.30
N LYS C 13 15.49 18.51 -14.62
CA LYS C 13 15.97 17.83 -15.80
C LYS C 13 14.80 17.30 -16.59
N ILE C 14 15.08 16.84 -17.80
CA ILE C 14 14.05 16.51 -18.78
C ILE C 14 14.49 15.30 -19.61
N ALA C 15 13.58 14.33 -19.78
CA ALA C 15 13.84 13.18 -20.67
C ALA C 15 12.65 12.84 -21.57
N ARG C 16 12.92 12.49 -22.83
CA ARG C 16 11.92 11.85 -23.69
C ARG C 16 11.63 10.48 -23.09
N TYR C 17 10.37 10.25 -22.69
CA TYR C 17 9.98 8.97 -22.09
C TYR C 17 8.59 8.53 -22.52
N GLY C 18 8.41 7.21 -22.67
CA GLY C 18 7.15 6.65 -23.11
C GLY C 18 6.60 7.42 -24.29
N SER C 19 5.41 8.01 -24.10
CA SER C 19 4.72 8.75 -25.17
C SER C 19 5.09 10.24 -25.18
N GLY C 20 5.39 10.78 -24.00
CA GLY C 20 5.81 12.17 -23.88
C GLY C 20 7.21 12.28 -23.30
N GLY C 21 7.28 12.74 -22.06
CA GLY C 21 8.54 12.77 -21.34
C GLY C 21 8.38 13.00 -19.86
N LEU C 22 9.51 13.06 -19.15
CA LEU C 22 9.55 13.37 -17.71
C LEU C 22 10.04 14.79 -17.49
N VAL C 23 9.50 15.46 -16.49
CA VAL C 23 9.99 16.78 -16.12
C VAL C 23 10.38 16.78 -14.62
N GLY C 24 11.58 17.23 -14.31
CA GLY C 24 12.09 17.22 -12.94
C GLY C 24 12.63 15.86 -12.51
N GLY C 25 13.14 15.77 -11.29
CA GLY C 25 13.80 14.55 -10.81
C GLY C 25 13.63 14.40 -9.32
N GLY C 26 13.80 13.18 -8.82
CA GLY C 26 13.51 12.90 -7.43
C GLY C 26 12.01 12.83 -7.22
N GLY C 27 11.55 13.22 -6.04
CA GLY C 27 10.16 13.01 -5.65
C GLY C 27 9.16 13.81 -6.44
N LYS C 28 9.59 14.92 -7.02
CA LYS C 28 8.68 15.81 -7.74
C LYS C 28 8.61 15.49 -9.23
N GLU C 29 9.35 14.47 -9.65
CA GLU C 29 9.41 14.04 -11.04
C GLU C 29 8.00 13.78 -11.60
N GLN C 30 7.70 14.44 -12.72
CA GLN C 30 6.38 14.37 -13.37
C GLN C 30 6.43 13.71 -14.74
N TYR C 31 5.64 12.66 -14.92
CA TYR C 31 5.53 12.02 -16.22
C TYR C 31 4.34 12.64 -16.95
N VAL C 32 4.63 13.37 -18.02
CA VAL C 32 3.59 13.90 -18.88
C VAL C 32 3.47 13.04 -20.13
N GLU C 33 2.30 12.40 -20.25
CA GLU C 33 2.02 11.46 -21.32
C GLU C 33 1.82 12.14 -22.69
N ASN C 34 1.30 13.37 -22.69
CA ASN C 34 1.04 14.10 -23.94
C ASN C 34 2.29 14.74 -24.55
N LEU C 35 2.72 14.24 -25.72
CA LEU C 35 3.95 14.71 -26.36
C LEU C 35 3.92 16.21 -26.57
N VAL C 36 2.84 16.69 -27.20
CA VAL C 36 2.68 18.12 -27.49
C VAL C 36 2.69 18.97 -26.21
N LEU C 37 2.16 18.41 -25.12
CA LEU C 37 2.19 19.10 -23.84
C LEU C 37 3.60 19.18 -23.27
N TRP C 38 4.24 18.02 -23.14
CA TRP C 38 5.64 17.94 -22.74
C TRP C 38 6.50 18.90 -23.57
N GLU C 39 6.35 18.84 -24.90
CA GLU C 39 7.09 19.72 -25.80
C GLU C 39 6.88 21.20 -25.46
N ASN C 40 5.63 21.59 -25.22
CA ASN C 40 5.31 22.96 -24.84
C ASN C 40 5.89 23.37 -23.49
N ILE C 41 5.92 22.42 -22.55
CA ILE C 41 6.45 22.65 -21.21
C ILE C 41 7.94 23.00 -21.31
N ILE C 42 8.66 22.34 -22.20
CA ILE C 42 10.07 22.61 -22.31
C ILE C 42 10.35 23.93 -23.05
N LYS C 43 9.52 24.25 -24.04
CA LYS C 43 9.63 25.54 -24.74
C LYS C 43 9.42 26.69 -23.76
N THR C 44 8.47 26.51 -22.84
CA THR C 44 8.19 27.49 -21.83
C THR C 44 9.31 27.53 -20.79
N ALA C 45 9.69 26.36 -20.27
CA ALA C 45 10.82 26.26 -19.31
C ALA C 45 12.03 27.01 -19.85
N TYR C 46 12.38 26.73 -21.10
CA TYR C 46 13.52 27.33 -21.76
C TYR C 46 13.52 28.85 -21.68
N CYS C 47 12.34 29.46 -21.79
CA CYS C 47 12.19 30.93 -21.66
C CYS C 47 12.56 31.52 -20.29
N PHE C 48 12.60 30.66 -19.27
CA PHE C 48 12.91 31.08 -17.90
C PHE C 48 14.31 30.67 -17.42
N ILE C 49 15.19 30.27 -18.33
CA ILE C 49 16.57 29.94 -17.92
C ILE C 49 17.21 31.20 -17.32
N THR C 50 16.83 32.32 -17.91
CA THR C 50 17.26 33.65 -17.56
C THR C 50 16.14 34.25 -16.71
N PRO C 51 16.50 35.02 -15.65
CA PRO C 51 15.44 35.51 -14.75
C PRO C 51 14.56 36.51 -15.52
N SER C 52 13.31 36.10 -15.74
CA SER C 52 12.41 36.84 -16.60
C SER C 52 11.01 36.91 -16.00
N SER C 53 10.42 38.11 -16.04
CA SER C 53 9.00 38.27 -15.73
C SER C 53 8.17 37.45 -16.74
N TYR C 54 6.93 37.11 -16.37
CA TYR C 54 6.06 36.28 -17.21
C TYR C 54 5.92 36.76 -18.68
N THR C 55 5.88 38.08 -18.89
CA THR C 55 5.61 38.63 -20.24
C THR C 55 6.88 38.91 -21.05
N ALA C 56 7.95 39.30 -20.37
CA ALA C 56 9.30 39.39 -20.94
C ALA C 56 9.73 38.00 -21.41
N ALA C 57 9.40 36.98 -20.64
CA ALA C 57 9.61 35.60 -21.06
C ALA C 57 8.60 35.21 -22.14
N LEU C 58 7.36 35.73 -22.03
CA LEU C 58 6.32 35.48 -23.04
C LEU C 58 6.65 36.05 -24.43
N GLU C 59 7.24 37.24 -24.47
CA GLU C 59 7.57 37.91 -25.74
C GLU C 59 8.70 37.19 -26.48
N THR C 60 9.17 36.11 -25.87
CA THR C 60 10.35 35.37 -26.29
C THR C 60 10.03 33.94 -26.78
N ALA C 61 8.80 33.46 -26.48
CA ALA C 61 8.41 32.11 -26.89
C ALA C 61 7.62 32.13 -28.18
N ASN C 62 7.41 30.95 -28.76
CA ASN C 62 6.71 30.85 -30.03
C ASN C 62 5.49 29.93 -29.97
N ILE C 63 4.81 29.96 -28.83
CA ILE C 63 3.57 29.18 -28.64
C ILE C 63 2.42 30.12 -28.24
N PRO C 64 1.15 29.66 -28.40
CA PRO C 64 0.00 30.47 -27.99
C PRO C 64 0.12 30.98 -26.54
N GLU C 65 -0.36 32.21 -26.31
CA GLU C 65 -0.31 32.86 -24.99
C GLU C 65 -1.00 32.04 -23.90
N LYS C 66 -2.16 31.46 -24.26
CA LYS C 66 -2.91 30.61 -23.35
C LYS C 66 -2.21 29.25 -23.10
N ASP C 67 -1.54 28.71 -24.12
CA ASP C 67 -0.73 27.49 -23.99
C ASP C 67 0.46 27.68 -23.04
N PHE C 68 1.10 28.85 -23.17
CA PHE C 68 2.15 29.30 -22.26
C PHE C 68 1.66 29.34 -20.80
N SER C 69 0.41 29.75 -20.58
CA SER C 69 -0.16 29.84 -19.22
C SER C 69 -0.37 28.48 -18.56
N ASN C 70 -0.88 27.51 -19.32
CA ASN C 70 -0.99 26.15 -18.84
C ASN C 70 0.38 25.62 -18.38
N CYS C 71 1.36 25.71 -19.29
CA CYS C 71 2.73 25.27 -19.01
C CYS C 71 3.42 26.05 -17.89
N PHE C 72 3.17 27.36 -17.83
CA PHE C 72 3.69 28.19 -16.75
C PHE C 72 3.04 27.79 -15.42
N ARG C 73 1.76 27.43 -15.46
CA ARG C 73 1.07 26.97 -14.26
C ARG C 73 1.70 25.68 -13.74
N PHE C 74 1.95 24.73 -14.64
CA PHE C 74 2.57 23.44 -14.30
C PHE C 74 3.96 23.65 -13.69
N LEU C 75 4.75 24.50 -14.31
CA LEU C 75 6.12 24.72 -13.85
C LEU C 75 6.16 25.38 -12.48
N LYS C 76 5.31 26.40 -12.31
CA LYS C 76 5.26 27.18 -11.08
C LYS C 76 4.73 26.35 -9.91
N GLU C 77 3.74 25.51 -10.18
CA GLU C 77 3.12 24.71 -9.12
C GLU C 77 4.01 23.61 -8.60
N ASN C 78 4.84 23.06 -9.49
CA ASN C 78 5.79 22.02 -9.13
C ASN C 78 7.12 22.56 -8.62
N PHE C 79 7.24 23.89 -8.58
CA PHE C 79 8.47 24.60 -8.16
C PHE C 79 9.67 24.37 -9.08
N PHE C 80 9.36 24.18 -10.36
CA PHE C 80 10.39 23.99 -11.38
C PHE C 80 10.88 25.34 -11.83
N ILE C 81 9.98 26.31 -11.90
CA ILE C 81 10.40 27.70 -11.97
C ILE C 81 10.09 28.39 -10.66
N ILE C 82 10.95 29.33 -10.29
CA ILE C 82 10.83 29.96 -9.00
C ILE C 82 11.03 31.47 -9.12
N PRO C 83 10.48 32.23 -8.13
CA PRO C 83 10.79 33.67 -8.08
C PRO C 83 12.30 33.92 -8.15
N GLY C 84 12.72 34.87 -8.99
CA GLY C 84 14.13 35.12 -9.26
C GLY C 84 14.88 35.63 -8.03
N GLU C 85 14.13 36.22 -7.09
CA GLU C 85 14.67 36.63 -5.80
C GLU C 85 15.26 35.43 -5.03
N TYR C 86 14.69 34.24 -5.23
CA TYR C 86 15.15 33.01 -4.54
C TYR C 86 16.55 32.56 -4.94
N ASN C 87 17.13 33.21 -5.93
CA ASN C 87 18.36 32.69 -6.50
C ASN C 87 19.66 33.49 -6.24
N ASN C 88 19.64 34.42 -5.29
CA ASN C 88 20.88 35.07 -4.80
C ASN C 88 21.50 34.42 -3.52
N SER C 89 22.22 33.32 -3.74
CA SER C 89 23.27 32.85 -2.83
C SER C 89 24.54 33.32 -3.54
N THR C 90 25.50 33.83 -2.77
CA THR C 90 26.70 34.49 -3.33
C THR C 90 27.41 33.65 -4.41
N GLU C 91 27.03 32.37 -4.48
CA GLU C 91 27.70 31.33 -5.30
C GLU C 91 29.01 30.85 -4.66
N ASN C 92 29.60 31.72 -3.82
CA ASN C 92 30.66 31.34 -2.87
C ASN C 92 30.01 31.08 -1.50
N ASN C 93 28.69 30.93 -1.51
CA ASN C 93 27.93 30.63 -0.30
C ASN C 93 27.99 29.13 -0.03
N ARG C 94 28.54 28.77 1.12
CA ARG C 94 28.71 27.35 1.50
C ARG C 94 27.43 26.52 1.32
N TYR C 95 26.29 27.12 1.59
CA TYR C 95 25.00 26.41 1.59
C TYR C 95 24.31 26.43 0.21
N SER C 96 25.07 26.71 -0.85
CA SER C 96 24.59 26.71 -2.24
C SER C 96 23.78 25.49 -2.64
N ARG C 97 24.33 24.29 -2.36
CA ARG C 97 23.69 23.00 -2.70
C ARG C 97 22.46 22.68 -1.85
N ASN C 98 22.49 23.14 -0.60
CA ASN C 98 21.32 23.18 0.28
C ASN C 98 20.22 24.13 -0.25
N PHE C 99 20.62 25.27 -0.81
CA PHE C 99 19.65 26.18 -1.40
C PHE C 99 18.81 25.52 -2.50
N LEU C 100 19.43 24.73 -3.38
CA LEU C 100 18.66 23.98 -4.42
C LEU C 100 17.56 23.10 -3.81
N HIS C 101 17.94 22.35 -2.76
CA HIS C 101 17.01 21.56 -1.97
C HIS C 101 15.79 22.40 -1.53
N TYR C 102 16.04 23.50 -0.82
CA TYR C 102 14.96 24.38 -0.35
C TYR C 102 14.07 24.94 -1.47
N GLN C 103 14.69 25.35 -2.58
CA GLN C 103 13.97 25.83 -3.76
C GLN C 103 13.00 24.82 -4.36
N SER C 104 13.44 23.57 -4.43
CA SER C 104 12.71 22.47 -5.05
C SER C 104 11.40 22.16 -4.26
N TYR C 105 11.32 22.66 -3.01
CA TYR C 105 10.15 22.57 -2.15
C TYR C 105 9.33 23.84 -2.13
N GLY C 106 9.68 24.79 -2.99
CA GLY C 106 8.94 26.04 -3.09
C GLY C 106 9.26 27.08 -2.04
N ALA C 107 10.37 26.90 -1.34
CA ALA C 107 10.76 27.85 -0.28
C ALA C 107 11.80 28.86 -0.77
N ASN C 108 11.82 30.02 -0.11
CA ASN C 108 12.84 31.00 -0.33
C ASN C 108 14.00 30.59 0.56
N PRO C 109 15.13 30.13 -0.05
CA PRO C 109 16.23 29.47 0.66
C PRO C 109 16.94 30.36 1.66
N VAL C 110 16.92 31.68 1.40
CA VAL C 110 17.52 32.67 2.30
C VAL C 110 16.72 32.73 3.63
N LEU C 111 15.39 32.59 3.55
CA LEU C 111 14.56 32.63 4.74
C LEU C 111 14.70 31.33 5.53
N VAL C 112 14.78 30.21 4.83
CA VAL C 112 15.04 28.95 5.47
C VAL C 112 16.38 28.98 6.18
N GLN C 113 17.41 29.49 5.51
CA GLN C 113 18.77 29.55 6.08
C GLN C 113 18.84 30.39 7.33
N ASP C 114 18.12 31.52 7.31
CA ASP C 114 18.00 32.39 8.46
C ASP C 114 17.34 31.68 9.66
N LYS C 115 16.31 30.86 9.41
CA LYS C 115 15.66 30.12 10.49
C LYS C 115 16.66 29.15 11.09
N LEU C 116 17.46 28.53 10.23
CA LEU C 116 18.52 27.62 10.71
C LEU C 116 19.56 28.36 11.56
N LYS C 117 19.95 29.55 11.10
CA LYS C 117 20.92 30.38 11.80
C LYS C 117 20.41 30.74 13.18
N ASN C 118 19.11 30.97 13.28
CA ASN C 118 18.52 31.44 14.54
C ASN C 118 18.14 30.33 15.51
N ALA C 119 18.40 29.09 15.13
CA ALA C 119 17.91 27.98 15.92
C ALA C 119 18.97 27.48 16.89
N LYS C 120 18.50 26.85 17.95
CA LYS C 120 19.31 26.31 19.01
C LYS C 120 18.88 24.86 19.14
N VAL C 121 19.83 23.94 19.06
CA VAL C 121 19.49 22.50 19.13
C VAL C 121 20.28 21.82 20.25
N VAL C 122 19.58 21.08 21.11
CA VAL C 122 20.18 20.30 22.16
C VAL C 122 20.43 18.88 21.62
N ILE C 123 21.66 18.42 21.75
CA ILE C 123 21.95 17.04 21.39
C ILE C 123 22.05 16.28 22.71
N LEU C 124 21.00 15.56 23.06
CA LEU C 124 21.00 14.89 24.34
C LEU C 124 21.48 13.44 24.15
N GLY C 125 22.80 13.24 24.33
CA GLY C 125 23.45 11.99 24.01
C GLY C 125 24.42 12.20 22.86
N CYS C 126 25.69 11.89 23.06
CA CYS C 126 26.69 12.17 22.08
C CYS C 126 27.38 10.91 21.53
N GLY C 127 26.63 9.80 21.51
CA GLY C 127 27.08 8.56 20.89
C GLY C 127 27.09 8.62 19.37
N GLY C 128 26.88 7.48 18.73
CA GLY C 128 26.95 7.44 17.27
C GLY C 128 25.83 8.25 16.62
N ILE C 129 24.66 8.28 17.23
CA ILE C 129 23.58 9.06 16.61
C ILE C 129 23.80 10.56 16.79
N GLY C 130 24.03 10.98 18.04
CA GLY C 130 24.45 12.35 18.34
C GLY C 130 25.61 12.85 17.51
N ASN C 131 26.67 12.03 17.34
CA ASN C 131 27.81 12.42 16.46
C ASN C 131 27.31 12.86 15.10
N HIS C 132 26.63 11.93 14.42
CA HIS C 132 26.20 12.12 13.05
C HIS C 132 25.18 13.23 12.92
N VAL C 133 24.18 13.24 13.81
CA VAL C 133 23.19 14.32 13.75
C VAL C 133 23.88 15.67 13.94
N SER C 134 24.67 15.81 14.99
CA SER C 134 25.34 17.10 15.22
C SER C 134 26.15 17.62 14.00
N VAL C 135 26.83 16.74 13.26
CA VAL C 135 27.65 17.18 12.12
C VAL C 135 26.81 17.64 10.95
N ILE C 136 25.74 16.91 10.63
CA ILE C 136 24.78 17.36 9.62
C ILE C 136 24.22 18.74 9.96
N LEU C 137 23.83 18.92 11.23
CA LEU C 137 23.29 20.20 11.67
C LEU C 137 24.29 21.34 11.59
N ALA C 138 25.51 21.13 12.06
CA ALA C 138 26.56 22.13 11.98
C ALA C 138 26.81 22.58 10.53
N THR C 139 26.97 21.60 9.64
CA THR C 139 27.30 21.90 8.26
C THR C 139 26.09 22.39 7.47
N SER C 140 24.88 22.22 8.01
CA SER C 140 23.69 22.83 7.37
C SER C 140 23.46 24.22 7.92
N GLY C 141 24.22 24.58 8.95
CA GLY C 141 24.24 25.93 9.47
C GLY C 141 23.28 26.21 10.61
N ILE C 142 23.00 25.21 11.44
CA ILE C 142 22.27 25.49 12.71
C ILE C 142 23.15 26.37 13.55
N GLY C 143 22.60 27.48 14.02
CA GLY C 143 23.42 28.50 14.67
C GLY C 143 23.99 28.14 16.04
N GLU C 144 23.30 27.27 16.76
CA GLU C 144 23.70 26.96 18.13
C GLU C 144 23.39 25.50 18.46
N ILE C 145 24.41 24.82 18.97
CA ILE C 145 24.30 23.40 19.30
C ILE C 145 24.86 23.20 20.69
N ILE C 146 24.10 22.53 21.56
CA ILE C 146 24.49 22.28 22.94
C ILE C 146 24.65 20.76 23.07
N LEU C 147 25.87 20.33 23.38
CA LEU C 147 26.20 18.90 23.46
C LEU C 147 26.11 18.49 24.91
N ILE C 148 25.41 17.41 25.18
CA ILE C 148 25.10 17.02 26.55
C ILE C 148 25.44 15.57 26.72
N ASP C 149 26.54 15.29 27.41
CA ASP C 149 27.01 13.92 27.59
C ASP C 149 28.12 13.97 28.64
N ASN C 150 28.21 12.93 29.46
CA ASN C 150 29.33 12.84 30.44
C ASN C 150 30.21 11.62 30.22
N ASP C 151 30.07 10.99 29.06
CA ASP C 151 30.82 9.79 28.73
C ASP C 151 32.15 10.16 28.08
N GLN C 152 33.13 9.28 28.29
CA GLN C 152 34.44 9.37 27.65
C GLN C 152 34.50 8.48 26.40
N ILE C 153 35.36 8.85 25.45
CA ILE C 153 35.57 8.07 24.24
C ILE C 153 36.33 6.74 24.49
N GLU C 154 35.82 5.65 23.94
CA GLU C 154 36.45 4.34 24.03
C GLU C 154 36.79 3.82 22.63
N ASN C 155 37.70 2.86 22.52
CA ASN C 155 38.15 2.42 21.18
C ASN C 155 37.09 1.69 20.36
N THR C 156 36.15 1.04 21.04
CA THR C 156 35.05 0.34 20.39
C THR C 156 34.05 1.33 19.81
N ASN C 157 34.23 2.61 20.15
CA ASN C 157 33.32 3.67 19.72
C ASN C 157 33.55 4.02 18.26
N LEU C 158 34.77 3.77 17.80
CA LEU C 158 35.27 4.31 16.53
C LEU C 158 34.54 3.79 15.30
N THR C 159 33.80 2.70 15.46
CA THR C 159 33.04 2.07 14.38
C THR C 159 31.85 2.90 13.84
N ARG C 160 31.18 3.66 14.70
CA ARG C 160 30.04 4.51 14.25
C ARG C 160 30.23 6.00 14.51
N GLN C 161 31.12 6.31 15.44
CA GLN C 161 31.24 7.67 15.96
C GLN C 161 32.20 8.49 15.10
N VAL C 162 31.61 9.06 14.05
CA VAL C 162 32.29 9.55 12.83
C VAL C 162 33.30 10.64 13.08
N LEU C 163 33.04 11.50 14.07
CA LEU C 163 33.96 12.58 14.39
C LEU C 163 35.25 12.19 15.11
N PHE C 164 35.35 10.95 15.60
CA PHE C 164 36.43 10.57 16.53
C PHE C 164 37.63 9.86 15.90
N SER C 165 38.83 10.35 16.23
CA SER C 165 40.06 9.73 15.78
C SER C 165 40.52 8.70 16.81
N GLU C 166 41.48 7.86 16.42
CA GLU C 166 42.15 6.97 17.36
C GLU C 166 42.75 7.74 18.52
N ASP C 167 43.39 8.87 18.24
CA ASP C 167 44.01 9.67 19.30
C ASP C 167 43.00 10.29 20.28
N ASP C 168 41.71 10.21 19.96
CA ASP C 168 40.72 10.81 20.85
C ASP C 168 40.20 9.91 21.97
N VAL C 169 40.52 8.62 21.91
CA VAL C 169 40.18 7.66 22.97
C VAL C 169 40.53 8.24 24.36
N GLY C 170 39.56 8.24 25.29
CA GLY C 170 39.80 8.79 26.63
C GLY C 170 39.27 10.20 26.87
N LYS C 171 39.10 10.98 25.81
CA LYS C 171 38.58 12.35 25.92
C LYS C 171 37.07 12.35 26.14
N ASN C 172 36.52 13.48 26.57
CA ASN C 172 35.06 13.60 26.66
C ASN C 172 34.53 13.64 25.25
N LYS C 173 33.43 12.92 25.00
CA LYS C 173 32.84 12.96 23.70
C LYS C 173 32.49 14.42 23.36
N THR C 174 31.96 15.17 24.34
CA THR C 174 31.48 16.54 24.07
C THR C 174 32.60 17.49 23.63
N GLU C 175 33.77 17.36 24.26
CA GLU C 175 34.91 18.20 23.90
C GLU C 175 35.38 17.92 22.47
N VAL C 176 35.32 16.64 22.08
CA VAL C 176 35.76 16.24 20.75
C VAL C 176 34.74 16.63 19.69
N ILE C 177 33.45 16.33 19.92
CA ILE C 177 32.43 16.77 18.97
C ILE C 177 32.56 18.28 18.71
N LYS C 178 32.74 19.08 19.78
CA LYS C 178 32.76 20.52 19.63
C LYS C 178 33.92 21.00 18.74
N ARG C 179 35.16 20.54 19.01
CA ARG C 179 36.26 20.90 18.10
C ARG C 179 36.07 20.41 16.67
N GLU C 180 35.52 19.21 16.49
CA GLU C 180 35.28 18.74 15.11
C GLU C 180 34.20 19.57 14.36
N LEU C 181 33.19 20.00 15.10
CA LEU C 181 32.15 20.87 14.57
C LEU C 181 32.69 22.24 14.19
N LEU C 182 33.60 22.79 15.00
CA LEU C 182 34.11 24.15 14.74
C LEU C 182 35.21 24.18 13.68
N LYS C 183 35.80 23.01 13.43
CA LYS C 183 36.68 22.80 12.29
C LYS C 183 35.86 22.89 11.00
N ARG C 184 34.61 22.43 11.06
CA ARG C 184 33.79 22.32 9.87
C ARG C 184 32.92 23.55 9.63
N ASN C 185 32.48 24.21 10.68
CA ASN C 185 31.75 25.46 10.54
C ASN C 185 32.11 26.36 11.70
N SER C 186 33.04 27.30 11.46
CA SER C 186 33.51 28.23 12.50
C SER C 186 32.49 29.32 12.82
N GLU C 187 31.47 29.46 11.96
CA GLU C 187 30.44 30.49 12.13
C GLU C 187 29.49 30.21 13.31
N ILE C 188 29.24 28.92 13.58
CA ILE C 188 28.29 28.47 14.60
C ILE C 188 28.82 28.42 16.05
N SER C 189 27.89 28.29 16.98
CA SER C 189 28.19 28.32 18.40
C SER C 189 27.89 26.97 19.03
N VAL C 190 28.87 26.45 19.74
CA VAL C 190 28.74 25.15 20.38
C VAL C 190 29.08 25.29 21.85
N SER C 191 28.22 24.72 22.67
CA SER C 191 28.49 24.59 24.10
C SER C 191 28.32 23.14 24.53
N GLU C 192 28.84 22.82 25.71
CA GLU C 192 28.84 21.46 26.20
C GLU C 192 28.31 21.45 27.63
N ILE C 193 27.48 20.47 27.94
CA ILE C 193 27.14 20.23 29.32
C ILE C 193 27.61 18.84 29.67
N ALA C 194 28.46 18.76 30.70
CA ALA C 194 28.94 17.47 31.23
C ALA C 194 27.85 16.82 32.09
N LEU C 195 26.87 16.16 31.45
CA LEU C 195 25.74 15.59 32.18
C LEU C 195 25.20 14.31 31.53
N ASN C 196 24.82 13.32 32.34
CA ASN C 196 24.07 12.15 31.87
C ASN C 196 22.77 12.07 32.68
N ILE C 197 21.63 11.92 32.01
CA ILE C 197 20.36 11.89 32.77
C ILE C 197 20.18 10.57 33.56
N ASN C 198 20.27 10.66 34.89
CA ASN C 198 20.08 9.54 35.79
C ASN C 198 18.86 9.71 36.72
N ASP C 199 18.60 10.93 37.18
CA ASP C 199 17.32 11.31 37.81
C ASP C 199 16.39 11.77 36.69
N TYR C 200 15.07 11.69 36.89
CA TYR C 200 14.15 12.51 36.12
C TYR C 200 14.40 14.02 36.34
N THR C 201 14.81 14.40 37.57
CA THR C 201 15.10 15.83 37.92
C THR C 201 16.28 16.42 37.18
N ASP C 202 17.20 15.57 36.74
CA ASP C 202 18.33 16.00 35.93
C ASP C 202 17.89 16.75 34.66
N LEU C 203 16.63 16.57 34.23
CA LEU C 203 16.16 17.16 32.96
C LEU C 203 16.02 18.66 33.04
N HIS C 204 15.80 19.19 34.25
CA HIS C 204 15.78 20.63 34.51
C HIS C 204 17.10 21.32 34.18
N LYS C 205 18.17 20.53 34.13
CA LYS C 205 19.49 21.01 33.75
C LYS C 205 19.64 21.15 32.24
N VAL C 206 18.76 20.48 31.50
CA VAL C 206 18.75 20.63 30.05
C VAL C 206 18.04 21.96 29.67
N PRO C 207 18.74 22.86 28.93
CA PRO C 207 18.17 24.15 28.50
C PRO C 207 17.10 24.03 27.44
N GLU C 208 16.17 24.97 27.44
CA GLU C 208 15.15 25.04 26.41
C GLU C 208 15.84 25.27 25.05
N ALA C 209 15.30 24.72 23.99
CA ALA C 209 15.89 24.86 22.68
C ALA C 209 14.76 24.82 21.66
N ASP C 210 15.05 25.13 20.40
CA ASP C 210 14.10 24.81 19.33
C ASP C 210 13.69 23.35 19.32
N ILE C 211 14.65 22.44 19.58
CA ILE C 211 14.33 21.00 19.63
C ILE C 211 15.41 20.25 20.43
N TRP C 212 15.02 19.17 21.12
CA TRP C 212 16.02 18.29 21.73
C TRP C 212 16.12 17.08 20.84
N VAL C 213 17.37 16.70 20.50
CA VAL C 213 17.61 15.46 19.78
C VAL C 213 17.98 14.41 20.83
N VAL C 214 17.13 13.42 21.03
CA VAL C 214 17.32 12.51 22.14
C VAL C 214 17.78 11.14 21.64
N SER C 215 19.02 10.78 21.94
CA SER C 215 19.51 9.48 21.52
C SER C 215 20.12 8.63 22.63
N ALA C 216 20.55 9.22 23.74
CA ALA C 216 21.01 8.40 24.88
C ALA C 216 19.96 7.34 25.26
N ASP C 217 20.33 6.07 25.17
CA ASP C 217 19.44 4.94 25.47
C ASP C 217 19.40 4.53 26.96
N HIS C 218 20.37 5.03 27.74
CA HIS C 218 20.49 4.70 29.15
C HIS C 218 20.10 5.90 30.01
N PRO C 219 19.24 5.68 31.03
CA PRO C 219 18.56 4.41 31.35
C PRO C 219 17.45 4.00 30.38
N PHE C 220 16.94 2.78 30.56
CA PHE C 220 15.91 2.20 29.68
C PHE C 220 14.74 3.14 29.42
N ASN C 221 14.30 3.82 30.48
CA ASN C 221 13.16 4.72 30.40
C ASN C 221 13.56 6.19 30.30
N LEU C 222 14.70 6.46 29.65
CA LEU C 222 15.08 7.83 29.37
C LEU C 222 13.97 8.53 28.58
N ILE C 223 13.49 7.90 27.50
CA ILE C 223 12.48 8.54 26.67
C ILE C 223 11.19 8.90 27.42
N ASN C 224 10.81 8.07 28.39
CA ASN C 224 9.59 8.33 29.16
C ASN C 224 9.70 9.57 30.01
N TRP C 225 10.88 9.80 30.58
CA TRP C 225 11.14 11.00 31.38
C TRP C 225 11.24 12.22 30.49
N VAL C 226 11.98 12.06 29.39
CA VAL C 226 12.12 13.10 28.39
C VAL C 226 10.76 13.55 27.89
N ASN C 227 9.94 12.57 27.50
CA ASN C 227 8.58 12.83 27.04
C ASN C 227 7.72 13.53 28.07
N LYS C 228 7.68 13.00 29.30
CA LYS C 228 6.94 13.66 30.37
C LYS C 228 7.40 15.09 30.58
N TYR C 229 8.72 15.29 30.58
CA TYR C 229 9.30 16.60 30.87
C TYR C 229 8.97 17.59 29.78
N CYS C 230 9.04 17.12 28.53
CA CYS C 230 8.90 17.99 27.38
C CYS C 230 7.46 18.40 27.13
N VAL C 231 6.53 17.48 27.38
CA VAL C 231 5.10 17.80 27.33
C VAL C 231 4.79 18.90 28.37
N ARG C 232 5.29 18.74 29.60
CA ARG C 232 5.13 19.81 30.61
C ARG C 232 5.85 21.12 30.25
N ALA C 233 7.03 21.03 29.64
CA ALA C 233 7.82 22.23 29.36
C ALA C 233 7.51 22.87 28.01
N ASN C 234 6.49 22.39 27.29
CA ASN C 234 6.25 22.75 25.88
C ASN C 234 7.50 22.68 24.96
N GLN C 235 8.25 21.58 25.05
CA GLN C 235 9.58 21.49 24.43
C GLN C 235 9.56 20.42 23.31
N PRO C 236 9.72 20.85 22.05
CA PRO C 236 9.92 19.87 20.98
C PRO C 236 11.12 18.95 21.20
N TYR C 237 10.97 17.68 20.79
CA TYR C 237 12.10 16.74 20.81
C TYR C 237 11.93 15.73 19.70
N ILE C 238 13.05 15.16 19.27
CA ILE C 238 12.98 13.99 18.44
C ILE C 238 13.84 12.87 19.04
N ASN C 239 13.31 11.66 18.99
CA ASN C 239 14.03 10.47 19.43
C ASN C 239 14.62 9.73 18.22
N ALA C 240 15.83 9.21 18.34
CA ALA C 240 16.43 8.34 17.32
C ALA C 240 17.29 7.32 18.02
N GLY C 241 17.57 6.21 17.36
CA GLY C 241 18.25 5.11 18.00
C GLY C 241 18.20 3.93 17.07
N TYR C 242 18.36 2.76 17.63
CA TYR C 242 18.34 1.56 16.83
C TYR C 242 18.07 0.47 17.81
N VAL C 243 17.54 -0.64 17.29
CA VAL C 243 17.38 -1.88 18.04
C VAL C 243 18.14 -2.91 17.23
N ASN C 244 19.39 -3.14 17.58
CA ASN C 244 20.24 -4.04 16.86
C ASN C 244 20.27 -3.61 15.39
N ASP C 245 19.78 -4.46 14.49
CA ASP C 245 19.84 -4.20 13.05
C ASP C 245 18.74 -3.28 12.49
N ILE C 246 17.84 -2.82 13.35
CA ILE C 246 16.78 -1.91 12.90
C ILE C 246 17.13 -0.47 13.33
N ALA C 247 17.11 0.45 12.37
CA ALA C 247 17.33 1.89 12.60
C ALA C 247 15.99 2.53 12.94
N VAL C 248 15.95 3.35 13.98
CA VAL C 248 14.69 3.90 14.49
C VAL C 248 14.77 5.43 14.59
N PHE C 249 13.77 6.12 14.07
CA PHE C 249 13.67 7.57 14.34
C PHE C 249 12.24 8.01 14.53
N GLY C 250 12.05 9.06 15.32
CA GLY C 250 10.68 9.39 15.69
C GLY C 250 10.31 8.80 17.02
N PRO C 251 9.28 9.34 17.68
CA PRO C 251 8.45 10.39 17.15
C PRO C 251 9.16 11.77 17.25
N LEU C 252 8.74 12.70 16.41
CA LEU C 252 9.02 14.11 16.57
C LEU C 252 7.84 14.76 17.26
N TYR C 253 8.03 15.11 18.53
CA TYR C 253 6.96 15.63 19.34
C TYR C 253 6.90 17.13 19.15
N VAL C 254 5.72 17.62 18.79
CA VAL C 254 5.50 19.06 18.61
C VAL C 254 4.33 19.38 19.50
N PRO C 255 4.58 20.14 20.57
CA PRO C 255 3.58 20.54 21.56
C PRO C 255 2.30 21.10 20.90
N GLY C 256 1.15 20.53 21.30
CA GLY C 256 -0.17 20.94 20.83
C GLY C 256 -0.53 20.47 19.43
N LYS C 257 0.39 19.81 18.75
CA LYS C 257 0.24 19.48 17.33
C LYS C 257 0.29 17.98 17.07
N THR C 258 1.26 17.29 17.65
CA THR C 258 1.42 15.85 17.43
C THR C 258 1.00 15.06 18.68
N GLY C 259 0.97 13.74 18.57
CA GLY C 259 0.79 12.92 19.77
C GLY C 259 2.12 12.88 20.47
N CYS C 260 2.15 12.38 21.70
CA CYS C 260 3.41 12.28 22.42
C CYS C 260 3.78 10.79 22.49
N TYR C 261 4.94 10.50 23.07
CA TYR C 261 5.45 9.13 23.21
C TYR C 261 4.45 8.20 23.90
N GLU C 262 3.63 8.76 24.76
CA GLU C 262 2.79 7.98 25.63
C GLU C 262 1.38 7.83 25.07
N CYS C 263 1.04 8.55 24.01
CA CYS C 263 -0.33 8.56 23.54
C CYS C 263 -0.83 7.15 23.22
N GLN C 264 0.01 6.39 22.52
CA GLN C 264 -0.41 5.10 22.02
C GLN C 264 0.41 4.10 22.80
N LYS C 265 -0.16 3.80 23.97
CA LYS C 265 0.42 3.01 25.04
C LYS C 265 -0.79 2.83 25.95
N VAL C 266 -1.26 1.58 26.12
CA VAL C 266 -2.40 1.35 27.02
C VAL C 266 -2.16 0.02 27.73
N SER C 273 8.69 -10.01 35.13
CA SER C 273 7.98 -11.19 35.64
C SER C 273 7.50 -11.08 37.11
N GLU C 274 6.40 -11.76 37.40
CA GLU C 274 5.86 -11.81 38.76
C GLU C 274 6.53 -12.92 39.61
N LYS C 275 6.88 -14.04 38.98
CA LYS C 275 7.60 -15.13 39.66
C LYS C 275 9.03 -14.66 39.87
N GLU C 276 9.47 -14.65 41.12
CA GLU C 276 10.72 -13.95 41.44
C GLU C 276 11.99 -14.69 41.00
N ASN C 277 11.89 -16.02 40.91
CA ASN C 277 12.97 -16.88 40.43
C ASN C 277 13.27 -16.69 38.95
N ILE C 278 12.28 -16.29 38.16
CA ILE C 278 12.55 -15.99 36.77
C ILE C 278 12.73 -14.48 36.58
N ASP C 279 12.08 -13.66 37.39
CA ASP C 279 12.30 -12.23 37.32
C ASP C 279 13.79 -11.90 37.49
N HIS C 280 14.49 -12.63 38.37
CA HIS C 280 15.93 -12.41 38.54
C HIS C 280 16.79 -12.84 37.34
N LYS C 281 16.34 -13.87 36.63
CA LYS C 281 17.03 -14.38 35.45
C LYS C 281 16.91 -13.38 34.32
N ILE C 282 15.68 -12.87 34.15
CA ILE C 282 15.41 -11.79 33.21
C ILE C 282 16.28 -10.57 33.48
N LYS C 283 16.44 -10.19 34.75
CA LYS C 283 17.17 -8.95 35.01
C LYS C 283 18.70 -9.10 34.72
N LEU C 284 19.25 -10.27 35.00
CA LEU C 284 20.65 -10.54 34.66
C LEU C 284 20.89 -10.54 33.16
N ILE C 285 20.09 -11.34 32.44
CA ILE C 285 20.11 -11.32 30.96
C ILE C 285 20.01 -9.91 30.39
N ASN C 286 19.03 -9.14 30.85
CA ASN C 286 18.93 -7.78 30.36
C ASN C 286 20.06 -6.85 30.82
N SER C 287 20.64 -7.07 32.01
CA SER C 287 21.77 -6.23 32.45
C SER C 287 23.04 -6.46 31.59
N ARG C 288 23.18 -7.66 31.03
CA ARG C 288 24.31 -8.03 30.18
C ARG C 288 24.13 -7.56 28.74
N PHE C 289 22.94 -7.05 28.38
CA PHE C 289 22.64 -6.64 26.99
C PHE C 289 23.57 -5.56 26.44
N LYS C 290 24.05 -5.78 25.21
CA LYS C 290 24.79 -4.78 24.49
C LYS C 290 24.30 -4.84 23.06
N PRO C 291 23.89 -3.69 22.47
CA PRO C 291 23.30 -3.74 21.13
C PRO C 291 24.31 -4.20 20.10
N ALA C 292 23.85 -4.96 19.11
CA ALA C 292 24.69 -5.40 17.97
C ALA C 292 24.79 -4.25 16.99
N THR C 293 25.42 -3.19 17.48
CA THR C 293 25.74 -1.98 16.75
C THR C 293 26.28 -2.32 15.34
N PHE C 294 25.93 -1.49 14.37
CA PHE C 294 26.35 -1.63 12.97
C PHE C 294 26.28 -0.25 12.39
N ALA C 295 27.44 0.32 12.08
CA ALA C 295 27.50 1.72 11.60
C ALA C 295 26.48 2.12 10.51
N PRO C 296 26.28 1.29 9.45
CA PRO C 296 25.21 1.70 8.55
C PRO C 296 23.82 1.92 9.20
N VAL C 297 23.46 1.09 10.17
CA VAL C 297 22.19 1.24 10.94
C VAL C 297 22.14 2.57 11.71
N ASN C 298 23.16 2.81 12.53
CA ASN C 298 23.33 4.10 13.24
C ASN C 298 23.13 5.30 12.30
N ASN C 299 23.78 5.22 11.15
CA ASN C 299 23.89 6.33 10.22
C ASN C 299 22.58 6.65 9.53
N VAL C 300 21.85 5.63 9.10
CA VAL C 300 20.54 5.83 8.52
C VAL C 300 19.64 6.49 9.58
N ALA C 301 19.73 6.02 10.84
CA ALA C 301 18.87 6.59 11.90
C ALA C 301 19.22 8.04 12.12
N ALA C 302 20.52 8.30 12.28
CA ALA C 302 21.02 9.64 12.46
C ALA C 302 20.60 10.58 11.31
N ALA C 303 20.77 10.14 10.06
CA ALA C 303 20.52 10.96 8.87
C ALA C 303 19.07 11.38 8.74
N LEU C 304 18.15 10.43 8.87
CA LEU C 304 16.73 10.77 8.84
C LEU C 304 16.25 11.63 10.00
N CYS C 305 16.82 11.44 11.19
CA CYS C 305 16.56 12.27 12.36
C CYS C 305 16.99 13.71 12.08
N ALA C 306 18.20 13.86 11.56
CA ALA C 306 18.70 15.18 11.18
C ALA C 306 17.85 15.86 10.06
N ALA C 307 17.51 15.13 9.01
CA ALA C 307 16.60 15.67 7.99
C ALA C 307 15.32 16.21 8.63
N ASP C 308 14.75 15.47 9.58
CA ASP C 308 13.50 15.92 10.24
C ASP C 308 13.77 17.12 11.12
N VAL C 309 14.92 17.18 11.76
CA VAL C 309 15.26 18.38 12.52
C VAL C 309 15.35 19.59 11.56
N ILE C 310 15.98 19.40 10.41
CA ILE C 310 16.18 20.50 9.47
C ILE C 310 14.84 20.97 8.92
N LYS C 311 13.97 20.04 8.58
CA LYS C 311 12.62 20.39 8.11
C LYS C 311 11.77 21.03 9.15
N PHE C 312 11.88 20.54 10.39
CA PHE C 312 11.12 21.12 11.51
C PHE C 312 11.45 22.60 11.77
N ILE C 313 12.73 22.90 11.85
CA ILE C 313 13.22 24.26 12.05
C ILE C 313 13.07 25.13 10.80
N GLY C 314 13.30 24.53 9.64
CA GLY C 314 13.28 25.21 8.34
C GLY C 314 11.89 25.52 7.84
N LYS C 315 10.94 24.65 8.20
CA LYS C 315 9.49 24.82 7.93
C LYS C 315 9.06 24.64 6.48
N TYR C 316 9.95 24.14 5.62
CA TYR C 316 9.67 24.16 4.20
C TYR C 316 9.11 22.83 3.72
N SER C 317 9.12 21.83 4.61
CA SER C 317 8.58 20.50 4.29
C SER C 317 8.21 19.84 5.62
N GLU C 318 7.20 18.99 5.63
CA GLU C 318 6.82 18.29 6.84
C GLU C 318 7.82 17.20 7.22
N PRO C 319 8.34 17.25 8.47
CA PRO C 319 9.13 16.11 8.91
C PRO C 319 8.38 14.78 8.79
N LEU C 320 9.09 13.70 8.52
CA LEU C 320 8.45 12.41 8.33
C LEU C 320 7.95 11.77 9.64
N SER C 321 8.58 12.10 10.77
CA SER C 321 8.32 11.39 12.02
C SER C 321 7.28 12.07 12.90
N LEU C 322 6.53 13.01 12.32
CA LEU C 322 5.39 13.58 12.99
C LEU C 322 4.41 12.43 13.26
N ASN C 323 3.99 12.24 14.50
CA ASN C 323 2.99 11.18 14.87
C ASN C 323 3.38 9.72 14.58
N LYS C 324 4.69 9.47 14.41
CA LYS C 324 5.18 8.14 14.01
C LYS C 324 6.55 7.86 14.64
N ARG C 325 6.73 6.62 15.07
CA ARG C 325 8.02 6.05 15.32
C ARG C 325 8.30 5.11 14.13
N ILE C 326 9.40 5.38 13.42
CA ILE C 326 9.71 4.72 12.14
C ILE C 326 10.90 3.75 12.30
N GLY C 327 10.71 2.52 11.85
CA GLY C 327 11.77 1.54 11.86
C GLY C 327 12.15 1.16 10.44
N ILE C 328 13.44 1.27 10.15
CA ILE C 328 14.04 0.81 8.88
C ILE C 328 14.90 -0.41 9.13
N TRP C 329 14.55 -1.49 8.45
CA TRP C 329 15.29 -2.73 8.53
C TRP C 329 16.56 -2.63 7.69
N SER C 330 17.60 -3.33 8.13
CA SER C 330 18.87 -3.33 7.39
C SER C 330 19.10 -4.66 6.68
N ASP C 331 18.39 -5.72 7.08
CA ASP C 331 18.55 -7.02 6.41
C ASP C 331 17.36 -7.42 5.56
N GLU C 332 16.40 -6.50 5.40
CA GLU C 332 15.37 -6.63 4.36
C GLU C 332 15.08 -5.24 3.86
N ILE C 333 14.36 -5.15 2.74
CA ILE C 333 13.78 -3.89 2.29
C ILE C 333 12.45 -3.66 2.99
N LYS C 334 12.48 -2.92 4.09
CA LYS C 334 11.30 -2.81 4.96
C LYS C 334 11.34 -1.53 5.79
N ILE C 335 10.29 -0.72 5.63
CA ILE C 335 10.00 0.36 6.57
C ILE C 335 8.63 0.13 7.15
N HIS C 336 8.56 0.30 8.47
CA HIS C 336 7.38 0.10 9.27
C HIS C 336 7.26 1.30 10.22
N SER C 337 6.06 1.84 10.34
CA SER C 337 5.80 2.90 11.30
C SER C 337 4.89 2.41 12.38
N GLN C 338 5.11 2.95 13.57
CA GLN C 338 4.24 2.76 14.70
C GLN C 338 3.49 4.03 14.91
N ASN C 339 2.17 3.89 15.12
CA ASN C 339 1.26 5.01 15.34
C ASN C 339 1.54 5.72 16.65
N MET C 340 1.93 6.99 16.57
CA MET C 340 2.00 7.84 17.77
C MET C 340 1.21 9.14 17.61
N GLY C 341 0.03 9.03 16.99
CA GLY C 341 -0.88 10.16 16.84
C GLY C 341 -1.48 10.54 18.18
N ARG C 342 -2.03 11.75 18.27
CA ARG C 342 -2.57 12.24 19.54
C ARG C 342 -3.78 11.43 20.04
N SER C 343 -3.73 11.01 21.30
CA SER C 343 -4.87 10.36 21.91
C SER C 343 -5.53 11.34 22.90
N PRO C 344 -6.86 11.52 22.78
CA PRO C 344 -7.52 12.47 23.69
C PRO C 344 -7.57 11.91 25.11
N VAL C 345 -7.38 10.58 25.23
CA VAL C 345 -7.30 9.88 26.51
C VAL C 345 -5.86 9.70 27.07
N CYS C 346 -4.89 10.45 26.54
CA CYS C 346 -3.51 10.31 26.99
C CYS C 346 -3.27 10.72 28.46
N SER C 347 -2.36 9.99 29.13
CA SER C 347 -2.11 10.20 30.56
C SER C 347 -0.94 11.18 30.80
N VAL C 348 -0.32 11.61 29.71
CA VAL C 348 0.73 12.59 29.80
C VAL C 348 0.32 13.92 29.13
N CYS C 349 -0.15 13.87 27.88
CA CYS C 349 -0.43 15.12 27.14
C CYS C 349 -1.89 15.55 27.05
N GLY C 350 -2.78 14.76 27.63
CA GLY C 350 -4.19 15.13 27.76
C GLY C 350 -4.46 16.60 28.09
N ASN C 351 -4.03 17.06 29.25
CA ASN C 351 -4.22 18.48 29.66
C ASN C 351 -5.58 19.11 29.20
N ARG C 352 -6.65 18.31 29.24
CA ARG C 352 -8.00 18.73 28.78
C ARG C 352 -8.89 17.56 28.38
N MET D 4 32.00 -29.23 22.96
CA MET D 4 31.66 -27.86 22.46
C MET D 4 30.72 -27.10 23.43
N ASP D 5 31.06 -25.83 23.65
CA ASP D 5 30.32 -24.89 24.50
C ASP D 5 29.36 -24.08 23.65
N TYR D 6 28.27 -23.62 24.27
CA TYR D 6 27.44 -22.56 23.71
C TYR D 6 27.40 -21.35 24.63
N ILE D 7 27.17 -20.17 24.07
CA ILE D 7 27.03 -18.97 24.89
C ILE D 7 25.85 -18.14 24.38
N LEU D 8 25.11 -17.57 25.32
CA LEU D 8 24.08 -16.59 24.99
C LEU D 8 24.74 -15.32 24.41
N GLY D 9 24.23 -14.86 23.27
CA GLY D 9 24.71 -13.61 22.66
C GLY D 9 24.39 -12.40 23.53
N ARG D 10 25.31 -11.45 23.59
CA ARG D 10 25.09 -10.22 24.36
C ARG D 10 23.96 -9.29 23.83
N TYR D 11 23.51 -9.58 22.61
CA TYR D 11 22.54 -8.76 21.85
C TYR D 11 21.12 -9.27 22.07
N VAL D 12 20.98 -10.30 22.90
CA VAL D 12 19.66 -10.79 23.26
C VAL D 12 19.07 -10.07 24.46
N LYS D 13 17.85 -9.63 24.26
CA LYS D 13 17.11 -8.89 25.26
C LYS D 13 15.81 -9.63 25.33
N ILE D 14 15.16 -9.49 26.47
CA ILE D 14 14.02 -10.29 26.86
C ILE D 14 13.03 -9.34 27.50
N ALA D 15 11.74 -9.54 27.20
CA ALA D 15 10.66 -8.71 27.77
C ALA D 15 9.36 -9.48 27.91
N ARG D 16 8.79 -9.39 29.11
CA ARG D 16 7.43 -9.84 29.36
C ARG D 16 6.53 -9.02 28.45
N TYR D 17 5.72 -9.70 27.67
CA TYR D 17 4.85 -9.02 26.69
C TYR D 17 3.65 -9.88 26.36
N GLY D 18 2.52 -9.24 26.07
CA GLY D 18 1.30 -9.93 25.66
C GLY D 18 0.97 -11.05 26.62
N SER D 19 0.76 -12.25 26.08
CA SER D 19 0.43 -13.42 26.88
C SER D 19 1.65 -14.29 27.24
N GLY D 20 2.82 -13.88 26.74
CA GLY D 20 4.09 -14.57 27.01
C GLY D 20 5.20 -13.54 27.11
N GLY D 21 6.07 -13.49 26.09
CA GLY D 21 7.12 -12.49 26.08
C GLY D 21 7.91 -12.38 24.80
N LEU D 22 8.75 -11.36 24.72
CA LEU D 22 9.68 -11.20 23.61
C LEU D 22 11.05 -11.75 23.97
N VAL D 23 11.72 -12.32 22.96
CA VAL D 23 13.11 -12.77 23.02
C VAL D 23 13.83 -12.22 21.77
N GLY D 24 14.88 -11.45 21.99
CA GLY D 24 15.69 -10.84 20.92
C GLY D 24 15.23 -9.42 20.65
N GLY D 25 15.98 -8.71 19.82
CA GLY D 25 15.63 -7.36 19.40
C GLY D 25 16.04 -7.19 17.95
N GLY D 26 15.39 -6.26 17.26
CA GLY D 26 15.65 -6.06 15.85
C GLY D 26 14.89 -7.05 15.00
N GLY D 27 15.45 -7.37 13.85
CA GLY D 27 14.81 -8.23 12.86
C GLY D 27 14.47 -9.63 13.34
N LYS D 28 15.25 -10.15 14.28
CA LYS D 28 15.05 -11.50 14.77
C LYS D 28 14.18 -11.54 16.03
N GLU D 29 13.69 -10.39 16.45
CA GLU D 29 12.79 -10.34 17.59
C GLU D 29 11.72 -11.43 17.46
N GLN D 30 11.62 -12.29 18.48
CA GLN D 30 10.62 -13.36 18.52
C GLN D 30 9.57 -13.13 19.63
N TYR D 31 8.29 -13.16 19.24
CA TYR D 31 7.18 -13.16 20.20
C TYR D 31 6.68 -14.59 20.51
N VAL D 32 6.88 -15.01 21.75
CA VAL D 32 6.49 -16.32 22.22
C VAL D 32 5.16 -16.15 22.94
N GLU D 33 4.08 -16.53 22.25
CA GLU D 33 2.72 -16.48 22.79
C GLU D 33 2.54 -17.19 24.13
N ASN D 34 3.18 -18.35 24.31
CA ASN D 34 2.99 -19.21 25.50
C ASN D 34 3.91 -18.82 26.67
N LEU D 35 3.32 -18.48 27.83
CA LEU D 35 4.10 -18.03 28.98
C LEU D 35 5.03 -19.11 29.52
N VAL D 36 4.52 -20.33 29.71
CA VAL D 36 5.34 -21.44 30.23
C VAL D 36 6.58 -21.70 29.35
N LEU D 37 6.38 -21.61 28.04
CA LEU D 37 7.45 -21.73 27.07
C LEU D 37 8.45 -20.59 27.24
N TRP D 38 7.95 -19.36 27.27
CA TRP D 38 8.80 -18.19 27.38
C TRP D 38 9.65 -18.27 28.65
N GLU D 39 8.99 -18.62 29.77
CA GLU D 39 9.69 -18.81 31.04
C GLU D 39 10.73 -19.93 30.96
N ASN D 40 10.48 -20.97 30.16
CA ASN D 40 11.49 -22.03 30.00
C ASN D 40 12.67 -21.56 29.15
N ILE D 41 12.39 -20.75 28.14
CA ILE D 41 13.44 -20.19 27.27
C ILE D 41 14.38 -19.35 28.15
N ILE D 42 13.80 -18.54 29.04
CA ILE D 42 14.57 -17.76 29.99
C ILE D 42 15.48 -18.61 30.87
N LYS D 43 14.90 -19.65 31.48
CA LYS D 43 15.66 -20.57 32.33
C LYS D 43 16.82 -21.18 31.56
N THR D 44 16.55 -21.59 30.32
CA THR D 44 17.57 -22.12 29.40
C THR D 44 18.67 -21.12 29.07
N ALA D 45 18.28 -19.92 28.65
CA ALA D 45 19.24 -18.90 28.24
C ALA D 45 20.18 -18.52 29.39
N TYR D 46 19.63 -18.48 30.60
CA TYR D 46 20.39 -18.19 31.84
C TYR D 46 21.55 -19.18 32.07
N CYS D 47 21.37 -20.40 31.58
CA CYS D 47 22.35 -21.46 31.68
C CYS D 47 23.54 -21.21 30.78
N PHE D 48 23.37 -20.35 29.77
CA PHE D 48 24.41 -20.09 28.77
C PHE D 48 25.04 -18.70 28.85
N ILE D 49 24.80 -17.99 29.96
CA ILE D 49 25.35 -16.64 30.13
C ILE D 49 26.88 -16.71 30.10
N THR D 50 27.39 -17.76 30.74
CA THR D 50 28.80 -18.14 30.59
C THR D 50 28.84 -19.42 29.75
N PRO D 51 29.88 -19.60 28.91
CA PRO D 51 29.85 -20.73 27.95
C PRO D 51 29.54 -22.06 28.63
N SER D 52 28.73 -22.88 27.95
CA SER D 52 28.25 -24.13 28.51
C SER D 52 27.89 -25.15 27.44
N SER D 53 28.19 -26.42 27.70
CA SER D 53 27.79 -27.49 26.81
C SER D 53 26.31 -27.79 27.00
N TYR D 54 25.71 -28.48 26.03
CA TYR D 54 24.30 -28.85 26.10
C TYR D 54 23.98 -29.70 27.35
N THR D 55 24.86 -30.63 27.67
CA THR D 55 24.62 -31.54 28.80
C THR D 55 24.67 -30.82 30.15
N ALA D 56 25.71 -30.02 30.37
CA ALA D 56 25.82 -29.22 31.60
C ALA D 56 24.61 -28.31 31.82
N ALA D 57 24.03 -27.79 30.75
CA ALA D 57 22.95 -26.81 30.89
C ALA D 57 21.63 -27.52 31.10
N LEU D 58 21.50 -28.71 30.52
CA LEU D 58 20.37 -29.58 30.81
C LEU D 58 20.35 -29.87 32.32
N GLU D 59 21.50 -30.20 32.90
CA GLU D 59 21.59 -30.41 34.36
C GLU D 59 21.31 -29.13 35.15
N THR D 60 21.92 -28.03 34.73
CA THR D 60 21.84 -26.72 35.40
C THR D 60 20.43 -26.08 35.38
N ALA D 61 19.81 -26.03 34.19
CA ALA D 61 18.39 -25.70 34.09
C ALA D 61 17.67 -26.90 34.61
N ASN D 62 16.72 -26.71 35.53
CA ASN D 62 16.07 -27.85 36.17
C ASN D 62 14.71 -28.14 35.55
N ILE D 63 14.68 -28.25 34.22
CA ILE D 63 13.44 -28.41 33.47
C ILE D 63 13.46 -29.72 32.64
N PRO D 64 12.28 -30.24 32.26
CA PRO D 64 12.18 -31.49 31.48
C PRO D 64 13.01 -31.50 30.19
N GLU D 65 13.60 -32.65 29.86
CA GLU D 65 14.48 -32.77 28.69
C GLU D 65 13.80 -32.35 27.38
N LYS D 66 12.56 -32.79 27.16
CA LYS D 66 11.82 -32.39 25.96
C LYS D 66 11.59 -30.87 25.87
N ASP D 67 11.51 -30.21 27.03
CA ASP D 67 11.30 -28.77 27.09
C ASP D 67 12.61 -28.00 26.91
N PHE D 68 13.66 -28.46 27.58
CA PHE D 68 14.97 -27.86 27.46
C PHE D 68 15.49 -27.95 26.04
N SER D 69 15.36 -29.13 25.44
CA SER D 69 15.77 -29.32 24.04
C SER D 69 15.03 -28.39 23.08
N ASN D 70 13.72 -28.20 23.26
CA ASN D 70 12.95 -27.25 22.44
C ASN D 70 13.45 -25.82 22.60
N CYS D 71 13.70 -25.39 23.84
CA CYS D 71 14.17 -24.02 24.10
C CYS D 71 15.58 -23.80 23.56
N PHE D 72 16.45 -24.80 23.71
CA PHE D 72 17.80 -24.76 23.19
C PHE D 72 17.82 -24.65 21.67
N ARG D 73 17.02 -25.47 20.99
CA ARG D 73 16.90 -25.41 19.53
C ARG D 73 16.35 -24.06 19.08
N PHE D 74 15.34 -23.56 19.80
CA PHE D 74 14.82 -22.22 19.55
C PHE D 74 15.91 -21.17 19.58
N LEU D 75 16.65 -21.12 20.68
CA LEU D 75 17.67 -20.11 20.88
C LEU D 75 18.83 -20.30 19.87
N LYS D 76 19.21 -21.54 19.60
CA LYS D 76 20.25 -21.85 18.62
C LYS D 76 19.88 -21.39 17.19
N GLU D 77 18.66 -21.72 16.79
CA GLU D 77 18.17 -21.43 15.44
C GLU D 77 18.11 -19.96 15.14
N ASN D 78 17.84 -19.16 16.16
CA ASN D 78 17.79 -17.71 16.02
C ASN D 78 19.11 -17.04 16.30
N PHE D 79 20.12 -17.87 16.56
CA PHE D 79 21.48 -17.42 16.86
C PHE D 79 21.48 -16.56 18.11
N PHE D 80 20.51 -16.80 18.98
CA PHE D 80 20.50 -16.17 20.31
C PHE D 80 21.50 -16.82 21.26
N ILE D 81 21.72 -18.13 21.12
CA ILE D 81 22.97 -18.71 21.62
C ILE D 81 23.76 -19.23 20.43
N ILE D 82 25.08 -19.11 20.54
CA ILE D 82 26.03 -19.40 19.46
C ILE D 82 27.19 -20.25 20.05
N PRO D 83 27.97 -20.93 19.17
CA PRO D 83 29.12 -21.67 19.67
C PRO D 83 30.04 -20.76 20.49
N GLY D 84 30.51 -21.25 21.63
CA GLY D 84 31.40 -20.46 22.47
C GLY D 84 32.64 -19.98 21.70
N GLU D 85 33.01 -20.72 20.66
CA GLU D 85 34.17 -20.38 19.81
C GLU D 85 33.95 -19.12 19.01
N TYR D 86 32.70 -18.68 18.89
CA TYR D 86 32.45 -17.46 18.16
C TYR D 86 32.59 -16.25 19.09
N ASN D 87 32.98 -16.48 20.34
CA ASN D 87 33.03 -15.40 21.33
C ASN D 87 34.45 -14.96 21.74
N ASN D 88 34.53 -13.74 22.26
CA ASN D 88 35.80 -13.05 22.55
C ASN D 88 35.71 -12.11 23.76
N ASN D 93 39.17 -5.00 21.91
CA ASN D 93 38.86 -5.38 20.54
C ASN D 93 38.09 -4.23 19.93
N ARG D 94 38.70 -3.52 18.99
CA ARG D 94 38.12 -2.31 18.37
C ARG D 94 36.83 -2.61 17.58
N TYR D 95 36.73 -3.84 17.05
CA TYR D 95 35.54 -4.29 16.31
C TYR D 95 34.58 -5.10 17.17
N SER D 96 34.73 -5.02 18.49
CA SER D 96 33.87 -5.76 19.41
C SER D 96 32.40 -5.71 19.02
N ARG D 97 31.88 -4.50 18.75
CA ARG D 97 30.44 -4.29 18.48
C ARG D 97 30.02 -4.86 17.14
N ASN D 98 30.95 -4.80 16.18
CA ASN D 98 30.73 -5.38 14.87
C ASN D 98 30.60 -6.87 15.03
N PHE D 99 31.42 -7.44 15.92
CA PHE D 99 31.36 -8.87 16.19
C PHE D 99 29.95 -9.24 16.66
N LEU D 100 29.32 -8.41 17.49
CA LEU D 100 27.96 -8.72 17.95
C LEU D 100 27.01 -8.82 16.74
N HIS D 101 27.12 -7.84 15.84
CA HIS D 101 26.41 -7.85 14.58
C HIS D 101 26.58 -9.16 13.80
N TYR D 102 27.82 -9.60 13.58
CA TYR D 102 28.08 -10.87 12.84
C TYR D 102 27.59 -12.11 13.57
N GLN D 103 27.85 -12.18 14.88
CA GLN D 103 27.28 -13.25 15.72
C GLN D 103 25.78 -13.35 15.55
N SER D 104 25.09 -12.21 15.50
CA SER D 104 23.62 -12.20 15.45
C SER D 104 23.04 -12.75 14.12
N TYR D 105 23.88 -12.85 13.08
CA TYR D 105 23.54 -13.47 11.80
C TYR D 105 24.03 -14.90 11.71
N GLY D 106 24.58 -15.38 12.81
CA GLY D 106 25.06 -16.75 12.88
C GLY D 106 26.40 -16.95 12.22
N ALA D 107 27.15 -15.87 12.02
CA ALA D 107 28.48 -15.99 11.44
C ALA D 107 29.48 -16.13 12.58
N ASN D 108 30.66 -16.64 12.27
CA ASN D 108 31.79 -16.58 13.18
C ASN D 108 32.46 -15.24 12.90
N PRO D 109 32.50 -14.34 13.91
CA PRO D 109 32.89 -12.98 13.59
C PRO D 109 34.37 -12.86 13.21
N VAL D 110 35.24 -13.71 13.78
CA VAL D 110 36.67 -13.75 13.43
C VAL D 110 36.88 -14.01 11.93
N LEU D 111 36.04 -14.89 11.39
CA LEU D 111 36.15 -15.30 10.01
C LEU D 111 35.62 -14.21 9.12
N VAL D 112 34.60 -13.50 9.59
CA VAL D 112 34.08 -12.33 8.86
C VAL D 112 35.17 -11.28 8.82
N GLN D 113 35.67 -10.89 10.00
CA GLN D 113 36.70 -9.89 10.14
C GLN D 113 37.94 -10.18 9.31
N ASP D 114 38.31 -11.47 9.24
CA ASP D 114 39.44 -11.89 8.41
C ASP D 114 39.17 -11.61 6.95
N LYS D 115 37.94 -11.86 6.51
CA LYS D 115 37.56 -11.56 5.13
C LYS D 115 37.64 -10.06 4.86
N LEU D 116 37.27 -9.23 5.82
CA LEU D 116 37.33 -7.79 5.59
C LEU D 116 38.78 -7.32 5.57
N LYS D 117 39.56 -7.82 6.51
CA LYS D 117 40.96 -7.45 6.63
C LYS D 117 41.72 -7.76 5.32
N ASN D 118 41.26 -8.79 4.59
CA ASN D 118 41.97 -9.26 3.38
C ASN D 118 41.37 -8.77 2.07
N ALA D 119 40.34 -7.94 2.16
CA ALA D 119 39.70 -7.38 1.00
C ALA D 119 40.32 -6.05 0.54
N LYS D 120 39.99 -5.67 -0.69
CA LYS D 120 40.44 -4.46 -1.30
C LYS D 120 39.22 -3.84 -1.97
N VAL D 121 38.98 -2.56 -1.71
CA VAL D 121 37.77 -1.92 -2.22
C VAL D 121 38.15 -0.65 -2.94
N VAL D 122 37.65 -0.51 -4.15
CA VAL D 122 37.79 0.72 -4.92
C VAL D 122 36.67 1.69 -4.61
N ILE D 123 37.05 2.93 -4.26
CA ILE D 123 36.10 4.02 -4.13
C ILE D 123 36.26 4.90 -5.35
N LEU D 124 35.30 4.77 -6.26
CA LEU D 124 35.35 5.47 -7.53
C LEU D 124 34.45 6.70 -7.44
N GLY D 125 35.05 7.82 -7.05
CA GLY D 125 34.32 9.04 -6.73
C GLY D 125 34.44 9.32 -5.25
N CYS D 126 34.97 10.48 -4.90
CA CYS D 126 35.23 10.82 -3.51
C CYS D 126 34.50 12.09 -3.04
N GLY D 127 33.28 12.28 -3.56
CA GLY D 127 32.37 13.30 -3.07
C GLY D 127 31.63 12.78 -1.87
N GLY D 128 30.35 13.13 -1.76
CA GLY D 128 29.59 12.88 -0.55
C GLY D 128 29.44 11.41 -0.21
N ILE D 129 29.00 10.63 -1.21
CA ILE D 129 28.77 9.21 -1.06
C ILE D 129 30.06 8.44 -0.77
N GLY D 130 31.12 8.74 -1.53
CA GLY D 130 32.44 8.11 -1.35
C GLY D 130 33.07 8.35 0.01
N ASN D 131 32.96 9.59 0.50
CA ASN D 131 33.34 9.99 1.84
C ASN D 131 32.76 9.08 2.90
N HIS D 132 31.43 8.98 2.92
CA HIS D 132 30.72 8.26 3.94
C HIS D 132 31.00 6.77 3.87
N VAL D 133 30.98 6.22 2.66
CA VAL D 133 31.24 4.80 2.41
C VAL D 133 32.66 4.47 2.84
N SER D 134 33.63 5.26 2.38
CA SER D 134 35.02 5.01 2.74
C SER D 134 35.23 4.99 4.25
N VAL D 135 34.61 5.93 4.99
CA VAL D 135 34.78 5.91 6.45
C VAL D 135 34.14 4.73 7.14
N ILE D 136 33.00 4.25 6.66
CA ILE D 136 32.37 3.08 7.29
C ILE D 136 33.21 1.84 6.98
N LEU D 137 33.65 1.71 5.71
CA LEU D 137 34.52 0.62 5.31
C LEU D 137 35.85 0.64 6.10
N ALA D 138 36.48 1.80 6.19
CA ALA D 138 37.72 1.93 6.98
C ALA D 138 37.58 1.50 8.45
N THR D 139 36.59 2.05 9.15
CA THR D 139 36.38 1.75 10.57
C THR D 139 35.86 0.31 10.83
N SER D 140 35.34 -0.32 9.79
CA SER D 140 34.87 -1.72 9.86
C SER D 140 35.99 -2.73 9.57
N GLY D 141 37.13 -2.24 9.09
CA GLY D 141 38.35 -3.05 9.00
C GLY D 141 38.72 -3.61 7.65
N ILE D 142 38.08 -3.10 6.59
CA ILE D 142 38.51 -3.36 5.21
C ILE D 142 40.01 -3.07 5.17
N GLY D 143 40.81 -4.02 4.69
CA GLY D 143 42.26 -3.94 4.82
C GLY D 143 42.94 -2.93 3.92
N GLU D 144 42.42 -2.78 2.71
CA GLU D 144 42.98 -1.84 1.72
C GLU D 144 41.87 -1.03 1.05
N ILE D 145 42.07 0.29 0.98
CA ILE D 145 41.10 1.14 0.28
C ILE D 145 41.80 1.99 -0.77
N ILE D 146 41.28 1.96 -1.99
CA ILE D 146 41.80 2.78 -3.08
C ILE D 146 40.82 3.90 -3.45
N LEU D 147 41.25 5.13 -3.21
CA LEU D 147 40.42 6.30 -3.48
C LEU D 147 40.72 6.82 -4.89
N ILE D 148 39.70 7.01 -5.72
CA ILE D 148 39.88 7.47 -7.09
C ILE D 148 39.01 8.67 -7.38
N ASP D 149 39.65 9.81 -7.60
CA ASP D 149 39.01 11.11 -7.76
C ASP D 149 40.14 12.07 -8.09
N ASN D 150 39.86 13.09 -8.88
CA ASN D 150 40.86 14.14 -9.12
C ASN D 150 40.31 15.55 -8.84
N ASP D 151 39.28 15.63 -7.99
CA ASP D 151 38.66 16.92 -7.70
C ASP D 151 39.31 17.59 -6.48
N GLN D 152 39.17 18.91 -6.39
CA GLN D 152 39.57 19.66 -5.20
C GLN D 152 38.40 19.86 -4.26
N ILE D 153 38.71 20.22 -3.02
CA ILE D 153 37.68 20.50 -2.03
C ILE D 153 37.15 21.92 -2.24
N GLU D 154 35.83 22.07 -2.23
CA GLU D 154 35.21 23.38 -2.35
C GLU D 154 34.39 23.68 -1.10
N ASN D 155 34.12 24.96 -0.82
CA ASN D 155 33.38 25.34 0.38
C ASN D 155 31.98 24.73 0.39
N THR D 156 31.41 24.58 -0.81
CA THR D 156 30.10 23.97 -1.01
C THR D 156 30.09 22.48 -0.65
N ASN D 157 31.24 21.83 -0.76
CA ASN D 157 31.42 20.41 -0.39
C ASN D 157 31.12 20.12 1.08
N LEU D 158 31.23 21.16 1.91
CA LEU D 158 31.28 20.98 3.36
C LEU D 158 29.94 20.59 3.95
N THR D 159 28.87 20.75 3.18
CA THR D 159 27.55 20.35 3.66
C THR D 159 27.31 18.84 3.66
N ARG D 160 27.97 18.11 2.76
CA ARG D 160 27.78 16.65 2.63
C ARG D 160 29.03 15.82 2.90
N GLN D 161 30.19 16.45 2.84
CA GLN D 161 31.46 15.73 2.83
C GLN D 161 32.12 15.80 4.21
N VAL D 162 31.71 14.82 5.03
CA VAL D 162 31.84 14.79 6.48
C VAL D 162 33.29 14.79 6.98
N LEU D 163 34.18 14.27 6.14
CA LEU D 163 35.58 14.18 6.50
C LEU D 163 36.34 15.49 6.34
N PHE D 164 35.73 16.45 5.67
CA PHE D 164 36.38 17.68 5.28
C PHE D 164 36.16 18.81 6.30
N SER D 165 37.23 19.55 6.57
CA SER D 165 37.22 20.73 7.45
C SER D 165 37.24 21.98 6.59
N GLU D 166 37.16 23.17 7.19
CA GLU D 166 37.39 24.44 6.47
C GLU D 166 38.83 24.59 5.96
N ASP D 167 39.82 24.18 6.77
CA ASP D 167 41.26 24.32 6.48
C ASP D 167 41.60 23.60 5.16
N ASP D 168 40.71 22.70 4.77
CA ASP D 168 40.88 21.74 3.68
C ASP D 168 40.41 22.19 2.31
N VAL D 169 39.63 23.27 2.25
CA VAL D 169 39.15 23.84 0.97
C VAL D 169 40.38 24.19 0.14
N GLY D 170 40.49 23.59 -1.05
CA GLY D 170 41.66 23.82 -1.92
C GLY D 170 42.49 22.58 -2.19
N LYS D 171 42.48 21.64 -1.26
CA LYS D 171 43.27 20.41 -1.32
C LYS D 171 42.57 19.29 -2.10
N ASN D 172 43.31 18.25 -2.47
CA ASN D 172 42.74 17.08 -3.15
C ASN D 172 41.80 16.34 -2.24
N LYS D 173 40.65 15.91 -2.78
CA LYS D 173 39.67 15.16 -1.97
C LYS D 173 40.29 13.88 -1.46
N THR D 174 40.83 13.11 -2.40
CA THR D 174 41.57 11.88 -2.17
C THR D 174 42.62 12.00 -1.05
N GLU D 175 43.38 13.11 -1.06
CA GLU D 175 44.38 13.41 -0.05
C GLU D 175 43.79 13.55 1.35
N VAL D 176 42.77 14.40 1.47
CA VAL D 176 42.13 14.65 2.76
C VAL D 176 41.39 13.42 3.30
N ILE D 177 40.72 12.68 2.42
CA ILE D 177 40.04 11.44 2.85
C ILE D 177 41.06 10.46 3.46
N LYS D 178 42.21 10.30 2.82
CA LYS D 178 43.20 9.32 3.22
C LYS D 178 43.70 9.54 4.65
N ARG D 179 43.97 10.79 5.02
CA ARG D 179 44.53 11.03 6.33
C ARG D 179 43.49 10.99 7.43
N GLU D 180 42.25 11.25 7.06
CA GLU D 180 41.18 11.18 8.03
C GLU D 180 40.79 9.73 8.24
N LEU D 181 40.90 8.90 7.19
CA LEU D 181 40.62 7.46 7.33
C LEU D 181 41.61 6.77 8.25
N LEU D 182 42.86 7.26 8.18
CA LEU D 182 44.05 6.75 8.89
C LEU D 182 44.22 7.24 10.34
N LYS D 183 43.75 8.45 10.62
CA LYS D 183 43.46 8.90 11.99
C LYS D 183 42.42 8.02 12.69
N ARG D 184 41.52 7.41 11.91
CA ARG D 184 40.44 6.59 12.45
C ARG D 184 40.79 5.10 12.56
N ASN D 185 41.32 4.50 11.47
CA ASN D 185 41.82 3.13 11.49
C ASN D 185 43.23 3.06 10.88
N SER D 186 44.25 3.09 11.71
CA SER D 186 45.61 3.07 11.22
C SER D 186 46.00 1.72 10.60
N GLU D 187 45.40 0.64 11.08
CA GLU D 187 45.75 -0.71 10.60
C GLU D 187 45.51 -0.96 9.10
N ILE D 188 44.75 -0.10 8.44
CA ILE D 188 44.45 -0.27 7.01
C ILE D 188 45.46 0.49 6.10
N SER D 189 45.43 0.19 4.79
CA SER D 189 46.25 0.92 3.84
C SER D 189 45.39 1.65 2.79
N VAL D 190 45.69 2.92 2.58
CA VAL D 190 44.86 3.71 1.69
C VAL D 190 45.73 4.16 0.53
N SER D 191 45.26 3.89 -0.69
CA SER D 191 45.93 4.38 -1.89
C SER D 191 45.09 5.49 -2.47
N GLU D 192 45.75 6.43 -3.15
CA GLU D 192 45.07 7.48 -3.87
C GLU D 192 45.41 7.33 -5.35
N ILE D 193 44.42 7.48 -6.21
CA ILE D 193 44.67 7.59 -7.65
C ILE D 193 43.99 8.86 -8.17
N ALA D 194 44.82 9.80 -8.64
CA ALA D 194 44.38 11.14 -9.04
C ALA D 194 43.68 11.12 -10.40
N LEU D 195 42.47 10.59 -10.44
CA LEU D 195 41.84 10.25 -11.71
C LEU D 195 40.33 10.49 -11.71
N ASN D 196 39.85 11.17 -12.75
CA ASN D 196 38.41 11.25 -13.07
C ASN D 196 38.18 10.54 -14.41
N ILE D 197 37.08 9.80 -14.55
CA ILE D 197 36.87 8.97 -15.75
C ILE D 197 36.21 9.77 -16.87
N ASN D 198 37.05 10.33 -17.72
CA ASN D 198 36.60 11.19 -18.81
C ASN D 198 36.50 10.45 -20.14
N ASP D 199 37.13 9.27 -20.21
CA ASP D 199 36.89 8.34 -21.31
C ASP D 199 36.87 6.91 -20.76
N TYR D 200 36.18 6.02 -21.46
CA TYR D 200 36.06 4.61 -21.07
C TYR D 200 37.44 4.01 -20.78
N THR D 201 38.37 4.18 -21.72
CA THR D 201 39.76 3.72 -21.60
C THR D 201 40.38 3.92 -20.21
N ASP D 202 39.95 5.01 -19.54
CA ASP D 202 40.45 5.39 -18.22
C ASP D 202 40.30 4.30 -17.17
N LEU D 203 39.23 3.50 -17.28
CA LEU D 203 38.88 2.46 -16.31
C LEU D 203 39.98 1.40 -16.09
N HIS D 204 40.77 1.13 -17.14
CA HIS D 204 41.91 0.21 -17.04
C HIS D 204 42.95 0.65 -15.96
N LYS D 205 42.86 1.92 -15.55
CA LYS D 205 43.77 2.44 -14.53
C LYS D 205 43.21 2.13 -13.14
N VAL D 206 41.86 2.02 -13.06
CA VAL D 206 41.20 1.59 -11.82
C VAL D 206 41.54 0.12 -11.59
N PRO D 207 42.29 -0.17 -10.50
CA PRO D 207 42.78 -1.56 -10.20
C PRO D 207 41.68 -2.59 -9.89
N GLU D 208 42.01 -3.88 -10.07
CA GLU D 208 41.11 -4.96 -9.69
C GLU D 208 40.95 -4.94 -8.17
N ALA D 209 39.75 -5.27 -7.71
CA ALA D 209 39.44 -5.26 -6.29
C ALA D 209 38.37 -6.31 -6.02
N ASP D 210 38.10 -6.60 -4.74
CA ASP D 210 36.93 -7.41 -4.40
C ASP D 210 35.68 -6.69 -4.88
N ILE D 211 35.65 -5.36 -4.73
CA ILE D 211 34.51 -4.58 -5.19
C ILE D 211 34.87 -3.12 -5.52
N TRP D 212 34.11 -2.57 -6.46
CA TRP D 212 34.14 -1.18 -6.82
C TRP D 212 32.90 -0.49 -6.26
N VAL D 213 33.09 0.58 -5.50
CA VAL D 213 31.97 1.43 -5.12
C VAL D 213 31.94 2.60 -6.10
N VAL D 214 30.82 2.78 -6.77
CA VAL D 214 30.73 3.70 -7.90
C VAL D 214 29.78 4.84 -7.54
N SER D 215 30.36 6.00 -7.18
CA SER D 215 29.58 7.11 -6.62
C SER D 215 29.60 8.38 -7.47
N ALA D 216 30.66 8.54 -8.26
CA ALA D 216 30.86 9.68 -9.16
C ALA D 216 29.69 9.89 -10.13
N ASP D 217 29.15 11.13 -10.14
CA ASP D 217 28.08 11.49 -11.07
C ASP D 217 28.60 12.42 -12.16
N HIS D 218 29.82 12.14 -12.61
CA HIS D 218 30.48 12.91 -13.63
C HIS D 218 31.26 11.94 -14.52
N PRO D 219 30.84 11.80 -15.80
CA PRO D 219 29.79 12.53 -16.52
C PRO D 219 28.37 12.02 -16.24
N PHE D 220 27.46 12.29 -17.18
CA PHE D 220 26.07 11.80 -17.11
C PHE D 220 25.77 10.51 -17.90
N ASN D 221 26.76 9.62 -17.92
CA ASN D 221 26.65 8.29 -18.55
C ASN D 221 27.63 7.27 -17.95
N LEU D 222 28.11 7.55 -16.73
CA LEU D 222 29.25 6.82 -16.16
C LEU D 222 28.94 5.36 -15.81
N ILE D 223 27.81 5.11 -15.15
CA ILE D 223 27.47 3.74 -14.76
C ILE D 223 27.47 2.78 -15.96
N ASN D 224 27.09 3.28 -17.13
CA ASN D 224 27.07 2.46 -18.34
C ASN D 224 28.48 2.03 -18.74
N TRP D 225 29.43 2.97 -18.69
CA TRP D 225 30.83 2.65 -18.89
C TRP D 225 31.37 1.66 -17.86
N VAL D 226 31.02 1.88 -16.59
CA VAL D 226 31.53 1.05 -15.50
C VAL D 226 30.97 -0.35 -15.63
N ASN D 227 29.66 -0.43 -15.92
CA ASN D 227 29.00 -1.70 -16.15
C ASN D 227 29.68 -2.55 -17.19
N LYS D 228 29.90 -1.96 -18.38
CA LYS D 228 30.56 -2.64 -19.48
C LYS D 228 31.98 -3.12 -19.09
N TYR D 229 32.78 -2.27 -18.40
CA TYR D 229 34.14 -2.66 -17.96
C TYR D 229 34.10 -3.86 -16.96
N CYS D 230 33.33 -3.75 -15.86
CA CYS D 230 33.28 -4.76 -14.82
C CYS D 230 32.67 -6.09 -15.31
N VAL D 231 31.80 -6.01 -16.28
CA VAL D 231 31.29 -7.22 -16.97
C VAL D 231 32.41 -7.97 -17.70
N ARG D 232 33.07 -7.31 -18.64
CA ARG D 232 34.18 -7.89 -19.40
C ARG D 232 35.36 -8.36 -18.44
N ALA D 233 35.57 -7.58 -17.24
CA ALA D 233 36.76 -7.81 -16.42
C ALA D 233 36.49 -8.80 -15.14
N ASN D 234 35.34 -9.46 -15.19
CA ASN D 234 34.78 -10.17 -14.01
C ASN D 234 34.87 -9.39 -12.69
N GLN D 235 34.58 -8.06 -12.74
CA GLN D 235 34.73 -7.18 -11.54
C GLN D 235 33.41 -6.81 -10.80
N PRO D 236 33.21 -7.32 -9.56
CA PRO D 236 32.05 -6.87 -8.78
C PRO D 236 32.02 -5.35 -8.56
N TYR D 237 30.84 -4.75 -8.74
CA TYR D 237 30.64 -3.37 -8.34
C TYR D 237 29.27 -3.06 -7.71
N ILE D 238 29.20 -1.90 -7.08
CA ILE D 238 27.97 -1.37 -6.55
C ILE D 238 27.77 0.12 -6.88
N ASN D 239 26.55 0.46 -7.32
CA ASN D 239 26.17 1.83 -7.59
C ASN D 239 25.43 2.43 -6.39
N ALA D 240 25.67 3.73 -6.15
CA ALA D 240 24.99 4.52 -5.14
C ALA D 240 25.06 5.98 -5.57
N GLY D 241 23.95 6.67 -5.41
CA GLY D 241 23.88 8.05 -5.82
C GLY D 241 22.61 8.61 -5.21
N TYR D 242 22.10 9.66 -5.86
CA TYR D 242 20.85 10.28 -5.50
C TYR D 242 20.30 10.93 -6.76
N VAL D 243 18.97 10.94 -6.86
CA VAL D 243 18.26 11.79 -7.83
C VAL D 243 17.58 12.86 -6.99
N ASN D 244 18.20 14.03 -6.87
CA ASN D 244 17.67 15.06 -5.97
C ASN D 244 17.35 14.49 -4.58
N ASP D 245 16.09 14.52 -4.13
CA ASP D 245 15.69 14.11 -2.78
C ASP D 245 15.48 12.58 -2.60
N ILE D 246 15.80 11.78 -3.62
CA ILE D 246 15.74 10.33 -3.51
C ILE D 246 17.14 9.72 -3.44
N ALA D 247 17.37 8.94 -2.38
CA ALA D 247 18.65 8.25 -2.17
C ALA D 247 18.63 6.97 -2.99
N VAL D 248 19.72 6.64 -3.69
CA VAL D 248 19.69 5.42 -4.54
C VAL D 248 20.89 4.52 -4.25
N PHE D 249 20.67 3.23 -4.07
CA PHE D 249 21.82 2.35 -4.09
C PHE D 249 21.49 1.02 -4.79
N GLY D 250 22.49 0.37 -5.31
CA GLY D 250 22.25 -0.82 -6.11
C GLY D 250 22.14 -0.48 -7.58
N PRO D 251 22.39 -1.45 -8.45
CA PRO D 251 22.52 -2.84 -8.05
C PRO D 251 23.93 -3.19 -7.58
N LEU D 252 24.03 -4.30 -6.88
CA LEU D 252 25.31 -4.93 -6.62
C LEU D 252 25.53 -5.99 -7.71
N TYR D 253 26.51 -5.75 -8.57
CA TYR D 253 26.78 -6.68 -9.69
C TYR D 253 27.86 -7.69 -9.35
N VAL D 254 27.50 -9.07 -9.64
CA VAL D 254 28.45 -10.09 -9.24
C VAL D 254 28.59 -10.88 -10.48
N PRO D 255 29.79 -10.90 -11.05
CA PRO D 255 30.08 -11.62 -12.31
C PRO D 255 29.39 -13.00 -12.34
N GLY D 256 28.48 -13.16 -13.32
CA GLY D 256 27.81 -14.47 -13.55
C GLY D 256 26.80 -14.90 -12.49
N LYS D 257 26.75 -14.21 -11.35
CA LYS D 257 25.83 -14.56 -10.28
C LYS D 257 24.54 -13.73 -10.29
N THR D 258 24.61 -12.50 -10.78
CA THR D 258 23.45 -11.59 -10.75
C THR D 258 23.20 -11.02 -12.14
N GLY D 259 22.20 -10.15 -12.24
CA GLY D 259 22.01 -9.33 -13.44
C GLY D 259 22.90 -8.09 -13.42
N CYS D 260 22.99 -7.41 -14.57
CA CYS D 260 23.81 -6.22 -14.71
C CYS D 260 22.91 -5.02 -15.03
N TYR D 261 23.48 -3.83 -15.03
CA TYR D 261 22.73 -2.57 -15.20
C TYR D 261 21.88 -2.45 -16.46
N GLU D 262 22.27 -3.16 -17.52
CA GLU D 262 21.57 -3.12 -18.80
C GLU D 262 20.61 -4.30 -19.04
N CYS D 263 20.38 -5.12 -18.03
CA CYS D 263 19.42 -6.22 -18.16
C CYS D 263 17.98 -5.75 -18.31
N GLN D 264 17.56 -4.81 -17.48
CA GLN D 264 16.17 -4.34 -17.50
C GLN D 264 16.06 -2.90 -18.00
N LYS D 275 12.25 15.47 -32.85
CA LYS D 275 12.34 16.94 -33.67
C LYS D 275 13.67 17.57 -33.21
N GLU D 276 14.08 18.62 -33.92
CA GLU D 276 15.42 19.22 -33.75
C GLU D 276 15.47 20.42 -32.77
N ASN D 277 14.48 21.33 -32.91
CA ASN D 277 14.47 22.54 -32.09
C ASN D 277 14.03 22.25 -30.65
N ILE D 278 13.25 21.19 -30.48
CA ILE D 278 12.99 20.66 -29.14
C ILE D 278 14.27 20.07 -28.56
N ASP D 279 15.10 19.48 -29.42
CA ASP D 279 16.28 18.76 -28.97
C ASP D 279 17.42 19.63 -28.43
N HIS D 280 17.70 20.77 -29.06
CA HIS D 280 18.75 21.64 -28.52
C HIS D 280 18.28 22.37 -27.26
N LYS D 281 16.96 22.58 -27.15
CA LYS D 281 16.34 23.13 -25.94
C LYS D 281 16.47 22.20 -24.75
N ILE D 282 16.10 20.93 -24.92
CA ILE D 282 16.35 19.99 -23.83
C ILE D 282 17.83 19.89 -23.50
N LYS D 283 18.69 19.74 -24.50
CA LYS D 283 20.12 19.55 -24.26
C LYS D 283 20.70 20.68 -23.42
N LEU D 284 20.28 21.91 -23.72
CA LEU D 284 20.72 23.07 -22.98
C LEU D 284 20.23 23.08 -21.53
N ILE D 285 18.95 22.81 -21.32
CA ILE D 285 18.41 22.77 -19.97
C ILE D 285 19.16 21.74 -19.14
N ASN D 286 19.27 20.52 -19.67
CA ASN D 286 19.97 19.43 -18.98
C ASN D 286 21.46 19.74 -18.77
N SER D 287 22.05 20.51 -19.68
CA SER D 287 23.44 20.97 -19.50
C SER D 287 23.61 21.88 -18.26
N ARG D 288 22.54 22.53 -17.83
CA ARG D 288 22.57 23.41 -16.67
C ARG D 288 22.25 22.67 -15.36
N PHE D 289 21.90 21.40 -15.44
CA PHE D 289 21.48 20.65 -14.25
C PHE D 289 22.53 20.59 -13.15
N LYS D 290 22.10 20.93 -11.94
CA LYS D 290 22.81 20.65 -10.69
C LYS D 290 21.82 19.97 -9.78
N PRO D 291 22.24 18.89 -9.08
CA PRO D 291 21.30 18.13 -8.27
C PRO D 291 20.95 18.90 -6.98
N ALA D 292 19.72 18.76 -6.51
CA ALA D 292 19.32 19.34 -5.22
C ALA D 292 19.84 18.52 -4.03
N THR D 293 21.16 18.47 -3.86
CA THR D 293 21.79 17.64 -2.80
C THR D 293 21.39 18.04 -1.35
N PHE D 294 21.38 17.04 -0.49
CA PHE D 294 20.85 17.13 0.86
C PHE D 294 21.52 16.02 1.63
N ALA D 295 22.46 16.39 2.48
CA ALA D 295 23.29 15.47 3.23
C ALA D 295 22.52 14.27 3.81
N PRO D 296 21.37 14.51 4.48
CA PRO D 296 20.72 13.33 5.00
C PRO D 296 20.47 12.26 3.93
N VAL D 297 20.00 12.66 2.75
CA VAL D 297 19.85 11.76 1.57
C VAL D 297 21.16 11.13 1.14
N ASN D 298 22.17 11.94 0.89
CA ASN D 298 23.54 11.49 0.68
C ASN D 298 23.94 10.37 1.70
N ASN D 299 23.61 10.58 3.00
CA ASN D 299 24.13 9.69 4.04
C ASN D 299 23.40 8.35 4.07
N VAL D 300 22.10 8.40 3.82
CA VAL D 300 21.28 7.18 3.74
C VAL D 300 21.78 6.25 2.61
N ALA D 301 21.85 6.76 1.39
CA ALA D 301 22.38 6.00 0.25
C ALA D 301 23.76 5.39 0.58
N ALA D 302 24.67 6.22 1.08
CA ALA D 302 26.02 5.77 1.47
C ALA D 302 26.05 4.69 2.58
N ALA D 303 25.19 4.83 3.60
CA ALA D 303 25.19 3.86 4.66
C ALA D 303 24.77 2.48 4.16
N LEU D 304 23.72 2.43 3.35
CA LEU D 304 23.18 1.18 2.91
C LEU D 304 24.11 0.50 1.87
N CYS D 305 24.73 1.32 1.04
CA CYS D 305 25.81 0.86 0.17
C CYS D 305 26.97 0.23 0.98
N ALA D 306 27.47 0.95 2.00
CA ALA D 306 28.51 0.39 2.86
C ALA D 306 28.10 -0.97 3.47
N ALA D 307 26.86 -1.07 3.97
CA ALA D 307 26.33 -2.34 4.49
C ALA D 307 26.40 -3.46 3.47
N ASP D 308 25.97 -3.16 2.25
CA ASP D 308 26.03 -4.18 1.21
C ASP D 308 27.44 -4.59 0.86
N VAL D 309 28.36 -3.63 0.83
CA VAL D 309 29.76 -3.97 0.61
C VAL D 309 30.26 -4.89 1.71
N ILE D 310 29.99 -4.54 2.97
CA ILE D 310 30.41 -5.33 4.11
C ILE D 310 29.81 -6.76 4.06
N LYS D 311 28.54 -6.86 3.72
CA LYS D 311 27.87 -8.15 3.57
C LYS D 311 28.43 -8.96 2.42
N PHE D 312 28.61 -8.32 1.26
CA PHE D 312 29.21 -9.01 0.11
C PHE D 312 30.58 -9.62 0.42
N ILE D 313 31.50 -8.84 0.97
CA ILE D 313 32.83 -9.40 1.27
C ILE D 313 32.87 -10.26 2.54
N GLY D 314 32.01 -9.97 3.50
CA GLY D 314 31.93 -10.75 4.73
C GLY D 314 31.20 -12.08 4.57
N LYS D 315 30.28 -12.15 3.60
CA LYS D 315 29.58 -13.37 3.24
C LYS D 315 28.54 -13.85 4.27
N TYR D 316 28.25 -13.03 5.27
CA TYR D 316 27.43 -13.48 6.40
C TYR D 316 25.94 -13.28 6.22
N SER D 317 25.54 -12.42 5.30
CA SER D 317 24.14 -12.14 5.05
C SER D 317 24.01 -11.71 3.60
N GLU D 318 22.83 -11.85 3.01
CA GLU D 318 22.69 -11.47 1.62
C GLU D 318 22.62 -9.96 1.51
N PRO D 319 23.48 -9.37 0.66
CA PRO D 319 23.32 -7.96 0.37
C PRO D 319 21.96 -7.65 -0.21
N LEU D 320 21.38 -6.53 0.21
CA LEU D 320 20.03 -6.13 -0.18
C LEU D 320 19.87 -5.85 -1.66
N SER D 321 20.89 -5.27 -2.28
CA SER D 321 20.78 -4.78 -3.64
C SER D 321 21.28 -5.76 -4.73
N LEU D 322 21.34 -7.05 -4.40
CA LEU D 322 21.53 -8.07 -5.43
C LEU D 322 20.34 -8.02 -6.34
N ASN D 323 20.59 -7.91 -7.64
CA ASN D 323 19.49 -7.86 -8.62
C ASN D 323 18.53 -6.65 -8.47
N LYS D 324 18.90 -5.65 -7.67
CA LYS D 324 17.98 -4.54 -7.33
C LYS D 324 18.62 -3.15 -7.33
N ARG D 325 17.86 -2.16 -7.80
CA ARG D 325 18.22 -0.76 -7.65
C ARG D 325 17.22 -0.19 -6.66
N ILE D 326 17.70 0.22 -5.49
CA ILE D 326 16.80 0.57 -4.39
C ILE D 326 16.73 2.09 -4.14
N GLY D 327 15.53 2.66 -4.17
CA GLY D 327 15.36 4.06 -3.81
C GLY D 327 14.79 4.24 -2.40
N ILE D 328 15.30 5.25 -1.68
CA ILE D 328 14.71 5.68 -0.39
C ILE D 328 14.35 7.15 -0.55
N TRP D 329 13.08 7.46 -0.34
CA TRP D 329 12.56 8.79 -0.45
C TRP D 329 12.82 9.52 0.87
N SER D 330 12.84 10.84 0.82
CA SER D 330 13.06 11.64 2.03
C SER D 330 11.91 12.57 2.30
N ASP D 331 11.11 12.89 1.28
CA ASP D 331 9.90 13.70 1.50
C ASP D 331 8.68 12.85 1.86
N GLU D 332 8.83 11.53 1.83
CA GLU D 332 7.78 10.59 2.27
C GLU D 332 8.42 9.32 2.79
N ILE D 333 7.66 8.51 3.52
CA ILE D 333 8.18 7.26 4.06
C ILE D 333 8.08 6.21 2.95
N LYS D 334 9.20 5.90 2.29
CA LYS D 334 9.15 5.01 1.12
C LYS D 334 10.48 4.43 0.70
N ILE D 335 10.54 3.10 0.65
CA ILE D 335 11.57 2.38 -0.09
C ILE D 335 10.91 1.68 -1.27
N HIS D 336 11.60 1.65 -2.42
CA HIS D 336 11.15 0.95 -3.60
C HIS D 336 12.33 0.34 -4.30
N SER D 337 12.20 -0.92 -4.72
CA SER D 337 13.23 -1.52 -5.53
C SER D 337 12.78 -1.77 -6.96
N GLN D 338 13.66 -1.41 -7.90
CA GLN D 338 13.45 -1.74 -9.29
C GLN D 338 14.12 -3.06 -9.58
N ASN D 339 13.38 -3.92 -10.26
CA ASN D 339 13.88 -5.19 -10.75
C ASN D 339 15.07 -4.98 -11.68
N MET D 340 16.20 -5.63 -11.36
CA MET D 340 17.35 -5.69 -12.29
C MET D 340 17.95 -7.10 -12.35
N GLY D 341 17.08 -8.12 -12.35
CA GLY D 341 17.55 -9.51 -12.44
C GLY D 341 18.02 -9.78 -13.84
N ARG D 342 18.83 -10.84 -13.97
CA ARG D 342 19.52 -11.16 -15.22
C ARG D 342 18.57 -11.35 -16.40
N SER D 343 18.95 -10.76 -17.54
CA SER D 343 18.21 -10.89 -18.79
C SER D 343 18.96 -11.86 -19.70
N PRO D 344 18.27 -12.94 -20.13
CA PRO D 344 18.79 -13.84 -21.15
C PRO D 344 19.23 -13.10 -22.43
N VAL D 345 18.46 -12.01 -22.81
CA VAL D 345 18.71 -11.30 -24.07
C VAL D 345 19.35 -9.88 -23.92
N CYS D 346 19.84 -9.56 -22.72
CA CYS D 346 20.55 -8.29 -22.51
C CYS D 346 21.71 -8.15 -23.50
N SER D 347 21.91 -6.93 -23.98
CA SER D 347 23.02 -6.61 -24.89
C SER D 347 24.37 -6.91 -24.25
N VAL D 348 24.55 -6.46 -23.02
CA VAL D 348 25.86 -6.41 -22.36
C VAL D 348 26.39 -7.78 -21.85
N CYS D 349 25.64 -8.46 -20.95
CA CYS D 349 26.09 -9.80 -20.53
C CYS D 349 25.17 -10.89 -21.10
N GLY D 350 25.81 -12.05 -21.50
CA GLY D 350 25.05 -13.17 -22.07
C GLY D 350 24.49 -12.88 -23.47
N MET E 1 -30.79 0.92 -17.97
CA MET E 1 -31.40 -0.43 -18.15
C MET E 1 -32.15 -0.58 -19.47
N ARG E 2 -32.90 0.44 -19.86
CA ARG E 2 -33.72 0.39 -21.07
C ARG E 2 -32.90 0.30 -22.36
N THR E 3 -31.61 0.64 -22.27
CA THR E 3 -30.67 0.43 -23.38
C THR E 3 -29.81 -0.80 -23.09
N GLY E 4 -29.20 -1.36 -24.15
CA GLY E 4 -28.35 -2.55 -24.02
C GLY E 4 -27.08 -2.30 -23.22
N ASN E 5 -26.48 -3.39 -22.74
CA ASN E 5 -25.24 -3.33 -21.95
C ASN E 5 -24.05 -2.88 -22.76
N ALA E 6 -23.21 -2.06 -22.11
CA ALA E 6 -21.86 -1.90 -22.55
C ALA E 6 -21.11 -3.10 -22.00
N1 SNN E 7 -20.58 -6.48 -20.81
C SNN E 7 -21.12 -6.17 -21.98
CA SNN E 7 -20.19 -5.30 -22.78
N SNN E 7 -20.71 -3.91 -23.00
C4 SNN E 7 -18.93 -5.24 -21.93
C5 SNN E 7 -19.35 -5.97 -20.69
O SNN E 7 -22.22 -6.52 -22.37
O5 SNN E 7 -18.63 -6.07 -19.71
N MET F 1 -29.12 -9.53 7.91
CA MET F 1 -29.57 -8.15 8.18
C MET F 1 -29.79 -7.87 9.67
N ARG F 2 -30.87 -8.38 10.24
CA ARG F 2 -31.22 -8.13 11.65
C ARG F 2 -30.15 -8.59 12.66
N THR F 3 -29.24 -9.45 12.21
CA THR F 3 -28.10 -9.87 13.01
C THR F 3 -26.82 -9.14 12.60
N GLY F 4 -25.76 -9.11 13.43
CA GLY F 4 -24.51 -8.42 13.09
C GLY F 4 -23.73 -9.09 11.97
N ASN F 5 -22.83 -8.32 11.36
CA ASN F 5 -21.99 -8.80 10.25
C ASN F 5 -20.99 -9.86 10.71
N ALA F 6 -20.81 -10.86 9.82
CA ALA F 6 -19.63 -11.66 9.87
C ALA F 6 -18.59 -10.84 9.14
N1 SNN F 7 -16.80 -7.94 7.94
C SNN F 7 -17.13 -8.15 9.21
CA SNN F 7 -16.56 -9.44 9.71
N SNN F 7 -17.61 -10.46 10.02
C4 SNN F 7 -15.70 -9.93 8.53
C5 SNN F 7 -16.02 -8.92 7.48
O SNN F 7 -17.81 -7.40 9.90
O5 SNN F 7 -15.60 -9.01 6.33
N MET G 1 11.19 -3.50 16.65
CA MET G 1 11.13 -2.03 16.44
C MET G 1 11.00 -1.27 17.76
N MET H 1 12.81 8.17 -9.18
CA MET H 1 14.17 7.66 -9.53
C MET H 1 14.51 7.90 -11.00
ZN ZN I . -37.14 -15.33 -27.95
ZN ZN J . -24.86 6.40 18.49
S SO4 K . -31.10 -29.28 30.29
O1 SO4 K . -32.18 -28.28 30.19
O2 SO4 K . -31.01 -30.01 29.02
O3 SO4 K . -29.88 -28.52 30.56
O4 SO4 K . -31.41 -30.26 31.33
ZN ZN L . 0.26 11.94 24.81
S SO4 M . 11.95 28.86 -31.28
O1 SO4 M . 11.03 30.01 -31.35
O2 SO4 M . 11.23 27.64 -30.98
O3 SO4 M . 12.64 28.68 -32.55
O4 SO4 M . 12.93 29.12 -30.22
ZN ZN N . 23.20 -7.76 -18.33
#